data_1TP7
#
_entry.id   1TP7
#
_cell.length_a   59.428
_cell.length_b   118.890
_cell.length_c   183.107
_cell.angle_alpha   90.0
_cell.angle_beta   96.06
_cell.angle_gamma   90.0
#
_symmetry.space_group_name_H-M   'P 1 21 1'
#
loop_
_entity.id
_entity.type
_entity.pdbx_description
1 polymer 'Genome polyprotein'
2 non-polymer 'SULFATE ION'
3 non-polymer 3-[BENZYL(DIMETHYL)AMMONIO]PROPANE-1-SULFONATE
4 water water
#
_entity_poly.entity_id   1
_entity_poly.type   'polypeptide(L)'
_entity_poly.pdbx_seq_one_letter_code
;GQIQISKHVKDVGLPSIHTPTKTKLQPSVFYDIFPGSKEPAVLTEKDPRLKVDFDSALFSKYKGNTECSLNEHIQVAVAH
YSAQLATLDIDPQPIA(MSE)EDSVFG(MSE)DGLEALDLNTSAGYPYVTLGIKKKDLINNKTKDISKLKLALDKYDVDL
P(MSE)ITFLKDELRKKDKIAAGKTRVIEASSINDTILFRTVYGNLFSKFHLNPGVVTGCAVGCDPETFWSKIPL(MSE)
LDGDCI(MSE)AFDYTNYDGSIHPIWFKALG(MSE)VLDNLSFNPTLINRLCNSKHIFKSTYYEVEGGVPSGCSGTSIFN
S(MSE)INNIIIRTLVLDAYKHIDLDKLKIIAYGDDVIFSYKYKLD(MSE)EAIAKEGQKYGLTITPADKSSEFKELDYG
NVTFLKRGFRQDDKYKFLIHPTFPVEEIYESIRWTKKPSQ(MSE)QEHVLSLCHL(MSE)WHNGPEIYKDFETKIRSVSA
GRALYIPPYELLRHEWYEKF
;
_entity_poly.pdbx_strand_id   A,B,C,D
#
loop_
_chem_comp.id
_chem_comp.type
_chem_comp.name
_chem_comp.formula
DMX non-polymer 3-[BENZYL(DIMETHYL)AMMONIO]PROPANE-1-SULFONATE 'C12 H19 N O3 S'
SO4 non-polymer 'SULFATE ION' 'O4 S -2'
#
# COMPACT_ATOMS: atom_id res chain seq x y z
N GLY A 1 -43.36 -9.00 6.48
CA GLY A 1 -44.72 -8.82 5.91
C GLY A 1 -45.37 -7.54 6.40
N GLN A 2 -45.60 -6.60 5.48
CA GLN A 2 -46.20 -5.33 5.84
C GLN A 2 -47.43 -5.07 4.98
N ILE A 3 -48.61 -5.06 5.60
CA ILE A 3 -49.81 -4.79 4.83
C ILE A 3 -49.84 -3.33 4.36
N GLN A 4 -49.75 -3.12 3.05
CA GLN A 4 -49.76 -1.80 2.46
C GLN A 4 -51.16 -1.23 2.37
N ILE A 5 -52.04 -1.88 1.61
CA ILE A 5 -53.40 -1.39 1.50
C ILE A 5 -54.39 -2.50 1.85
N SER A 6 -55.50 -2.10 2.45
CA SER A 6 -56.54 -3.03 2.86
C SER A 6 -57.88 -2.35 2.63
N LYS A 7 -58.77 -2.98 1.87
CA LYS A 7 -60.06 -2.37 1.61
C LYS A 7 -61.14 -3.36 1.17
N HIS A 8 -62.40 -2.94 1.26
CA HIS A 8 -63.52 -3.79 0.89
C HIS A 8 -63.44 -4.21 -0.57
N VAL A 9 -63.81 -5.44 -0.85
CA VAL A 9 -63.80 -5.95 -2.20
C VAL A 9 -64.78 -5.18 -3.08
N LYS A 10 -65.83 -4.62 -2.47
CA LYS A 10 -66.83 -3.87 -3.22
C LYS A 10 -66.23 -2.56 -3.72
N ASP A 11 -65.38 -1.93 -2.91
CA ASP A 11 -64.76 -0.68 -3.31
C ASP A 11 -63.63 -0.89 -4.30
N VAL A 12 -63.39 -2.14 -4.69
CA VAL A 12 -62.32 -2.41 -5.64
C VAL A 12 -62.88 -3.13 -6.88
N GLY A 13 -64.10 -3.61 -6.78
CA GLY A 13 -64.69 -4.31 -7.90
C GLY A 13 -64.42 -5.80 -7.88
N LEU A 14 -64.21 -6.34 -6.68
CA LEU A 14 -63.96 -7.77 -6.51
C LEU A 14 -65.06 -8.46 -5.73
N PRO A 15 -65.24 -9.77 -6.00
CA PRO A 15 -66.27 -10.56 -5.32
C PRO A 15 -65.84 -10.93 -3.92
N SER A 16 -66.78 -11.43 -3.13
CA SER A 16 -66.44 -11.86 -1.80
C SER A 16 -66.19 -13.36 -1.88
N ILE A 17 -65.03 -13.81 -1.42
CA ILE A 17 -64.73 -15.22 -1.49
C ILE A 17 -65.30 -15.94 -0.28
N HIS A 18 -65.99 -17.04 -0.51
CA HIS A 18 -66.55 -17.81 0.58
C HIS A 18 -65.60 -18.93 0.96
N THR A 19 -65.28 -19.02 2.24
CA THR A 19 -64.37 -20.05 2.71
C THR A 19 -65.03 -20.92 3.77
N PRO A 20 -64.69 -22.22 3.79
CA PRO A 20 -65.22 -23.19 4.74
C PRO A 20 -65.10 -22.68 6.17
N THR A 21 -66.22 -22.68 6.89
CA THR A 21 -66.24 -22.20 8.27
C THR A 21 -66.15 -23.33 9.28
N LYS A 22 -66.37 -24.55 8.82
CA LYS A 22 -66.29 -25.67 9.74
C LYS A 22 -65.41 -26.81 9.24
N THR A 23 -64.68 -27.42 10.15
CA THR A 23 -63.75 -28.51 9.80
C THR A 23 -64.42 -29.74 9.24
N LYS A 24 -63.69 -30.46 8.40
CA LYS A 24 -64.21 -31.69 7.82
C LYS A 24 -63.64 -32.87 8.59
N LEU A 25 -62.73 -32.57 9.52
CA LEU A 25 -62.11 -33.58 10.34
C LEU A 25 -63.11 -34.06 11.41
N GLN A 26 -63.16 -35.37 11.61
CA GLN A 26 -64.07 -35.95 12.59
C GLN A 26 -63.35 -37.14 13.22
N PRO A 27 -63.72 -37.50 14.46
CA PRO A 27 -63.11 -38.63 15.16
C PRO A 27 -63.22 -39.95 14.38
N SER A 28 -62.11 -40.67 14.27
CA SER A 28 -62.14 -41.94 13.57
C SER A 28 -62.38 -43.05 14.60
N VAL A 29 -62.62 -44.26 14.13
CA VAL A 29 -62.86 -45.40 14.97
C VAL A 29 -61.64 -45.74 15.84
N PHE A 30 -60.52 -45.06 15.63
CA PHE A 30 -59.31 -45.32 16.42
C PHE A 30 -59.08 -44.27 17.50
N TYR A 31 -59.95 -43.26 17.53
CA TYR A 31 -59.87 -42.16 18.50
C TYR A 31 -59.60 -42.63 19.94
N ASP A 32 -60.28 -43.66 20.41
CA ASP A 32 -60.04 -44.13 21.77
C ASP A 32 -58.90 -45.13 21.92
N ILE A 33 -58.48 -45.72 20.81
CA ILE A 33 -57.42 -46.73 20.76
C ILE A 33 -56.02 -46.12 20.95
N PHE A 34 -55.82 -44.91 20.44
CA PHE A 34 -54.52 -44.25 20.57
C PHE A 34 -54.65 -42.94 21.35
N PRO A 35 -53.55 -42.46 21.96
CA PRO A 35 -53.50 -41.23 22.74
C PRO A 35 -53.27 -40.04 21.83
N GLY A 36 -53.86 -38.92 22.20
CA GLY A 36 -53.71 -37.69 21.43
C GLY A 36 -54.35 -36.48 22.06
N SER A 37 -53.81 -35.30 21.75
CA SER A 37 -54.30 -34.04 22.30
C SER A 37 -54.79 -33.11 21.20
N LYS A 38 -54.12 -33.15 20.05
CA LYS A 38 -54.46 -32.32 18.92
C LYS A 38 -55.92 -32.39 18.51
N GLU A 39 -56.42 -31.32 17.91
CA GLU A 39 -57.79 -31.28 17.43
C GLU A 39 -57.91 -30.29 16.27
N PRO A 40 -59.07 -30.28 15.58
CA PRO A 40 -59.23 -29.35 14.45
C PRO A 40 -58.87 -27.90 14.74
N ALA A 41 -58.20 -27.24 13.79
CA ALA A 41 -57.83 -25.84 13.98
C ALA A 41 -59.06 -24.95 13.93
N VAL A 42 -58.97 -23.80 14.60
CA VAL A 42 -60.06 -22.83 14.62
C VAL A 42 -60.28 -22.30 13.20
N LEU A 43 -61.52 -22.35 12.73
CA LEU A 43 -61.85 -21.87 11.39
C LEU A 43 -62.86 -20.73 11.40
N THR A 44 -63.26 -20.31 12.59
CA THR A 44 -64.24 -19.24 12.72
C THR A 44 -64.07 -18.39 13.96
N GLU A 45 -64.46 -17.12 13.85
CA GLU A 45 -64.38 -16.17 14.95
C GLU A 45 -65.14 -16.66 16.17
N LYS A 46 -66.18 -17.45 15.90
CA LYS A 46 -67.07 -17.99 16.93
C LYS A 46 -66.78 -19.43 17.35
N ASP A 47 -65.62 -19.65 17.96
CA ASP A 47 -65.27 -20.99 18.41
C ASP A 47 -64.97 -20.91 19.90
N PRO A 48 -65.87 -21.46 20.72
CA PRO A 48 -65.78 -21.50 22.18
C PRO A 48 -64.43 -21.90 22.74
N ARG A 49 -63.63 -22.57 21.91
CA ARG A 49 -62.30 -23.01 22.34
C ARG A 49 -61.32 -21.84 22.28
N LEU A 50 -61.80 -20.71 21.80
CA LEU A 50 -60.99 -19.50 21.66
C LEU A 50 -60.80 -18.72 22.96
N LYS A 51 -59.81 -17.84 22.95
CA LYS A 51 -59.50 -17.00 24.10
C LYS A 51 -59.31 -15.57 23.58
N VAL A 52 -58.41 -15.42 22.62
CA VAL A 52 -58.13 -14.13 22.01
C VAL A 52 -58.97 -13.98 20.76
N ASP A 53 -59.08 -12.76 20.23
CA ASP A 53 -59.87 -12.53 19.02
C ASP A 53 -59.21 -13.23 17.84
N PHE A 54 -60.03 -13.81 16.97
CA PHE A 54 -59.54 -14.54 15.82
C PHE A 54 -58.83 -13.63 14.82
N ASP A 55 -59.57 -12.74 14.17
CA ASP A 55 -58.97 -11.83 13.19
C ASP A 55 -57.70 -11.17 13.70
N SER A 56 -57.64 -10.93 15.01
CA SER A 56 -56.49 -10.30 15.64
C SER A 56 -55.21 -11.13 15.48
N ALA A 57 -55.22 -12.33 16.07
CA ALA A 57 -54.07 -13.22 16.02
C ALA A 57 -53.82 -13.71 14.60
N LEU A 58 -54.89 -13.84 13.83
CA LEU A 58 -54.77 -14.32 12.46
C LEU A 58 -53.87 -13.39 11.67
N PHE A 59 -54.13 -12.09 11.74
CA PHE A 59 -53.33 -11.11 11.01
C PHE A 59 -52.24 -10.48 11.88
N SER A 60 -51.55 -11.30 12.66
CA SER A 60 -50.50 -10.80 13.53
C SER A 60 -49.13 -11.14 12.94
N LYS A 61 -49.12 -12.04 11.96
CA LYS A 61 -47.89 -12.47 11.30
C LYS A 61 -47.18 -11.29 10.65
N TYR A 62 -47.97 -10.28 10.28
CA TYR A 62 -47.40 -9.11 9.63
C TYR A 62 -46.89 -8.07 10.61
N LYS A 63 -45.65 -8.28 11.07
CA LYS A 63 -45.03 -7.37 12.01
C LYS A 63 -44.54 -6.14 11.25
N GLY A 64 -44.32 -6.32 9.95
CA GLY A 64 -43.83 -5.23 9.14
C GLY A 64 -42.43 -5.64 8.74
N ASN A 65 -41.71 -4.75 8.06
CA ASN A 65 -40.36 -5.07 7.63
C ASN A 65 -39.35 -4.26 8.42
N THR A 66 -38.20 -4.87 8.68
CA THR A 66 -37.13 -4.20 9.43
C THR A 66 -36.26 -3.43 8.46
N GLU A 67 -35.84 -2.24 8.87
CA GLU A 67 -35.00 -1.44 8.01
C GLU A 67 -33.65 -2.10 7.76
N CYS A 68 -33.36 -2.39 6.50
CA CYS A 68 -32.09 -2.96 6.11
C CYS A 68 -31.99 -3.01 4.60
N SER A 69 -30.77 -2.89 4.09
CA SER A 69 -30.51 -2.92 2.66
C SER A 69 -29.49 -4.02 2.33
N LEU A 70 -29.06 -4.08 1.07
CA LEU A 70 -28.09 -5.07 0.65
C LEU A 70 -26.68 -4.70 1.09
N ASN A 71 -25.96 -5.66 1.62
CA ASN A 71 -24.59 -5.43 2.06
C ASN A 71 -23.67 -6.32 1.24
N GLU A 72 -22.35 -6.15 1.41
CA GLU A 72 -21.37 -6.94 0.66
C GLU A 72 -21.52 -8.44 0.91
N HIS A 73 -21.83 -8.81 2.15
CA HIS A 73 -21.99 -10.24 2.46
C HIS A 73 -23.10 -10.89 1.63
N ILE A 74 -24.25 -10.23 1.54
CA ILE A 74 -25.35 -10.76 0.75
C ILE A 74 -24.87 -10.87 -0.70
N GLN A 75 -24.16 -9.86 -1.18
CA GLN A 75 -23.65 -9.89 -2.55
C GLN A 75 -22.72 -11.08 -2.74
N VAL A 76 -21.91 -11.37 -1.72
CA VAL A 76 -21.00 -12.49 -1.79
C VAL A 76 -21.82 -13.80 -1.77
N ALA A 77 -22.82 -13.86 -0.90
CA ALA A 77 -23.68 -15.04 -0.81
C ALA A 77 -24.31 -15.35 -2.17
N VAL A 78 -24.86 -14.32 -2.80
CA VAL A 78 -25.52 -14.46 -4.09
C VAL A 78 -24.53 -14.92 -5.14
N ALA A 79 -23.31 -14.38 -5.07
CA ALA A 79 -22.26 -14.72 -6.02
C ALA A 79 -21.88 -16.20 -5.95
N HIS A 80 -21.54 -16.64 -4.75
CA HIS A 80 -21.14 -18.03 -4.55
C HIS A 80 -22.23 -19.02 -4.92
N TYR A 81 -23.44 -18.80 -4.39
CA TYR A 81 -24.52 -19.71 -4.70
C TYR A 81 -24.81 -19.75 -6.20
N SER A 82 -24.73 -18.59 -6.87
CA SER A 82 -24.97 -18.55 -8.32
C SER A 82 -23.98 -19.47 -9.04
N ALA A 83 -22.70 -19.31 -8.69
CA ALA A 83 -21.60 -20.09 -9.26
C ALA A 83 -21.83 -21.59 -9.04
N GLN A 84 -22.44 -21.91 -7.90
CA GLN A 84 -22.75 -23.28 -7.58
C GLN A 84 -23.80 -23.80 -8.58
N LEU A 85 -24.89 -23.03 -8.75
CA LEU A 85 -25.98 -23.39 -9.67
C LEU A 85 -25.54 -23.39 -11.15
N ALA A 86 -24.59 -22.54 -11.48
CA ALA A 86 -24.07 -22.47 -12.85
C ALA A 86 -23.50 -23.82 -13.30
N THR A 87 -23.09 -24.67 -12.34
CA THR A 87 -22.53 -25.97 -12.75
C THR A 87 -23.55 -26.98 -13.24
N LEU A 88 -24.83 -26.68 -13.02
CA LEU A 88 -25.92 -27.57 -13.43
C LEU A 88 -26.39 -27.30 -14.89
N ASP A 89 -25.86 -26.23 -15.48
CA ASP A 89 -26.21 -25.88 -16.86
C ASP A 89 -27.72 -25.92 -17.09
N ILE A 90 -28.43 -24.99 -16.46
CA ILE A 90 -29.88 -24.94 -16.59
C ILE A 90 -30.32 -24.12 -17.80
N ASP A 91 -31.19 -24.70 -18.63
CA ASP A 91 -31.70 -24.03 -19.81
C ASP A 91 -32.63 -22.88 -19.41
N PRO A 92 -32.28 -21.63 -19.75
CA PRO A 92 -33.07 -20.42 -19.43
C PRO A 92 -34.39 -20.24 -20.18
N GLN A 93 -34.52 -20.89 -21.34
CA GLN A 93 -35.72 -20.79 -22.15
C GLN A 93 -36.93 -21.41 -21.48
N PRO A 94 -38.13 -20.87 -21.79
CA PRO A 94 -39.43 -21.31 -21.27
C PRO A 94 -39.79 -22.70 -21.75
N ILE A 95 -40.79 -23.30 -21.12
CA ILE A 95 -41.21 -24.63 -21.53
C ILE A 95 -42.57 -24.54 -22.16
N ALA A 96 -42.85 -25.46 -23.08
CA ALA A 96 -44.12 -25.50 -23.76
C ALA A 96 -45.21 -25.62 -22.72
N MSE A 97 -46.35 -24.99 -22.98
CA MSE A 97 -47.44 -25.06 -22.01
C MSE A 97 -47.93 -26.48 -21.77
O MSE A 97 -48.47 -26.78 -20.71
CB MSE A 97 -48.60 -24.20 -22.49
CG MSE A 97 -49.64 -23.98 -21.43
SE MSE A 97 -50.92 -22.76 -22.07
CE MSE A 97 -52.39 -23.97 -22.24
N GLU A 98 -47.75 -27.34 -22.76
CA GLU A 98 -48.16 -28.73 -22.65
C GLU A 98 -47.35 -29.37 -21.52
N ASP A 99 -46.12 -28.93 -21.33
CA ASP A 99 -45.29 -29.48 -20.28
C ASP A 99 -45.66 -28.90 -18.91
N SER A 100 -46.06 -27.63 -18.91
CA SER A 100 -46.44 -26.96 -17.67
C SER A 100 -47.67 -27.61 -17.07
N VAL A 101 -48.55 -28.11 -17.93
CA VAL A 101 -49.79 -28.72 -17.49
C VAL A 101 -49.71 -30.22 -17.23
N PHE A 102 -49.13 -30.96 -18.16
CA PHE A 102 -49.06 -32.40 -18.00
C PHE A 102 -47.69 -32.87 -17.52
N GLY A 103 -46.80 -31.90 -17.31
CA GLY A 103 -45.48 -32.21 -16.82
C GLY A 103 -44.45 -32.74 -17.80
N MSE A 104 -43.21 -32.83 -17.31
CA MSE A 104 -42.07 -33.33 -18.07
C MSE A 104 -41.07 -33.96 -17.11
O MSE A 104 -41.34 -34.10 -15.91
CB MSE A 104 -41.39 -32.19 -18.83
CG MSE A 104 -40.95 -31.07 -17.92
SE MSE A 104 -40.00 -29.68 -18.86
CE MSE A 104 -38.22 -30.02 -18.14
N ASP A 105 -39.91 -34.33 -17.61
CA ASP A 105 -38.90 -34.94 -16.75
C ASP A 105 -38.52 -33.97 -15.62
N GLY A 106 -38.75 -34.40 -14.39
CA GLY A 106 -38.43 -33.55 -13.25
C GLY A 106 -39.54 -32.62 -12.81
N LEU A 107 -40.60 -32.55 -13.61
CA LEU A 107 -41.69 -31.67 -13.28
C LEU A 107 -43.00 -32.44 -13.27
N GLU A 108 -43.58 -32.63 -12.08
CA GLU A 108 -44.83 -33.36 -11.95
C GLU A 108 -45.95 -32.61 -12.64
N ALA A 109 -46.92 -33.37 -13.11
CA ALA A 109 -48.08 -32.78 -13.78
C ALA A 109 -48.86 -31.94 -12.76
N LEU A 110 -49.60 -30.96 -13.24
CA LEU A 110 -50.39 -30.11 -12.37
C LEU A 110 -51.46 -30.90 -11.61
N ASP A 111 -51.68 -30.55 -10.35
CA ASP A 111 -52.69 -31.22 -9.53
C ASP A 111 -54.04 -30.75 -10.04
N LEU A 112 -54.90 -31.67 -10.44
CA LEU A 112 -56.21 -31.30 -10.94
C LEU A 112 -57.30 -31.43 -9.91
N ASN A 113 -56.92 -31.48 -8.63
CA ASN A 113 -57.90 -31.59 -7.55
C ASN A 113 -58.03 -30.30 -6.77
N THR A 114 -56.91 -29.63 -6.55
CA THR A 114 -56.88 -28.38 -5.82
C THR A 114 -57.63 -27.34 -6.62
N SER A 115 -58.05 -26.27 -5.96
CA SER A 115 -58.81 -25.23 -6.66
C SER A 115 -58.02 -24.49 -7.72
N ALA A 116 -58.76 -23.97 -8.69
CA ALA A 116 -58.19 -23.21 -9.77
C ALA A 116 -57.90 -21.78 -9.30
N GLY A 117 -58.37 -21.42 -8.12
CA GLY A 117 -58.12 -20.07 -7.61
C GLY A 117 -59.03 -19.00 -8.23
N TYR A 118 -58.64 -17.74 -8.11
CA TYR A 118 -59.42 -16.62 -8.66
C TYR A 118 -59.24 -16.53 -10.17
N PRO A 119 -60.35 -16.29 -10.91
CA PRO A 119 -61.69 -16.11 -10.35
C PRO A 119 -62.55 -17.35 -10.51
N TYR A 120 -61.96 -18.43 -10.97
CA TYR A 120 -62.71 -19.66 -11.19
C TYR A 120 -63.47 -20.16 -9.97
N VAL A 121 -62.90 -19.97 -8.78
CA VAL A 121 -63.54 -20.40 -7.56
C VAL A 121 -64.86 -19.66 -7.32
N THR A 122 -65.02 -18.50 -7.94
CA THR A 122 -66.23 -17.71 -7.80
C THR A 122 -67.19 -17.93 -8.98
N LEU A 123 -66.78 -18.73 -9.95
CA LEU A 123 -67.60 -19.00 -11.14
C LEU A 123 -68.01 -20.47 -11.21
N GLY A 124 -67.70 -21.22 -10.17
CA GLY A 124 -68.02 -22.63 -10.15
C GLY A 124 -67.18 -23.47 -11.09
N ILE A 125 -66.12 -22.85 -11.62
CA ILE A 125 -65.22 -23.53 -12.56
C ILE A 125 -64.02 -24.17 -11.85
N LYS A 126 -63.82 -25.47 -12.04
CA LYS A 126 -62.71 -26.20 -11.43
C LYS A 126 -61.64 -26.50 -12.49
N LYS A 127 -60.46 -26.93 -12.05
CA LYS A 127 -59.39 -27.26 -12.99
C LYS A 127 -59.77 -28.28 -14.05
N LYS A 128 -60.52 -29.31 -13.67
CA LYS A 128 -60.93 -30.32 -14.63
C LYS A 128 -61.91 -29.77 -15.65
N ASP A 129 -62.27 -28.51 -15.52
CA ASP A 129 -63.19 -27.88 -16.46
C ASP A 129 -62.38 -27.15 -17.51
N LEU A 130 -61.08 -27.01 -17.26
CA LEU A 130 -60.21 -26.33 -18.19
C LEU A 130 -59.25 -27.34 -18.82
N ILE A 131 -58.90 -28.36 -18.05
CA ILE A 131 -57.98 -29.40 -18.47
C ILE A 131 -58.64 -30.80 -18.52
N ASN A 132 -58.48 -31.48 -19.65
CA ASN A 132 -59.05 -32.81 -19.85
C ASN A 132 -57.88 -33.79 -19.96
N ASN A 133 -57.30 -34.17 -18.82
CA ASN A 133 -56.17 -35.07 -18.81
C ASN A 133 -56.46 -36.38 -19.55
N LYS A 134 -57.74 -36.68 -19.73
CA LYS A 134 -58.17 -37.88 -20.43
C LYS A 134 -57.73 -37.80 -21.89
N THR A 135 -58.06 -36.69 -22.54
CA THR A 135 -57.70 -36.49 -23.94
C THR A 135 -56.64 -35.41 -24.07
N LYS A 136 -55.97 -35.11 -22.95
CA LYS A 136 -54.93 -34.09 -22.90
C LYS A 136 -55.35 -32.78 -23.57
N ASP A 137 -56.63 -32.46 -23.49
CA ASP A 137 -57.16 -31.24 -24.09
C ASP A 137 -57.02 -30.04 -23.16
N ILE A 138 -56.54 -28.93 -23.70
CA ILE A 138 -56.37 -27.72 -22.88
C ILE A 138 -56.84 -26.47 -23.60
N SER A 139 -57.67 -26.65 -24.61
CA SER A 139 -58.18 -25.50 -25.36
C SER A 139 -58.92 -24.54 -24.44
N LYS A 140 -59.79 -25.08 -23.59
CA LYS A 140 -60.54 -24.22 -22.68
C LYS A 140 -59.61 -23.49 -21.71
N LEU A 141 -58.48 -24.12 -21.39
CA LEU A 141 -57.51 -23.51 -20.49
C LEU A 141 -56.91 -22.28 -21.14
N LYS A 142 -56.51 -22.39 -22.42
CA LYS A 142 -55.90 -21.27 -23.14
C LYS A 142 -56.83 -20.06 -23.19
N LEU A 143 -58.11 -20.30 -23.42
CA LEU A 143 -59.11 -19.24 -23.48
C LEU A 143 -59.15 -18.51 -22.15
N ALA A 144 -59.23 -19.29 -21.07
CA ALA A 144 -59.27 -18.73 -19.72
C ALA A 144 -58.05 -17.85 -19.49
N LEU A 145 -56.90 -18.35 -19.92
CA LEU A 145 -55.64 -17.62 -19.77
C LEU A 145 -55.72 -16.24 -20.40
N ASP A 146 -56.15 -16.17 -21.66
CA ASP A 146 -56.26 -14.90 -22.33
C ASP A 146 -57.42 -14.07 -21.80
N LYS A 147 -58.45 -14.73 -21.30
CA LYS A 147 -59.60 -14.00 -20.79
C LYS A 147 -59.30 -13.21 -19.50
N TYR A 148 -58.74 -13.86 -18.50
CA TYR A 148 -58.44 -13.19 -17.23
C TYR A 148 -56.99 -12.77 -17.05
N ASP A 149 -56.14 -13.14 -18.01
CA ASP A 149 -54.73 -12.79 -17.98
C ASP A 149 -54.02 -13.31 -16.74
N VAL A 150 -53.02 -12.56 -16.28
CA VAL A 150 -52.23 -12.98 -15.14
C VAL A 150 -52.13 -11.93 -14.05
N ASP A 151 -51.29 -12.21 -13.06
CA ASP A 151 -51.09 -11.35 -11.89
C ASP A 151 -52.42 -11.13 -11.16
N LEU A 152 -53.18 -12.22 -11.01
CA LEU A 152 -54.46 -12.22 -10.32
C LEU A 152 -54.22 -12.32 -8.84
N PRO A 153 -55.17 -11.86 -8.03
CA PRO A 153 -55.00 -11.93 -6.57
C PRO A 153 -55.02 -13.37 -6.05
N MSE A 154 -54.40 -13.58 -4.89
CA MSE A 154 -54.39 -14.89 -4.28
C MSE A 154 -55.57 -15.03 -3.32
O MSE A 154 -55.96 -14.07 -2.67
CB MSE A 154 -53.08 -15.12 -3.54
CG MSE A 154 -51.92 -15.44 -4.45
SE MSE A 154 -50.20 -15.25 -3.58
CE MSE A 154 -49.23 -14.50 -5.09
N ILE A 155 -56.13 -16.23 -3.24
CA ILE A 155 -57.23 -16.47 -2.32
C ILE A 155 -56.71 -17.03 -1.00
N THR A 156 -57.10 -16.40 0.10
CA THR A 156 -56.66 -16.85 1.42
C THR A 156 -57.61 -17.89 2.02
N PHE A 157 -57.11 -19.11 2.22
CA PHE A 157 -57.90 -20.18 2.80
C PHE A 157 -57.36 -20.47 4.20
N LEU A 158 -58.25 -20.82 5.12
CA LEU A 158 -57.81 -21.17 6.47
C LEU A 158 -57.43 -22.63 6.35
N LYS A 159 -56.36 -23.04 7.02
CA LYS A 159 -55.93 -24.43 6.93
C LYS A 159 -56.63 -25.34 7.93
N ASP A 160 -57.51 -26.17 7.41
CA ASP A 160 -58.28 -27.14 8.19
C ASP A 160 -57.41 -28.36 8.43
N GLU A 161 -56.86 -28.42 9.64
CA GLU A 161 -55.95 -29.48 10.04
C GLU A 161 -55.87 -29.59 11.57
N LEU A 162 -55.17 -30.61 12.03
CA LEU A 162 -54.99 -30.83 13.46
C LEU A 162 -53.94 -29.88 14.03
N ARG A 163 -54.19 -29.38 15.24
CA ARG A 163 -53.27 -28.48 15.93
C ARG A 163 -53.27 -28.77 17.44
N LYS A 164 -52.25 -28.30 18.13
CA LYS A 164 -52.19 -28.50 19.57
C LYS A 164 -53.18 -27.57 20.26
N LYS A 165 -53.68 -28.00 21.41
CA LYS A 165 -54.65 -27.22 22.20
C LYS A 165 -54.26 -25.75 22.40
N ASP A 166 -52.97 -25.49 22.53
CA ASP A 166 -52.49 -24.12 22.74
C ASP A 166 -52.62 -23.27 21.50
N LYS A 167 -52.70 -23.90 20.33
CA LYS A 167 -52.83 -23.18 19.09
C LYS A 167 -54.32 -22.96 18.84
N ILE A 168 -55.13 -23.78 19.51
CA ILE A 168 -56.59 -23.70 19.38
C ILE A 168 -57.11 -22.49 20.15
N ALA A 169 -56.76 -22.40 21.43
CA ALA A 169 -57.18 -21.29 22.28
C ALA A 169 -56.50 -19.99 21.87
N ALA A 170 -55.35 -20.09 21.21
CA ALA A 170 -54.61 -18.92 20.76
C ALA A 170 -55.05 -18.52 19.35
N GLY A 171 -55.98 -19.26 18.78
CA GLY A 171 -56.47 -18.95 17.45
C GLY A 171 -55.38 -18.91 16.39
N LYS A 172 -54.29 -19.63 16.62
CA LYS A 172 -53.21 -19.65 15.66
C LYS A 172 -53.48 -20.67 14.57
N THR A 173 -54.24 -20.27 13.56
CA THR A 173 -54.55 -21.15 12.44
C THR A 173 -53.68 -20.77 11.25
N ARG A 174 -53.17 -21.76 10.52
CA ARG A 174 -52.33 -21.47 9.36
C ARG A 174 -53.19 -21.08 8.15
N VAL A 175 -52.68 -20.17 7.33
CA VAL A 175 -53.40 -19.74 6.14
C VAL A 175 -52.73 -20.29 4.89
N ILE A 176 -53.50 -20.46 3.82
CA ILE A 176 -52.93 -20.98 2.60
C ILE A 176 -53.33 -20.11 1.41
N GLU A 177 -52.44 -19.23 0.99
CA GLU A 177 -52.69 -18.35 -0.14
C GLU A 177 -52.70 -19.17 -1.42
N ALA A 178 -53.87 -19.28 -2.04
CA ALA A 178 -54.01 -20.03 -3.27
C ALA A 178 -53.87 -19.17 -4.53
N SER A 179 -52.80 -19.41 -5.29
CA SER A 179 -52.59 -18.66 -6.52
C SER A 179 -53.55 -19.10 -7.61
N SER A 180 -53.77 -18.22 -8.58
CA SER A 180 -54.65 -18.53 -9.70
C SER A 180 -53.94 -19.54 -10.61
N ILE A 181 -54.65 -20.51 -11.14
CA ILE A 181 -53.98 -21.45 -12.01
C ILE A 181 -53.29 -20.66 -13.12
N ASN A 182 -53.87 -19.52 -13.49
CA ASN A 182 -53.26 -18.69 -14.52
C ASN A 182 -51.83 -18.30 -14.14
N ASP A 183 -51.59 -18.00 -12.87
CA ASP A 183 -50.27 -17.59 -12.43
C ASP A 183 -49.34 -18.78 -12.17
N THR A 184 -49.94 -19.93 -11.89
CA THR A 184 -49.18 -21.13 -11.65
C THR A 184 -48.59 -21.57 -12.97
N ILE A 185 -49.38 -21.46 -14.04
CA ILE A 185 -48.93 -21.84 -15.38
C ILE A 185 -47.82 -20.91 -15.86
N LEU A 186 -48.01 -19.60 -15.64
CA LEU A 186 -47.02 -18.61 -16.04
C LEU A 186 -45.71 -18.93 -15.35
N PHE A 187 -45.75 -19.04 -14.02
CA PHE A 187 -44.55 -19.36 -13.27
C PHE A 187 -43.91 -20.68 -13.71
N ARG A 188 -44.69 -21.64 -14.20
CA ARG A 188 -44.08 -22.89 -14.63
C ARG A 188 -43.46 -22.80 -16.01
N THR A 189 -44.05 -22.02 -16.91
CA THR A 189 -43.53 -21.91 -18.27
C THR A 189 -42.20 -21.16 -18.21
N VAL A 190 -42.15 -20.12 -17.39
CA VAL A 190 -40.97 -19.29 -17.21
C VAL A 190 -39.83 -20.03 -16.49
N TYR A 191 -40.10 -20.49 -15.26
CA TYR A 191 -39.09 -21.17 -14.44
C TYR A 191 -39.07 -22.69 -14.55
N GLY A 192 -40.03 -23.24 -15.27
CA GLY A 192 -40.09 -24.69 -15.41
C GLY A 192 -38.78 -25.46 -15.43
N ASN A 193 -37.82 -25.03 -16.24
CA ASN A 193 -36.54 -25.74 -16.33
C ASN A 193 -35.74 -25.76 -15.03
N LEU A 194 -35.80 -24.65 -14.29
CA LEU A 194 -35.13 -24.51 -13.00
C LEU A 194 -35.78 -25.47 -12.01
N PHE A 195 -37.11 -25.47 -11.98
CA PHE A 195 -37.87 -26.34 -11.07
C PHE A 195 -37.52 -27.79 -11.34
N SER A 196 -37.41 -28.12 -12.63
CA SER A 196 -37.07 -29.46 -13.06
C SER A 196 -35.65 -29.82 -12.61
N LYS A 197 -34.70 -28.98 -12.96
CA LYS A 197 -33.33 -29.23 -12.58
C LYS A 197 -33.20 -29.47 -11.06
N PHE A 198 -33.82 -28.61 -10.26
CA PHE A 198 -33.75 -28.78 -8.81
C PHE A 198 -34.32 -30.11 -8.32
N HIS A 199 -35.51 -30.48 -8.79
CA HIS A 199 -36.16 -31.72 -8.39
C HIS A 199 -35.35 -32.97 -8.68
N LEU A 200 -34.56 -32.94 -9.76
CA LEU A 200 -33.76 -34.08 -10.11
C LEU A 200 -32.43 -34.01 -9.39
N ASN A 201 -32.08 -32.86 -8.85
CA ASN A 201 -30.79 -32.76 -8.18
C ASN A 201 -30.76 -32.32 -6.71
N PRO A 202 -31.66 -32.90 -5.90
CA PRO A 202 -31.71 -32.58 -4.45
C PRO A 202 -30.27 -32.80 -3.93
N GLY A 203 -29.75 -31.85 -3.17
CA GLY A 203 -28.40 -32.03 -2.66
C GLY A 203 -27.70 -30.74 -2.33
N VAL A 204 -26.37 -30.79 -2.29
CA VAL A 204 -25.59 -29.61 -1.93
C VAL A 204 -25.15 -28.72 -3.07
N VAL A 205 -25.46 -29.10 -4.30
CA VAL A 205 -25.10 -28.22 -5.40
C VAL A 205 -26.30 -27.27 -5.50
N THR A 206 -27.51 -27.82 -5.45
CA THR A 206 -28.67 -26.96 -5.50
C THR A 206 -28.96 -26.44 -4.09
N GLY A 207 -28.37 -27.10 -3.09
CA GLY A 207 -28.59 -26.69 -1.72
C GLY A 207 -30.05 -26.87 -1.36
N CYS A 208 -30.72 -27.76 -2.10
CA CYS A 208 -32.14 -27.95 -1.90
C CYS A 208 -32.59 -29.40 -1.83
N ALA A 209 -33.69 -29.69 -1.13
CA ALA A 209 -34.21 -31.06 -1.02
C ALA A 209 -35.58 -31.26 -1.68
N VAL A 210 -36.13 -30.19 -2.24
CA VAL A 210 -37.43 -30.28 -2.89
C VAL A 210 -37.31 -31.26 -4.04
N GLY A 211 -38.19 -32.24 -4.05
CA GLY A 211 -38.13 -33.25 -5.07
C GLY A 211 -37.56 -34.56 -4.54
N CYS A 212 -36.86 -34.54 -3.40
CA CYS A 212 -36.25 -35.76 -2.85
C CYS A 212 -37.21 -36.81 -2.31
N ASP A 213 -36.67 -37.99 -2.15
CA ASP A 213 -37.40 -39.12 -1.59
C ASP A 213 -36.62 -39.41 -0.31
N PRO A 214 -37.20 -39.04 0.83
CA PRO A 214 -36.53 -39.26 2.13
C PRO A 214 -36.02 -40.68 2.33
N GLU A 215 -36.80 -41.67 1.88
CA GLU A 215 -36.37 -43.06 2.07
C GLU A 215 -34.97 -43.40 1.54
N THR A 216 -34.54 -42.77 0.45
CA THR A 216 -33.21 -43.06 -0.05
C THR A 216 -32.26 -41.88 0.17
N PHE A 217 -32.80 -40.67 0.10
CA PHE A 217 -32.05 -39.43 0.26
C PHE A 217 -31.42 -39.29 1.66
N TRP A 218 -32.08 -39.85 2.67
CA TRP A 218 -31.56 -39.80 4.04
C TRP A 218 -30.19 -40.46 4.15
N SER A 219 -29.96 -41.53 3.39
CA SER A 219 -28.66 -42.20 3.43
C SER A 219 -27.57 -41.33 2.81
N LYS A 220 -27.97 -40.42 1.92
CA LYS A 220 -27.05 -39.53 1.24
C LYS A 220 -26.65 -38.29 2.02
N ILE A 221 -27.56 -37.81 2.85
CA ILE A 221 -27.28 -36.58 3.58
C ILE A 221 -25.94 -36.57 4.33
N PRO A 222 -25.65 -37.63 5.08
CA PRO A 222 -24.40 -37.76 5.84
C PRO A 222 -23.18 -37.64 4.93
N LEU A 223 -23.28 -38.19 3.73
CA LEU A 223 -22.16 -38.10 2.81
C LEU A 223 -22.04 -36.66 2.26
N MSE A 224 -23.16 -36.00 1.98
CA MSE A 224 -23.07 -34.65 1.43
C MSE A 224 -22.63 -33.62 2.46
O MSE A 224 -21.84 -32.75 2.15
CB MSE A 224 -24.40 -34.22 0.84
CG MSE A 224 -24.87 -35.08 -0.32
SE MSE A 224 -26.79 -34.98 -0.50
CE MSE A 224 -26.92 -35.40 -2.40
N LEU A 225 -23.17 -33.71 3.68
CA LEU A 225 -22.81 -32.76 4.72
C LEU A 225 -21.54 -33.21 5.46
N ASP A 226 -20.54 -33.63 4.70
CA ASP A 226 -19.28 -34.10 5.25
C ASP A 226 -18.50 -32.97 5.93
N GLY A 227 -18.96 -32.57 7.11
CA GLY A 227 -18.31 -31.51 7.85
C GLY A 227 -17.86 -31.96 9.23
N ASP A 228 -17.50 -30.99 10.06
CA ASP A 228 -17.04 -31.24 11.42
C ASP A 228 -18.28 -31.36 12.31
N CYS A 229 -19.44 -31.14 11.72
CA CYS A 229 -20.66 -31.18 12.49
C CYS A 229 -21.88 -31.27 11.60
N ILE A 230 -22.95 -30.66 12.10
CA ILE A 230 -24.23 -30.60 11.43
C ILE A 230 -25.11 -29.67 12.24
N MSE A 231 -25.70 -28.69 11.58
CA MSE A 231 -26.55 -27.74 12.29
C MSE A 231 -27.93 -27.57 11.70
O MSE A 231 -28.15 -27.69 10.50
CB MSE A 231 -25.84 -26.41 12.38
CG MSE A 231 -24.60 -26.52 13.23
SE MSE A 231 -23.38 -25.10 12.91
CE MSE A 231 -22.54 -25.84 11.32
N ALA A 232 -28.87 -27.28 12.59
CA ALA A 232 -30.26 -27.08 12.24
C ALA A 232 -30.75 -26.03 13.21
N PHE A 233 -31.94 -25.49 12.95
CA PHE A 233 -32.53 -24.47 13.82
C PHE A 233 -33.97 -24.15 13.41
N ASP A 234 -34.71 -23.44 14.26
CA ASP A 234 -36.08 -23.10 13.90
C ASP A 234 -36.24 -21.63 13.53
N TYR A 235 -37.26 -21.36 12.72
CA TYR A 235 -37.57 -20.01 12.28
C TYR A 235 -38.89 -19.64 12.90
N THR A 236 -38.96 -18.46 13.48
CA THR A 236 -40.22 -17.99 14.05
C THR A 236 -40.89 -17.22 12.91
N ASN A 237 -42.00 -17.75 12.38
CA ASN A 237 -42.73 -17.10 11.29
C ASN A 237 -41.80 -16.72 10.12
N TYR A 238 -41.20 -17.73 9.50
CA TYR A 238 -40.29 -17.55 8.37
C TYR A 238 -40.93 -16.83 7.20
N ASP A 239 -42.10 -17.31 6.78
CA ASP A 239 -42.83 -16.75 5.67
C ASP A 239 -43.08 -15.25 5.78
N GLY A 240 -43.46 -14.79 6.97
CA GLY A 240 -43.70 -13.37 7.15
C GLY A 240 -42.50 -12.54 7.59
N SER A 241 -41.32 -13.15 7.63
CA SER A 241 -40.13 -12.44 8.05
C SER A 241 -39.17 -12.20 6.90
N ILE A 242 -39.54 -12.64 5.71
CA ILE A 242 -38.66 -12.46 4.57
C ILE A 242 -38.71 -11.03 4.08
N HIS A 243 -37.65 -10.28 4.35
CA HIS A 243 -37.54 -8.90 3.94
C HIS A 243 -37.33 -8.83 2.42
N PRO A 244 -37.89 -7.80 1.77
CA PRO A 244 -37.79 -7.57 0.32
C PRO A 244 -36.38 -7.70 -0.25
N ILE A 245 -35.35 -7.40 0.54
CA ILE A 245 -33.98 -7.52 0.04
C ILE A 245 -33.65 -8.95 -0.39
N TRP A 246 -34.22 -9.95 0.29
CA TRP A 246 -33.96 -11.34 -0.05
C TRP A 246 -34.54 -11.67 -1.42
N PHE A 247 -35.59 -10.98 -1.80
CA PHE A 247 -36.16 -11.20 -3.11
C PHE A 247 -35.24 -10.55 -4.13
N LYS A 248 -34.64 -9.42 -3.74
CA LYS A 248 -33.74 -8.69 -4.63
C LYS A 248 -32.50 -9.55 -4.93
N ALA A 249 -32.07 -10.26 -3.89
CA ALA A 249 -30.94 -11.18 -3.92
C ALA A 249 -31.35 -12.39 -4.74
N LEU A 250 -32.56 -12.89 -4.49
CA LEU A 250 -33.04 -14.04 -5.26
C LEU A 250 -33.02 -13.66 -6.75
N GLY A 251 -33.46 -12.43 -7.05
CA GLY A 251 -33.51 -11.96 -8.41
C GLY A 251 -32.11 -11.97 -9.05
N MSE A 252 -31.12 -11.50 -8.31
CA MSE A 252 -29.77 -11.48 -8.80
C MSE A 252 -29.32 -12.89 -9.17
O MSE A 252 -28.74 -13.12 -10.24
CB MSE A 252 -28.83 -10.88 -7.77
CG MSE A 252 -28.93 -9.39 -7.65
SE MSE A 252 -27.95 -8.71 -6.14
CE MSE A 252 -26.16 -8.85 -6.87
N VAL A 253 -29.60 -13.85 -8.28
CA VAL A 253 -29.21 -15.24 -8.54
C VAL A 253 -29.86 -15.69 -9.85
N LEU A 254 -31.16 -15.44 -9.97
CA LEU A 254 -31.92 -15.81 -11.15
C LEU A 254 -31.39 -15.12 -12.41
N ASP A 255 -30.94 -13.88 -12.23
CA ASP A 255 -30.38 -13.11 -13.32
C ASP A 255 -29.01 -13.71 -13.74
N ASN A 256 -28.22 -14.20 -12.77
CA ASN A 256 -26.95 -14.81 -13.12
C ASN A 256 -27.15 -16.10 -13.88
N LEU A 257 -28.37 -16.63 -13.82
CA LEU A 257 -28.69 -17.86 -14.51
C LEU A 257 -29.40 -17.56 -15.84
N SER A 258 -29.73 -16.30 -16.08
CA SER A 258 -30.42 -15.86 -17.31
C SER A 258 -31.92 -16.14 -17.27
N PHE A 259 -32.51 -16.02 -16.08
CA PHE A 259 -33.94 -16.22 -15.91
C PHE A 259 -34.56 -14.89 -15.58
N ASN A 260 -35.88 -14.81 -15.72
CA ASN A 260 -36.63 -13.61 -15.40
C ASN A 260 -36.35 -13.27 -13.91
N PRO A 261 -35.85 -12.06 -13.63
CA PRO A 261 -35.55 -11.62 -12.27
C PRO A 261 -36.65 -10.80 -11.63
N THR A 262 -37.74 -10.56 -12.35
CA THR A 262 -38.80 -9.72 -11.81
C THR A 262 -40.09 -10.41 -11.42
N LEU A 263 -40.46 -11.43 -12.18
CA LEU A 263 -41.67 -12.19 -11.93
C LEU A 263 -41.84 -12.54 -10.46
N ILE A 264 -40.77 -13.04 -9.85
CA ILE A 264 -40.82 -13.44 -8.44
C ILE A 264 -41.26 -12.32 -7.53
N ASN A 265 -41.10 -11.08 -7.98
CA ASN A 265 -41.51 -9.95 -7.16
C ASN A 265 -43.00 -9.97 -6.90
N ARG A 266 -43.74 -10.70 -7.73
CA ARG A 266 -45.18 -10.79 -7.53
C ARG A 266 -45.46 -11.61 -6.28
N LEU A 267 -44.42 -12.21 -5.71
CA LEU A 267 -44.60 -12.97 -4.49
C LEU A 267 -44.21 -12.05 -3.34
N CYS A 268 -43.31 -11.10 -3.60
CA CYS A 268 -42.90 -10.17 -2.56
C CYS A 268 -43.94 -9.07 -2.31
N ASN A 269 -44.45 -8.51 -3.41
CA ASN A 269 -45.49 -7.47 -3.42
C ASN A 269 -46.74 -8.20 -3.92
N SER A 270 -47.34 -8.99 -3.04
CA SER A 270 -48.50 -9.81 -3.36
C SER A 270 -49.87 -9.23 -3.05
N LYS A 271 -50.86 -9.70 -3.81
CA LYS A 271 -52.25 -9.28 -3.70
C LYS A 271 -53.06 -10.44 -3.12
N HIS A 272 -53.99 -10.11 -2.24
CA HIS A 272 -54.76 -11.14 -1.58
C HIS A 272 -56.20 -10.76 -1.37
N ILE A 273 -57.03 -11.79 -1.20
CA ILE A 273 -58.44 -11.59 -0.91
C ILE A 273 -58.77 -12.59 0.20
N PHE A 274 -58.98 -12.10 1.42
CA PHE A 274 -59.31 -13.01 2.51
C PHE A 274 -60.78 -13.38 2.30
N LYS A 275 -61.72 -12.64 2.85
CA LYS A 275 -63.11 -12.99 2.59
C LYS A 275 -63.80 -11.82 1.90
N SER A 276 -63.99 -10.71 2.63
CA SER A 276 -64.58 -9.54 2.05
C SER A 276 -63.56 -8.41 2.04
N THR A 277 -62.34 -8.74 2.45
CA THR A 277 -61.26 -7.76 2.48
C THR A 277 -60.23 -8.08 1.41
N TYR A 278 -59.82 -7.06 0.65
CA TYR A 278 -58.79 -7.22 -0.38
C TYR A 278 -57.59 -6.49 0.19
N TYR A 279 -56.39 -7.05 0.06
CA TYR A 279 -55.21 -6.34 0.61
C TYR A 279 -53.93 -6.68 -0.13
N GLU A 280 -52.93 -5.82 0.02
CA GLU A 280 -51.64 -6.04 -0.62
C GLU A 280 -50.55 -6.08 0.42
N VAL A 281 -49.64 -7.04 0.28
CA VAL A 281 -48.56 -7.18 1.22
C VAL A 281 -47.23 -6.87 0.60
N GLU A 282 -46.37 -6.24 1.39
CA GLU A 282 -45.03 -5.86 0.97
C GLU A 282 -44.05 -6.63 1.84
N GLY A 283 -43.35 -7.56 1.23
CA GLY A 283 -42.42 -8.38 1.99
C GLY A 283 -43.07 -9.70 2.36
N GLY A 284 -42.24 -10.66 2.77
CA GLY A 284 -42.74 -11.97 3.13
C GLY A 284 -43.07 -12.81 1.91
N VAL A 285 -43.26 -14.10 2.14
CA VAL A 285 -43.59 -15.04 1.07
C VAL A 285 -44.96 -15.63 1.35
N PRO A 286 -45.76 -15.85 0.30
CA PRO A 286 -47.10 -16.41 0.42
C PRO A 286 -47.03 -17.86 0.90
N SER A 287 -47.52 -18.07 2.12
CA SER A 287 -47.52 -19.39 2.73
C SER A 287 -48.44 -20.36 2.01
N GLY A 288 -47.95 -21.58 1.83
CA GLY A 288 -48.71 -22.59 1.14
C GLY A 288 -48.90 -22.31 -0.35
N CYS A 289 -48.24 -21.28 -0.87
CA CYS A 289 -48.40 -20.97 -2.30
C CYS A 289 -48.06 -22.19 -3.16
N SER A 290 -48.43 -22.12 -4.43
CA SER A 290 -48.21 -23.20 -5.39
C SER A 290 -46.74 -23.62 -5.53
N GLY A 291 -45.98 -22.87 -6.32
CA GLY A 291 -44.58 -23.22 -6.49
C GLY A 291 -43.68 -22.23 -5.78
N THR A 292 -43.58 -22.32 -4.46
CA THR A 292 -42.70 -21.43 -3.71
C THR A 292 -41.66 -22.18 -2.91
N SER A 293 -41.77 -23.51 -2.86
CA SER A 293 -40.81 -24.34 -2.12
C SER A 293 -39.39 -24.04 -2.57
N ILE A 294 -39.16 -24.14 -3.86
CA ILE A 294 -37.86 -23.89 -4.44
C ILE A 294 -37.37 -22.46 -4.18
N PHE A 295 -38.21 -21.47 -4.45
CA PHE A 295 -37.82 -20.08 -4.22
C PHE A 295 -37.49 -19.87 -2.75
N ASN A 296 -38.23 -20.51 -1.85
CA ASN A 296 -37.94 -20.35 -0.43
C ASN A 296 -36.62 -20.98 -0.07
N SER A 297 -36.34 -22.13 -0.68
CA SER A 297 -35.07 -22.79 -0.40
C SER A 297 -33.91 -21.93 -0.87
N MSE A 298 -34.05 -21.35 -2.06
CA MSE A 298 -32.98 -20.52 -2.61
C MSE A 298 -32.74 -19.31 -1.71
O MSE A 298 -31.61 -18.90 -1.50
CB MSE A 298 -33.32 -20.06 -4.02
CG MSE A 298 -33.46 -21.23 -5.00
SE MSE A 298 -33.93 -20.70 -6.84
CE MSE A 298 -32.40 -19.51 -7.10
N ILE A 299 -33.81 -18.73 -1.21
CA ILE A 299 -33.65 -17.60 -0.32
C ILE A 299 -32.90 -18.06 0.92
N ASN A 300 -33.33 -19.18 1.49
CA ASN A 300 -32.65 -19.71 2.67
C ASN A 300 -31.15 -19.95 2.36
N ASN A 301 -30.85 -20.43 1.15
CA ASN A 301 -29.46 -20.67 0.77
C ASN A 301 -28.65 -19.39 0.80
N ILE A 302 -29.30 -18.30 0.41
CA ILE A 302 -28.69 -16.98 0.42
C ILE A 302 -28.58 -16.47 1.87
N ILE A 303 -29.63 -16.71 2.65
CA ILE A 303 -29.65 -16.29 4.05
C ILE A 303 -28.52 -16.97 4.88
N ILE A 304 -28.46 -18.29 4.82
CA ILE A 304 -27.46 -19.03 5.56
C ILE A 304 -26.02 -18.60 5.31
N ARG A 305 -25.71 -18.31 4.06
CA ARG A 305 -24.38 -17.87 3.68
C ARG A 305 -24.08 -16.50 4.29
N THR A 306 -25.09 -15.63 4.28
CA THR A 306 -25.01 -14.28 4.80
C THR A 306 -24.81 -14.28 6.32
N LEU A 307 -25.67 -14.99 7.04
CA LEU A 307 -25.55 -15.00 8.48
C LEU A 307 -24.20 -15.58 8.91
N VAL A 308 -23.72 -16.57 8.18
CA VAL A 308 -22.44 -17.15 8.53
C VAL A 308 -21.35 -16.10 8.29
N LEU A 309 -21.34 -15.48 7.13
CA LEU A 309 -20.32 -14.46 6.89
C LEU A 309 -20.46 -13.31 7.90
N ASP A 310 -21.69 -13.02 8.32
CA ASP A 310 -21.89 -11.95 9.30
C ASP A 310 -21.36 -12.34 10.66
N ALA A 311 -21.48 -13.60 11.05
CA ALA A 311 -21.02 -13.97 12.38
C ALA A 311 -19.56 -14.40 12.46
N TYR A 312 -18.95 -14.72 11.33
CA TYR A 312 -17.57 -15.17 11.34
C TYR A 312 -16.70 -14.60 10.24
N LYS A 313 -15.40 -14.54 10.52
CA LYS A 313 -14.42 -14.06 9.56
C LYS A 313 -13.61 -15.26 9.10
N HIS A 314 -12.84 -15.09 8.05
CA HIS A 314 -12.01 -16.18 7.52
C HIS A 314 -12.85 -17.42 7.21
N ILE A 315 -14.08 -17.19 6.75
CA ILE A 315 -14.99 -18.27 6.38
C ILE A 315 -14.79 -18.67 4.93
N ASP A 316 -14.83 -19.97 4.65
CA ASP A 316 -14.67 -20.47 3.30
C ASP A 316 -16.02 -21.02 2.85
N LEU A 317 -16.82 -20.20 2.17
CA LEU A 317 -18.14 -20.62 1.71
C LEU A 317 -18.18 -21.99 1.05
N ASP A 318 -17.21 -22.28 0.20
CA ASP A 318 -17.18 -23.56 -0.48
C ASP A 318 -17.26 -24.71 0.53
N LYS A 319 -16.82 -24.49 1.77
CA LYS A 319 -16.86 -25.54 2.79
C LYS A 319 -18.16 -25.55 3.59
N LEU A 320 -19.07 -24.61 3.31
CA LEU A 320 -20.35 -24.56 4.01
C LEU A 320 -21.40 -25.28 3.16
N LYS A 321 -21.75 -26.51 3.51
CA LYS A 321 -22.73 -27.27 2.74
C LYS A 321 -24.15 -27.05 3.26
N ILE A 322 -25.05 -26.73 2.34
CA ILE A 322 -26.42 -26.46 2.74
C ILE A 322 -27.50 -27.28 2.03
N ILE A 323 -28.48 -27.75 2.79
CA ILE A 323 -29.58 -28.47 2.17
C ILE A 323 -30.85 -27.89 2.74
N ALA A 324 -31.64 -27.28 1.87
CA ALA A 324 -32.89 -26.66 2.31
C ALA A 324 -34.14 -27.09 1.60
N TYR A 325 -35.24 -27.10 2.35
CA TYR A 325 -36.57 -27.41 1.85
C TYR A 325 -37.42 -26.28 2.43
N GLY A 326 -37.52 -25.17 1.69
CA GLY A 326 -38.30 -24.04 2.15
C GLY A 326 -37.60 -23.45 3.35
N ASP A 327 -38.32 -23.33 4.46
CA ASP A 327 -37.72 -22.78 5.67
C ASP A 327 -36.90 -23.81 6.46
N ASP A 328 -37.09 -25.09 6.20
CA ASP A 328 -36.36 -26.13 6.92
C ASP A 328 -34.95 -26.27 6.31
N VAL A 329 -33.94 -26.07 7.16
CA VAL A 329 -32.56 -26.15 6.70
C VAL A 329 -31.58 -26.82 7.67
N ILE A 330 -30.66 -27.58 7.07
CA ILE A 330 -29.60 -28.26 7.81
C ILE A 330 -28.36 -27.98 6.99
N PHE A 331 -27.26 -27.74 7.68
CA PHE A 331 -26.02 -27.44 7.01
C PHE A 331 -24.83 -27.81 7.86
N SER A 332 -23.65 -27.75 7.27
CA SER A 332 -22.44 -28.07 8.00
C SER A 332 -21.28 -27.26 7.49
N TYR A 333 -20.22 -27.22 8.27
CA TYR A 333 -19.01 -26.48 7.91
C TYR A 333 -17.82 -27.36 8.28
N LYS A 334 -16.70 -27.16 7.59
CA LYS A 334 -15.48 -27.92 7.83
C LYS A 334 -15.12 -27.92 9.32
N TYR A 335 -15.31 -26.78 9.97
CA TYR A 335 -15.01 -26.63 11.39
C TYR A 335 -16.28 -26.41 12.21
N LYS A 336 -16.16 -26.47 13.53
CA LYS A 336 -17.32 -26.27 14.40
C LYS A 336 -17.76 -24.81 14.42
N LEU A 337 -19.07 -24.56 14.38
CA LEU A 337 -19.58 -23.19 14.43
C LEU A 337 -20.65 -23.06 15.49
N ASP A 338 -20.79 -21.86 16.05
CA ASP A 338 -21.79 -21.61 17.08
C ASP A 338 -23.13 -21.21 16.45
N MSE A 339 -24.14 -22.06 16.62
CA MSE A 339 -25.45 -21.78 16.06
C MSE A 339 -26.07 -20.54 16.66
O MSE A 339 -26.70 -19.76 15.94
CB MSE A 339 -26.39 -22.97 16.26
CG MSE A 339 -27.72 -22.84 15.53
SE MSE A 339 -27.55 -22.50 13.59
CE MSE A 339 -28.51 -20.82 13.40
N GLU A 340 -25.92 -20.35 17.97
CA GLU A 340 -26.49 -19.18 18.63
C GLU A 340 -25.98 -17.88 18.02
N ALA A 341 -24.67 -17.82 17.79
CA ALA A 341 -24.07 -16.63 17.20
C ALA A 341 -24.59 -16.39 15.79
N ILE A 342 -24.71 -17.47 15.02
CA ILE A 342 -25.22 -17.35 13.66
C ILE A 342 -26.65 -16.81 13.74
N ALA A 343 -27.41 -17.35 14.68
CA ALA A 343 -28.78 -16.92 14.88
C ALA A 343 -28.91 -15.41 15.12
N LYS A 344 -28.05 -14.86 15.96
CA LYS A 344 -28.13 -13.44 16.28
C LYS A 344 -27.90 -12.51 15.11
N GLU A 345 -27.23 -13.01 14.08
CA GLU A 345 -26.98 -12.18 12.92
C GLU A 345 -28.26 -12.00 12.11
N GLY A 346 -29.26 -12.81 12.40
CA GLY A 346 -30.53 -12.70 11.70
C GLY A 346 -31.39 -11.56 12.19
N GLN A 347 -31.22 -11.22 13.47
CA GLN A 347 -31.96 -10.14 14.12
C GLN A 347 -31.96 -8.85 13.29
N LYS A 348 -30.78 -8.44 12.84
CA LYS A 348 -30.66 -7.21 12.06
C LYS A 348 -31.50 -7.23 10.78
N TYR A 349 -31.88 -8.42 10.32
CA TYR A 349 -32.69 -8.54 9.10
C TYR A 349 -34.16 -8.74 9.39
N GLY A 350 -34.47 -9.06 10.64
CA GLY A 350 -35.85 -9.28 11.03
C GLY A 350 -36.19 -10.77 11.05
N LEU A 351 -35.16 -11.59 11.10
CA LEU A 351 -35.35 -13.03 11.11
C LEU A 351 -35.17 -13.50 12.53
N THR A 352 -36.17 -14.17 13.09
CA THR A 352 -36.05 -14.67 14.45
C THR A 352 -35.67 -16.14 14.42
N ILE A 353 -34.42 -16.43 14.77
CA ILE A 353 -33.92 -17.79 14.78
C ILE A 353 -33.78 -18.32 16.20
N THR A 354 -34.49 -19.40 16.50
CA THR A 354 -34.47 -20.03 17.81
C THR A 354 -33.90 -21.44 17.73
N PRO A 355 -33.62 -22.06 18.89
CA PRO A 355 -33.06 -23.42 18.94
C PRO A 355 -33.89 -24.45 18.16
N ALA A 356 -33.20 -25.45 17.60
CA ALA A 356 -33.87 -26.49 16.83
C ALA A 356 -34.86 -27.29 17.68
N ASP A 357 -35.93 -27.74 17.05
CA ASP A 357 -36.95 -28.52 17.74
C ASP A 357 -37.45 -27.87 19.03
N LYS A 358 -37.79 -26.60 18.95
CA LYS A 358 -38.31 -25.86 20.10
C LYS A 358 -37.56 -26.17 21.40
N SER A 359 -36.24 -26.26 21.32
CA SER A 359 -35.42 -26.55 22.48
C SER A 359 -35.22 -25.31 23.36
N SER A 360 -34.60 -25.49 24.52
CA SER A 360 -34.35 -24.40 25.44
C SER A 360 -33.21 -23.49 25.00
N GLU A 361 -32.03 -24.09 24.80
CA GLU A 361 -30.86 -23.34 24.36
C GLU A 361 -30.26 -23.94 23.09
N PHE A 362 -29.33 -23.21 22.48
CA PHE A 362 -28.68 -23.68 21.26
C PHE A 362 -27.62 -24.73 21.58
N LYS A 363 -28.07 -25.96 21.75
CA LYS A 363 -27.17 -27.06 22.06
C LYS A 363 -26.61 -27.72 20.80
N GLU A 364 -25.46 -28.38 20.94
CA GLU A 364 -24.85 -29.07 19.81
C GLU A 364 -25.75 -30.20 19.35
N LEU A 365 -25.71 -30.51 18.06
CA LEU A 365 -26.55 -31.55 17.50
C LEU A 365 -25.74 -32.60 16.76
N ASP A 366 -26.34 -33.77 16.57
CA ASP A 366 -25.68 -34.85 15.85
C ASP A 366 -26.79 -35.60 15.14
N TYR A 367 -26.42 -36.45 14.18
CA TYR A 367 -27.43 -37.22 13.46
C TYR A 367 -28.30 -38.06 14.39
N GLY A 368 -27.93 -38.08 15.67
CA GLY A 368 -28.70 -38.83 16.63
C GLY A 368 -29.94 -38.09 17.08
N ASN A 369 -29.87 -36.76 17.17
CA ASN A 369 -31.05 -36.02 17.60
C ASN A 369 -31.56 -35.00 16.58
N VAL A 370 -30.76 -34.73 15.56
CA VAL A 370 -31.16 -33.76 14.54
C VAL A 370 -32.37 -34.26 13.72
N THR A 371 -33.14 -33.31 13.22
CA THR A 371 -34.32 -33.61 12.41
C THR A 371 -34.38 -32.71 11.16
N PHE A 372 -35.10 -33.18 10.15
CA PHE A 372 -35.22 -32.46 8.89
C PHE A 372 -36.50 -32.97 8.24
N LEU A 373 -37.31 -32.05 7.71
CA LEU A 373 -38.61 -32.40 7.14
C LEU A 373 -39.36 -33.23 8.20
N LYS A 374 -39.28 -32.77 9.45
CA LYS A 374 -39.93 -33.40 10.60
C LYS A 374 -39.61 -34.88 10.76
N ARG A 375 -38.41 -35.27 10.36
CA ARG A 375 -37.99 -36.66 10.45
C ARG A 375 -36.61 -36.76 11.07
N GLY A 376 -36.43 -37.74 11.94
CA GLY A 376 -35.14 -37.95 12.57
C GLY A 376 -34.30 -38.90 11.73
N PHE A 377 -33.17 -39.31 12.26
CA PHE A 377 -32.25 -40.22 11.56
C PHE A 377 -31.88 -41.43 12.42
N ARG A 378 -31.91 -42.59 11.80
CA ARG A 378 -31.62 -43.81 12.51
C ARG A 378 -31.02 -44.86 11.58
N GLN A 379 -29.81 -45.31 11.92
CA GLN A 379 -29.10 -46.33 11.13
C GLN A 379 -29.91 -47.61 11.05
N ASP A 380 -29.84 -48.27 9.90
CA ASP A 380 -30.53 -49.54 9.71
C ASP A 380 -29.76 -50.63 10.45
N ASP A 381 -30.49 -51.62 10.92
CA ASP A 381 -29.91 -52.74 11.65
C ASP A 381 -28.95 -53.55 10.78
N LYS A 382 -29.48 -54.18 9.73
CA LYS A 382 -28.66 -55.00 8.84
C LYS A 382 -27.55 -54.23 8.11
N TYR A 383 -27.88 -53.07 7.54
CA TYR A 383 -26.88 -52.26 6.84
C TYR A 383 -26.76 -50.89 7.49
N LYS A 384 -25.65 -50.68 8.19
CA LYS A 384 -25.41 -49.44 8.90
C LYS A 384 -25.28 -48.20 8.01
N PHE A 385 -24.99 -48.41 6.74
CA PHE A 385 -24.83 -47.31 5.82
C PHE A 385 -26.16 -46.75 5.29
N LEU A 386 -27.23 -47.52 5.46
CA LEU A 386 -28.55 -47.06 5.01
C LEU A 386 -29.21 -46.33 6.18
N ILE A 387 -29.77 -45.15 5.91
CA ILE A 387 -30.39 -44.34 6.96
C ILE A 387 -31.91 -44.30 6.95
N HIS A 388 -32.50 -44.76 8.02
CA HIS A 388 -33.93 -44.71 8.12
C HIS A 388 -34.44 -43.32 8.47
N PRO A 389 -35.44 -42.85 7.74
CA PRO A 389 -36.03 -41.53 8.01
C PRO A 389 -37.06 -41.86 9.10
N THR A 390 -36.85 -41.37 10.33
CA THR A 390 -37.81 -41.65 11.41
C THR A 390 -38.84 -40.56 11.57
N PHE A 391 -40.11 -40.93 11.62
CA PHE A 391 -41.19 -39.97 11.79
C PHE A 391 -41.70 -40.15 13.24
N PRO A 392 -42.04 -39.04 13.93
CA PRO A 392 -42.53 -39.15 15.32
C PRO A 392 -43.75 -40.05 15.49
N VAL A 393 -43.58 -41.10 16.28
CA VAL A 393 -44.70 -42.00 16.51
C VAL A 393 -45.90 -41.25 17.08
N GLU A 394 -45.65 -40.20 17.87
CA GLU A 394 -46.72 -39.42 18.46
C GLU A 394 -47.58 -38.76 17.38
N GLU A 395 -46.92 -38.26 16.33
CA GLU A 395 -47.61 -37.62 15.22
C GLU A 395 -48.48 -38.61 14.48
N ILE A 396 -47.99 -39.84 14.34
CA ILE A 396 -48.77 -40.86 13.67
C ILE A 396 -49.99 -41.23 14.50
N TYR A 397 -49.82 -41.33 15.81
CA TYR A 397 -50.94 -41.65 16.72
C TYR A 397 -51.96 -40.52 16.61
N GLU A 398 -51.48 -39.29 16.58
CA GLU A 398 -52.37 -38.15 16.48
C GLU A 398 -53.21 -38.19 15.22
N SER A 399 -52.55 -38.42 14.08
CA SER A 399 -53.20 -38.46 12.78
C SER A 399 -54.28 -39.54 12.64
N ILE A 400 -53.98 -40.76 13.05
CA ILE A 400 -54.93 -41.84 12.93
C ILE A 400 -56.23 -41.69 13.71
N ARG A 401 -56.27 -40.81 14.72
CA ARG A 401 -57.47 -40.61 15.55
C ARG A 401 -58.57 -39.79 14.87
N TRP A 402 -58.21 -39.13 13.78
CA TRP A 402 -59.16 -38.32 13.03
C TRP A 402 -59.17 -38.71 11.56
N THR A 403 -60.24 -38.36 10.87
CA THR A 403 -60.38 -38.66 9.47
C THR A 403 -61.28 -37.65 8.76
N LYS A 404 -60.92 -37.31 7.53
CA LYS A 404 -61.70 -36.37 6.74
C LYS A 404 -62.63 -37.14 5.83
N LYS A 405 -62.27 -38.38 5.54
CA LYS A 405 -63.05 -39.23 4.66
C LYS A 405 -63.00 -40.68 5.13
N PRO A 406 -64.00 -41.10 5.90
CA PRO A 406 -64.18 -42.44 6.48
C PRO A 406 -63.99 -43.59 5.49
N SER A 407 -64.53 -43.43 4.29
CA SER A 407 -64.43 -44.48 3.26
C SER A 407 -63.01 -44.52 2.67
N GLN A 408 -62.09 -43.80 3.29
CA GLN A 408 -60.73 -43.73 2.79
C GLN A 408 -59.75 -44.08 3.90
N MSE A 409 -60.23 -44.80 4.91
CA MSE A 409 -59.39 -45.17 6.02
C MSE A 409 -58.22 -46.04 5.55
O MSE A 409 -57.11 -45.90 6.04
CB MSE A 409 -60.21 -45.88 7.09
CG MSE A 409 -59.60 -45.85 8.52
SE MSE A 409 -59.40 -44.04 9.33
CE MSE A 409 -61.22 -43.41 9.03
N GLN A 410 -58.48 -46.92 4.58
CA GLN A 410 -57.44 -47.79 4.05
C GLN A 410 -56.28 -46.96 3.54
N GLU A 411 -56.58 -45.93 2.76
CA GLU A 411 -55.51 -45.09 2.23
C GLU A 411 -54.75 -44.36 3.34
N HIS A 412 -55.49 -43.79 4.29
CA HIS A 412 -54.90 -43.08 5.43
C HIS A 412 -54.00 -44.02 6.19
N VAL A 413 -54.51 -45.20 6.52
CA VAL A 413 -53.69 -46.15 7.27
C VAL A 413 -52.40 -46.48 6.56
N LEU A 414 -52.49 -46.85 5.26
CA LEU A 414 -51.30 -47.19 4.48
C LEU A 414 -50.25 -46.09 4.57
N SER A 415 -50.67 -44.84 4.42
CA SER A 415 -49.73 -43.74 4.52
C SER A 415 -48.96 -43.80 5.83
N LEU A 416 -49.70 -43.95 6.92
CA LEU A 416 -49.08 -43.99 8.26
C LEU A 416 -48.12 -45.15 8.39
N CYS A 417 -48.53 -46.34 7.92
CA CYS A 417 -47.63 -47.48 8.00
C CYS A 417 -46.29 -47.23 7.31
N HIS A 418 -46.30 -46.56 6.15
CA HIS A 418 -45.05 -46.29 5.44
C HIS A 418 -44.17 -45.36 6.23
N LEU A 419 -44.78 -44.50 7.03
CA LEU A 419 -43.99 -43.63 7.89
C LEU A 419 -43.56 -44.44 9.12
N MSE A 420 -44.51 -45.17 9.70
CA MSE A 420 -44.27 -45.95 10.93
C MSE A 420 -43.17 -47.00 11.00
O MSE A 420 -42.33 -46.93 11.89
CB MSE A 420 -45.56 -46.61 11.40
CG MSE A 420 -45.43 -47.20 12.83
SE MSE A 420 -45.06 -45.91 14.31
CE MSE A 420 -46.87 -45.37 14.72
N TRP A 421 -43.18 -47.94 10.05
CA TRP A 421 -42.21 -49.03 10.08
C TRP A 421 -40.77 -48.56 10.19
N HIS A 422 -40.48 -47.34 9.74
CA HIS A 422 -39.11 -46.84 9.82
C HIS A 422 -38.67 -46.65 11.29
N ASN A 423 -39.60 -46.74 12.24
CA ASN A 423 -39.22 -46.60 13.65
C ASN A 423 -38.88 -47.92 14.29
N GLY A 424 -39.00 -49.01 13.55
CA GLY A 424 -38.64 -50.31 14.12
C GLY A 424 -39.73 -51.35 14.20
N PRO A 425 -39.33 -52.63 14.20
CA PRO A 425 -40.19 -53.81 14.26
C PRO A 425 -41.14 -53.82 15.46
N GLU A 426 -40.58 -53.57 16.62
CA GLU A 426 -41.37 -53.59 17.84
C GLU A 426 -42.47 -52.56 17.80
N ILE A 427 -42.09 -51.32 17.46
CA ILE A 427 -43.07 -50.25 17.39
C ILE A 427 -44.15 -50.53 16.36
N TYR A 428 -43.73 -50.99 15.18
CA TYR A 428 -44.66 -51.30 14.09
C TYR A 428 -45.64 -52.40 14.47
N LYS A 429 -45.12 -53.43 15.12
CA LYS A 429 -45.93 -54.56 15.59
C LYS A 429 -47.02 -54.07 16.58
N ASP A 430 -46.64 -53.16 17.47
CA ASP A 430 -47.58 -52.61 18.44
C ASP A 430 -48.64 -51.78 17.70
N PHE A 431 -48.19 -51.05 16.68
CA PHE A 431 -49.08 -50.25 15.86
C PHE A 431 -50.10 -51.16 15.17
N GLU A 432 -49.60 -52.24 14.56
CA GLU A 432 -50.48 -53.20 13.88
C GLU A 432 -51.53 -53.79 14.85
N THR A 433 -51.07 -54.15 16.05
CA THR A 433 -51.94 -54.72 17.07
C THR A 433 -53.08 -53.80 17.43
N LYS A 434 -52.77 -52.56 17.75
CA LYS A 434 -53.81 -51.59 18.15
C LYS A 434 -54.85 -51.41 17.06
N ILE A 435 -54.40 -51.36 15.81
CA ILE A 435 -55.29 -51.20 14.67
C ILE A 435 -56.22 -52.40 14.55
N ARG A 436 -55.64 -53.59 14.61
CA ARG A 436 -56.42 -54.82 14.49
C ARG A 436 -57.20 -55.20 15.75
N SER A 437 -57.25 -54.31 16.73
CA SER A 437 -57.96 -54.56 17.97
C SER A 437 -59.47 -54.37 17.79
N VAL A 438 -59.87 -53.72 16.70
CA VAL A 438 -61.30 -53.50 16.40
C VAL A 438 -61.66 -54.02 15.01
N SER A 439 -62.87 -54.55 14.85
CA SER A 439 -63.30 -55.08 13.56
C SER A 439 -62.97 -54.16 12.38
N ALA A 440 -63.24 -52.86 12.49
CA ALA A 440 -62.95 -51.96 11.38
C ALA A 440 -61.49 -51.96 10.95
N GLY A 441 -60.57 -52.08 11.91
CA GLY A 441 -59.17 -52.09 11.58
C GLY A 441 -58.68 -53.45 11.10
N ARG A 442 -59.46 -54.48 11.40
CA ARG A 442 -59.09 -55.82 11.00
C ARG A 442 -59.39 -56.00 9.53
N ALA A 443 -60.43 -55.32 9.04
CA ALA A 443 -60.78 -55.42 7.64
C ALA A 443 -59.76 -54.68 6.77
N LEU A 444 -58.88 -53.88 7.38
CA LEU A 444 -57.88 -53.14 6.64
C LEU A 444 -56.60 -53.93 6.28
N TYR A 445 -56.01 -53.57 5.15
CA TYR A 445 -54.77 -54.22 4.75
C TYR A 445 -53.62 -53.46 5.38
N ILE A 446 -52.77 -54.15 6.11
CA ILE A 446 -51.64 -53.48 6.73
C ILE A 446 -50.39 -54.18 6.19
N PRO A 447 -49.53 -53.44 5.48
CA PRO A 447 -48.31 -54.04 4.92
C PRO A 447 -47.42 -54.60 6.00
N PRO A 448 -47.02 -55.86 5.87
CA PRO A 448 -46.15 -56.50 6.85
C PRO A 448 -44.78 -55.81 6.89
N TYR A 449 -44.16 -55.82 8.05
CA TYR A 449 -42.86 -55.21 8.24
C TYR A 449 -41.84 -55.80 7.28
N GLU A 450 -41.94 -57.10 7.00
CA GLU A 450 -40.99 -57.76 6.12
C GLU A 450 -41.13 -57.26 4.68
N LEU A 451 -42.37 -57.06 4.27
CA LEU A 451 -42.63 -56.57 2.95
C LEU A 451 -42.12 -55.15 2.79
N LEU A 452 -42.36 -54.29 3.78
CA LEU A 452 -41.90 -52.91 3.72
C LEU A 452 -40.37 -52.82 3.71
N ARG A 453 -39.77 -53.65 4.55
CA ARG A 453 -38.32 -53.69 4.65
C ARG A 453 -37.74 -54.16 3.31
N HIS A 454 -38.31 -55.22 2.75
CA HIS A 454 -37.85 -55.75 1.47
C HIS A 454 -37.93 -54.71 0.36
N GLU A 455 -39.05 -54.01 0.28
CA GLU A 455 -39.23 -52.99 -0.74
C GLU A 455 -38.30 -51.80 -0.59
N TRP A 456 -37.93 -51.50 0.64
CA TRP A 456 -37.04 -50.38 0.94
C TRP A 456 -35.60 -50.65 0.48
N TYR A 457 -35.11 -51.87 0.70
CA TYR A 457 -33.77 -52.23 0.26
C TYR A 457 -33.67 -52.16 -1.27
N GLU A 458 -34.73 -52.56 -1.96
CA GLU A 458 -34.68 -52.54 -3.40
C GLU A 458 -34.73 -51.13 -4.00
N LYS A 459 -34.87 -50.11 -3.18
CA LYS A 459 -34.91 -48.75 -3.73
C LYS A 459 -33.52 -48.17 -3.91
N PHE A 460 -32.52 -48.77 -3.27
CA PHE A 460 -31.17 -48.27 -3.39
C PHE A 460 -30.47 -48.93 -4.58
N GLY B 1 -20.48 9.14 8.28
CA GLY B 1 -20.48 9.23 9.76
C GLY B 1 -19.93 7.97 10.40
N GLN B 2 -19.21 7.18 9.62
CA GLN B 2 -18.62 5.94 10.13
C GLN B 2 -17.27 5.71 9.50
N ILE B 3 -16.24 5.52 10.33
CA ILE B 3 -14.90 5.27 9.82
C ILE B 3 -14.78 3.84 9.32
N GLN B 4 -14.48 3.67 8.04
CA GLN B 4 -14.32 2.34 7.46
C GLN B 4 -13.08 1.65 8.00
N ILE B 5 -11.93 2.18 7.63
CA ILE B 5 -10.64 1.64 8.06
C ILE B 5 -9.82 2.70 8.82
N SER B 6 -8.87 2.24 9.63
CA SER B 6 -8.03 3.15 10.40
C SER B 6 -6.66 2.52 10.60
N LYS B 7 -5.83 2.55 9.56
CA LYS B 7 -4.50 1.97 9.61
C LYS B 7 -3.42 3.03 9.92
N HIS B 8 -2.16 2.64 9.95
CA HIS B 8 -1.05 3.56 10.23
C HIS B 8 -0.60 4.23 8.95
N VAL B 9 -0.26 5.51 9.04
CA VAL B 9 0.21 6.26 7.89
C VAL B 9 1.37 5.53 7.24
N LYS B 10 2.14 4.83 8.07
CA LYS B 10 3.31 4.05 7.66
C LYS B 10 2.94 2.91 6.73
N ASP B 11 2.04 2.05 7.24
CA ASP B 11 1.56 0.86 6.53
C ASP B 11 0.91 1.13 5.19
N VAL B 12 0.64 2.40 4.90
CA VAL B 12 0.01 2.75 3.63
C VAL B 12 1.01 3.37 2.66
N GLY B 13 2.09 3.90 3.19
CA GLY B 13 3.10 4.52 2.33
C GLY B 13 2.86 6.01 2.18
N LEU B 14 2.21 6.60 3.18
CA LEU B 14 1.92 8.02 3.19
C LEU B 14 2.64 8.70 4.35
N PRO B 15 3.32 9.82 4.09
CA PRO B 15 4.06 10.58 5.10
C PRO B 15 3.15 11.05 6.21
N SER B 16 3.71 11.23 7.40
CA SER B 16 2.91 11.70 8.51
C SER B 16 2.59 13.17 8.24
N ILE B 17 1.66 13.74 9.01
CA ILE B 17 1.28 15.13 8.80
C ILE B 17 1.64 16.07 9.94
N HIS B 18 2.43 17.08 9.58
CA HIS B 18 2.89 18.09 10.51
C HIS B 18 1.86 19.22 10.62
N THR B 19 1.20 19.30 11.77
CA THR B 19 0.19 20.32 12.01
C THR B 19 0.41 21.03 13.35
N PRO B 20 0.42 22.38 13.35
CA PRO B 20 0.62 23.19 14.56
C PRO B 20 -0.23 22.71 15.74
N THR B 21 0.38 22.64 16.92
CA THR B 21 -0.33 22.18 18.12
C THR B 21 -0.70 23.30 19.08
N LYS B 22 -0.13 24.48 18.87
CA LYS B 22 -0.43 25.62 19.71
C LYS B 22 -1.31 26.63 19.00
N THR B 23 -2.33 27.11 19.70
CA THR B 23 -3.25 28.08 19.16
C THR B 23 -2.62 29.44 18.91
N LYS B 24 -3.08 30.14 17.87
CA LYS B 24 -2.56 31.45 17.53
C LYS B 24 -3.61 32.53 17.80
N LEU B 25 -4.27 32.42 18.94
CA LEU B 25 -5.29 33.38 19.34
C LEU B 25 -4.91 34.01 20.68
N GLN B 26 -4.19 35.12 20.61
CA GLN B 26 -3.76 35.82 21.81
C GLN B 26 -4.71 36.96 22.16
N PRO B 27 -4.82 37.26 23.45
CA PRO B 27 -5.70 38.33 23.94
C PRO B 27 -5.41 39.68 23.29
N SER B 28 -6.46 40.41 22.95
CA SER B 28 -6.28 41.72 22.32
C SER B 28 -6.25 42.81 23.38
N VAL B 29 -5.95 44.03 22.96
CA VAL B 29 -5.89 45.16 23.86
C VAL B 29 -7.26 45.41 24.49
N PHE B 30 -8.28 44.79 23.92
CA PHE B 30 -9.64 44.96 24.43
C PHE B 30 -10.03 43.76 25.27
N TYR B 31 -9.10 42.83 25.45
CA TYR B 31 -9.35 41.62 26.22
C TYR B 31 -10.07 41.91 27.51
N ASP B 32 -9.62 42.95 28.22
CA ASP B 32 -10.21 43.33 29.49
C ASP B 32 -11.17 44.51 29.37
N ILE B 33 -11.50 44.89 28.14
CA ILE B 33 -12.41 46.00 27.91
C ILE B 33 -13.83 45.53 27.62
N PHE B 34 -13.95 44.27 27.23
CA PHE B 34 -15.26 43.71 26.92
C PHE B 34 -15.41 42.39 27.63
N PRO B 35 -16.67 42.01 27.94
CA PRO B 35 -17.05 40.77 28.61
C PRO B 35 -16.79 39.60 27.67
N GLY B 36 -16.56 38.41 28.23
CA GLY B 36 -16.31 37.22 27.42
C GLY B 36 -15.97 35.97 28.22
N SER B 37 -16.04 34.81 27.58
CA SER B 37 -15.74 33.55 28.25
C SER B 37 -15.20 32.52 27.26
N LYS B 38 -15.30 32.83 25.97
CA LYS B 38 -14.83 31.91 24.95
C LYS B 38 -13.30 31.99 24.88
N GLU B 39 -12.66 30.83 24.72
CA GLU B 39 -11.21 30.77 24.64
C GLU B 39 -10.77 29.87 23.50
N PRO B 40 -9.51 30.00 23.04
CA PRO B 40 -8.95 29.20 21.95
C PRO B 40 -9.28 27.72 22.05
N ALA B 41 -9.44 27.10 20.88
CA ALA B 41 -9.77 25.68 20.81
C ALA B 41 -8.60 24.79 21.17
N VAL B 42 -8.88 23.77 21.96
CA VAL B 42 -7.87 22.80 22.36
C VAL B 42 -7.29 22.18 21.10
N LEU B 43 -5.97 22.13 21.01
CA LEU B 43 -5.31 21.56 19.83
C LEU B 43 -4.28 20.49 20.24
N THR B 44 -4.30 20.12 21.52
CA THR B 44 -3.37 19.13 22.06
C THR B 44 -4.03 18.24 23.11
N GLU B 45 -3.58 16.99 23.19
CA GLU B 45 -4.12 16.04 24.15
C GLU B 45 -3.87 16.57 25.56
N LYS B 46 -2.72 17.23 25.71
CA LYS B 46 -2.31 17.80 26.99
C LYS B 46 -2.73 19.26 27.16
N ASP B 47 -3.81 19.48 27.88
CA ASP B 47 -4.31 20.83 28.13
C ASP B 47 -4.99 20.92 29.48
N PRO B 48 -4.66 21.96 30.26
CA PRO B 48 -5.22 22.20 31.59
C PRO B 48 -6.75 22.22 31.61
N ARG B 49 -7.35 22.91 30.65
CA ARG B 49 -8.81 23.02 30.58
C ARG B 49 -9.54 21.74 30.15
N LEU B 50 -8.78 20.75 29.69
CA LEU B 50 -9.38 19.48 29.24
C LEU B 50 -9.79 18.54 30.36
N LYS B 51 -11.10 18.40 30.57
CA LYS B 51 -11.62 17.49 31.59
C LYS B 51 -11.35 16.06 31.14
N VAL B 52 -12.03 15.64 30.08
CA VAL B 52 -11.87 14.30 29.52
C VAL B 52 -10.55 14.28 28.77
N ASP B 53 -10.32 13.25 27.96
CA ASP B 53 -9.07 13.19 27.19
C ASP B 53 -9.32 13.68 25.78
N PHE B 54 -8.32 13.52 24.93
CA PHE B 54 -8.41 14.02 23.56
C PHE B 54 -9.11 13.20 22.47
N ASP B 55 -8.37 12.31 21.83
CA ASP B 55 -8.89 11.51 20.73
C ASP B 55 -10.27 10.85 20.88
N SER B 56 -10.80 10.83 22.09
CA SER B 56 -12.11 10.23 22.31
C SER B 56 -13.18 11.09 21.63
N ALA B 57 -13.31 12.33 22.09
CA ALA B 57 -14.28 13.27 21.55
C ALA B 57 -13.95 13.70 20.12
N LEU B 58 -12.66 13.94 19.86
CA LEU B 58 -12.24 14.36 18.54
C LEU B 58 -12.76 13.44 17.44
N PHE B 59 -12.95 12.18 17.76
CA PHE B 59 -13.45 11.22 16.77
C PHE B 59 -14.84 10.70 17.11
N SER B 60 -15.34 11.06 18.28
CA SER B 60 -16.66 10.63 18.72
C SER B 60 -17.76 11.26 17.86
N LYS B 61 -17.35 12.00 16.84
CA LYS B 61 -18.28 12.66 15.94
C LYS B 61 -18.75 11.68 14.87
N TYR B 62 -18.44 10.40 15.08
CA TYR B 62 -18.82 9.36 14.12
C TYR B 62 -19.59 8.21 14.75
N LYS B 63 -20.89 8.40 14.98
CA LYS B 63 -21.71 7.34 15.57
C LYS B 63 -21.64 6.13 14.66
N GLY B 64 -21.76 6.39 13.36
CA GLY B 64 -21.76 5.35 12.35
C GLY B 64 -22.83 5.78 11.37
N ASN B 65 -23.57 4.83 10.79
CA ASN B 65 -24.63 5.20 9.86
C ASN B 65 -25.89 4.45 10.22
N THR B 66 -26.94 5.21 10.52
CA THR B 66 -28.22 4.62 10.85
C THR B 66 -28.69 3.84 9.64
N GLU B 67 -29.49 2.81 9.89
CA GLU B 67 -30.02 1.97 8.82
C GLU B 67 -31.23 2.60 8.16
N CYS B 68 -31.06 2.96 6.88
CA CYS B 68 -32.14 3.58 6.11
C CYS B 68 -31.72 3.77 4.66
N SER B 69 -32.60 3.39 3.73
CA SER B 69 -32.28 3.54 2.32
C SER B 69 -33.21 4.55 1.68
N LEU B 70 -33.21 4.60 0.35
CA LEU B 70 -34.06 5.52 -0.37
C LEU B 70 -35.53 5.18 -0.19
N ASN B 71 -36.39 6.10 -0.60
CA ASN B 71 -37.83 5.86 -0.52
C ASN B 71 -38.49 6.75 -1.56
N GLU B 72 -39.81 6.65 -1.68
CA GLU B 72 -40.56 7.45 -2.66
C GLU B 72 -40.44 8.92 -2.28
N HIS B 73 -40.57 9.21 -0.99
CA HIS B 73 -40.47 10.58 -0.54
C HIS B 73 -39.16 11.23 -0.94
N ILE B 74 -38.03 10.59 -0.67
CA ILE B 74 -36.75 11.16 -1.04
C ILE B 74 -36.67 11.29 -2.55
N GLN B 75 -37.19 10.30 -3.25
CA GLN B 75 -37.22 10.27 -4.71
C GLN B 75 -38.07 11.41 -5.26
N VAL B 76 -39.18 11.72 -4.59
CA VAL B 76 -40.05 12.81 -5.00
C VAL B 76 -39.36 14.13 -4.74
N ALA B 77 -38.58 14.18 -3.66
CA ALA B 77 -37.86 15.39 -3.31
C ALA B 77 -36.81 15.66 -4.36
N VAL B 78 -36.06 14.62 -4.73
CA VAL B 78 -35.01 14.74 -5.75
C VAL B 78 -35.58 15.28 -7.06
N ALA B 79 -36.67 14.67 -7.51
CA ALA B 79 -37.35 15.06 -8.75
C ALA B 79 -37.78 16.53 -8.74
N HIS B 80 -38.51 16.95 -7.71
CA HIS B 80 -38.95 18.32 -7.64
C HIS B 80 -37.79 19.31 -7.63
N TYR B 81 -36.84 19.11 -6.74
CA TYR B 81 -35.73 20.03 -6.72
C TYR B 81 -34.97 19.95 -8.08
N SER B 82 -34.85 18.76 -8.68
CA SER B 82 -34.18 18.66 -9.99
C SER B 82 -34.85 19.55 -11.04
N ALA B 83 -36.18 19.52 -11.06
CA ALA B 83 -36.99 20.28 -12.00
C ALA B 83 -36.92 21.80 -11.78
N GLN B 84 -36.79 22.19 -10.52
CA GLN B 84 -36.72 23.60 -10.18
C GLN B 84 -35.36 24.13 -10.63
N LEU B 85 -34.31 23.35 -10.41
CA LEU B 85 -32.98 23.78 -10.83
C LEU B 85 -32.87 23.79 -12.36
N ALA B 86 -33.59 22.88 -13.04
CA ALA B 86 -33.57 22.84 -14.49
C ALA B 86 -33.96 24.18 -15.09
N THR B 87 -34.77 24.95 -14.37
CA THR B 87 -35.22 26.26 -14.87
C THR B 87 -34.07 27.26 -14.89
N LEU B 88 -32.96 26.86 -14.29
CA LEU B 88 -31.79 27.74 -14.24
C LEU B 88 -31.01 27.69 -15.56
N ASP B 89 -31.30 26.68 -16.37
CA ASP B 89 -30.64 26.53 -17.68
C ASP B 89 -29.12 26.64 -17.52
N ILE B 90 -28.57 25.72 -16.73
CA ILE B 90 -27.14 25.69 -16.46
C ILE B 90 -26.40 24.87 -17.52
N ASP B 91 -25.32 25.45 -18.03
CA ASP B 91 -24.52 24.78 -19.03
C ASP B 91 -23.65 23.74 -18.33
N PRO B 92 -23.88 22.44 -18.60
CA PRO B 92 -23.14 21.32 -18.01
C PRO B 92 -21.69 21.17 -18.47
N GLN B 93 -21.26 21.97 -19.43
CA GLN B 93 -19.90 21.85 -19.92
C GLN B 93 -18.86 22.30 -18.91
N PRO B 94 -17.70 21.64 -18.88
CA PRO B 94 -16.66 22.03 -17.93
C PRO B 94 -16.18 23.44 -18.20
N ILE B 95 -15.46 24.04 -17.25
CA ILE B 95 -14.95 25.38 -17.45
C ILE B 95 -13.46 25.30 -17.67
N ALA B 96 -12.91 26.31 -18.35
CA ALA B 96 -11.48 26.35 -18.63
C ALA B 96 -10.68 26.34 -17.34
N MSE B 97 -9.62 25.55 -17.31
CA MSE B 97 -8.78 25.48 -16.14
C MSE B 97 -8.34 26.86 -15.67
O MSE B 97 -8.21 27.12 -14.47
CB MSE B 97 -7.53 24.67 -16.44
CG MSE B 97 -6.37 25.10 -15.60
SE MSE B 97 -5.18 23.67 -15.26
CE MSE B 97 -6.49 22.32 -14.78
N GLU B 98 -8.11 27.77 -16.61
CA GLU B 98 -7.69 29.12 -16.28
C GLU B 98 -8.70 29.81 -15.38
N ASP B 99 -9.98 29.51 -15.59
CA ASP B 99 -11.03 30.12 -14.79
C ASP B 99 -11.16 29.43 -13.44
N SER B 100 -10.76 28.16 -13.39
CA SER B 100 -10.84 27.42 -12.14
C SER B 100 -9.75 27.90 -11.18
N VAL B 101 -8.83 28.71 -11.70
CA VAL B 101 -7.73 29.23 -10.88
C VAL B 101 -7.87 30.72 -10.60
N PHE B 102 -8.08 31.50 -11.66
CA PHE B 102 -8.23 32.94 -11.56
C PHE B 102 -9.69 33.37 -11.52
N GLY B 103 -10.58 32.40 -11.42
CA GLY B 103 -11.99 32.72 -11.35
C GLY B 103 -12.65 33.15 -12.65
N MSE B 104 -13.94 33.43 -12.53
CA MSE B 104 -14.75 33.87 -13.65
C MSE B 104 -16.00 34.49 -13.06
O MSE B 104 -16.14 34.64 -11.85
CB MSE B 104 -15.14 32.68 -14.55
CG MSE B 104 -16.00 31.63 -13.85
SE MSE B 104 -16.65 30.22 -15.05
CE MSE B 104 -18.42 30.94 -15.42
N ASP B 105 -16.91 34.88 -13.95
CA ASP B 105 -18.16 35.49 -13.55
C ASP B 105 -18.92 34.58 -12.59
N GLY B 106 -18.83 34.87 -11.28
CA GLY B 106 -19.53 34.06 -10.29
C GLY B 106 -18.69 33.05 -9.55
N LEU B 107 -17.39 33.05 -9.82
CA LEU B 107 -16.47 32.13 -9.18
C LEU B 107 -15.20 32.89 -8.83
N GLU B 108 -14.88 32.94 -7.55
CA GLU B 108 -13.71 33.65 -7.10
C GLU B 108 -12.42 32.90 -7.39
N ALA B 109 -11.37 33.68 -7.68
CA ALA B 109 -10.07 33.10 -7.96
C ALA B 109 -9.64 32.30 -6.75
N LEU B 110 -8.94 31.19 -7.00
CA LEU B 110 -8.46 30.36 -5.90
C LEU B 110 -7.56 31.16 -4.98
N ASP B 111 -7.74 30.97 -3.67
CA ASP B 111 -6.94 31.66 -2.66
C ASP B 111 -5.53 31.08 -2.75
N LEU B 112 -4.54 31.91 -2.99
CA LEU B 112 -3.17 31.42 -3.11
C LEU B 112 -2.40 31.42 -1.79
N ASN B 113 -3.11 31.60 -0.69
CA ASN B 113 -2.48 31.63 0.63
C ASN B 113 -2.86 30.41 1.46
N THR B 114 -3.90 29.69 1.05
CA THR B 114 -4.34 28.50 1.77
C THR B 114 -3.43 27.30 1.47
N SER B 115 -3.52 26.28 2.31
CA SER B 115 -2.71 25.07 2.13
C SER B 115 -2.96 24.41 0.78
N ALA B 116 -1.89 23.93 0.15
CA ALA B 116 -2.03 23.29 -1.15
C ALA B 116 -2.45 21.84 -1.01
N GLY B 117 -2.48 21.34 0.23
CA GLY B 117 -2.88 19.96 0.47
C GLY B 117 -1.86 18.93 0.04
N TYR B 118 -2.19 17.65 0.22
CA TYR B 118 -1.30 16.56 -0.14
C TYR B 118 -1.05 16.51 -1.64
N PRO B 119 0.18 16.20 -2.07
CA PRO B 119 1.32 15.92 -1.19
C PRO B 119 2.26 17.12 -1.11
N TYR B 120 1.82 18.25 -1.66
CA TYR B 120 2.61 19.46 -1.67
C TYR B 120 3.02 19.92 -0.27
N VAL B 121 2.24 19.55 0.73
CA VAL B 121 2.54 19.95 2.10
C VAL B 121 3.85 19.33 2.59
N THR B 122 4.14 18.13 2.14
CA THR B 122 5.36 17.44 2.54
C THR B 122 6.41 17.56 1.44
N LEU B 123 6.47 18.72 0.80
CA LEU B 123 7.42 18.95 -0.28
C LEU B 123 7.86 20.41 -0.27
N GLY B 124 7.19 21.21 0.55
CA GLY B 124 7.51 22.62 0.62
C GLY B 124 6.99 23.38 -0.58
N ILE B 125 5.98 22.83 -1.25
CA ILE B 125 5.42 23.49 -2.40
C ILE B 125 4.10 24.19 -2.05
N LYS B 126 4.08 25.50 -2.26
CA LYS B 126 2.92 26.34 -1.98
C LYS B 126 2.19 26.60 -3.29
N LYS B 127 0.95 27.06 -3.21
CA LYS B 127 0.17 27.35 -4.40
C LYS B 127 0.91 28.35 -5.27
N LYS B 128 1.65 29.25 -4.62
CA LYS B 128 2.41 30.26 -5.35
C LYS B 128 3.56 29.65 -6.15
N ASP B 129 3.91 28.40 -5.82
CA ASP B 129 4.98 27.70 -6.52
C ASP B 129 4.45 27.03 -7.79
N LEU B 130 3.13 26.86 -7.84
CA LEU B 130 2.45 26.25 -8.98
C LEU B 130 1.76 27.29 -9.84
N ILE B 131 1.32 28.37 -9.21
CA ILE B 131 0.61 29.43 -9.89
C ILE B 131 1.27 30.81 -9.73
N ASN B 132 1.43 31.54 -10.83
CA ASN B 132 2.01 32.88 -10.80
C ASN B 132 0.90 33.88 -11.08
N ASN B 133 0.35 34.46 -10.02
CA ASN B 133 -0.75 35.42 -10.15
C ASN B 133 -0.34 36.70 -10.82
N LYS B 134 0.96 36.87 -11.03
CA LYS B 134 1.47 38.09 -11.67
C LYS B 134 1.49 37.94 -13.18
N THR B 135 1.89 36.77 -13.65
CA THR B 135 1.97 36.49 -15.08
C THR B 135 0.86 35.54 -15.56
N LYS B 136 -0.03 35.20 -14.64
CA LYS B 136 -1.15 34.28 -14.90
C LYS B 136 -0.66 32.98 -15.49
N ASP B 137 0.57 32.59 -15.15
CA ASP B 137 1.15 31.35 -15.65
C ASP B 137 0.87 30.19 -14.71
N ILE B 138 0.23 29.16 -15.25
CA ILE B 138 -0.14 27.98 -14.47
C ILE B 138 0.54 26.74 -15.02
N SER B 139 1.49 26.95 -15.93
CA SER B 139 2.24 25.85 -16.54
C SER B 139 2.74 24.86 -15.51
N LYS B 140 3.40 25.35 -14.46
CA LYS B 140 3.92 24.47 -13.42
C LYS B 140 2.79 23.65 -12.81
N LEU B 141 1.62 24.27 -12.68
CA LEU B 141 0.46 23.60 -12.11
C LEU B 141 0.01 22.42 -12.96
N LYS B 142 -0.05 22.62 -14.28
CA LYS B 142 -0.48 21.55 -15.17
C LYS B 142 0.37 20.30 -15.00
N LEU B 143 1.68 20.50 -14.81
CA LEU B 143 2.59 19.38 -14.62
C LEU B 143 2.29 18.64 -13.31
N ALA B 144 2.17 19.40 -12.23
CA ALA B 144 1.89 18.84 -10.92
C ALA B 144 0.60 18.02 -10.95
N LEU B 145 -0.37 18.47 -11.73
CA LEU B 145 -1.64 17.75 -11.85
C LEU B 145 -1.40 16.37 -12.46
N ASP B 146 -0.89 16.33 -13.68
CA ASP B 146 -0.61 15.06 -14.35
C ASP B 146 0.33 14.19 -13.51
N LYS B 147 1.29 14.81 -12.85
CA LYS B 147 2.24 14.07 -12.04
C LYS B 147 1.60 13.36 -10.86
N TYR B 148 0.71 14.05 -10.16
CA TYR B 148 0.07 13.43 -9.01
C TYR B 148 -1.38 13.00 -9.25
N ASP B 149 -1.95 13.49 -10.35
CA ASP B 149 -3.32 13.18 -10.73
C ASP B 149 -4.32 13.65 -9.68
N VAL B 150 -5.48 13.01 -9.64
CA VAL B 150 -6.52 13.38 -8.70
C VAL B 150 -6.86 12.27 -7.72
N ASP B 151 -7.84 12.55 -6.88
CA ASP B 151 -8.29 11.62 -5.86
C ASP B 151 -7.25 11.39 -4.79
N LEU B 152 -6.63 12.47 -4.36
CA LEU B 152 -5.59 12.46 -3.34
C LEU B 152 -6.21 12.65 -1.96
N PRO B 153 -5.60 12.05 -0.93
CA PRO B 153 -6.05 12.11 0.47
C PRO B 153 -6.28 13.55 0.97
N MSE B 154 -7.08 13.69 2.02
CA MSE B 154 -7.38 14.98 2.63
C MSE B 154 -6.67 15.13 3.95
O MSE B 154 -6.75 14.27 4.83
CB MSE B 154 -8.89 15.13 2.86
CG MSE B 154 -9.69 15.53 1.62
SE MSE B 154 -11.65 15.53 1.90
CE MSE B 154 -12.15 14.34 0.44
N ILE B 155 -5.96 16.26 4.11
CA ILE B 155 -5.23 16.51 5.33
C ILE B 155 -6.20 17.05 6.38
N THR B 156 -6.32 16.33 7.49
CA THR B 156 -7.23 16.73 8.54
C THR B 156 -6.62 17.63 9.58
N PHE B 157 -6.71 18.94 9.36
CA PHE B 157 -6.17 19.93 10.29
C PHE B 157 -7.22 20.29 11.34
N LEU B 158 -6.78 20.91 12.42
CA LEU B 158 -7.72 21.32 13.46
C LEU B 158 -8.06 22.79 13.31
N LYS B 159 -9.31 23.12 13.58
CA LYS B 159 -9.80 24.49 13.47
C LYS B 159 -9.39 25.33 14.67
N ASP B 160 -8.55 26.34 14.42
CA ASP B 160 -8.08 27.24 15.47
C ASP B 160 -9.09 28.40 15.58
N GLU B 161 -10.02 28.28 16.53
CA GLU B 161 -11.06 29.28 16.72
C GLU B 161 -11.50 29.38 18.18
N LEU B 162 -12.21 30.44 18.50
CA LEU B 162 -12.71 30.60 19.87
C LEU B 162 -13.91 29.72 20.07
N ARG B 163 -14.08 29.20 21.27
CA ARG B 163 -15.20 28.33 21.56
C ARG B 163 -15.73 28.60 22.95
N LYS B 164 -16.98 28.20 23.19
CA LYS B 164 -17.63 28.40 24.48
C LYS B 164 -16.96 27.52 25.55
N LYS B 165 -17.27 27.81 26.80
CA LYS B 165 -16.70 27.05 27.92
C LYS B 165 -17.23 25.62 27.98
N ASP B 166 -18.53 25.47 27.76
CA ASP B 166 -19.17 24.16 27.80
C ASP B 166 -18.70 23.27 26.65
N LYS B 167 -17.76 23.77 25.86
CA LYS B 167 -17.22 23.01 24.73
C LYS B 167 -15.72 22.77 24.94
N ILE B 168 -15.12 23.52 25.85
CA ILE B 168 -13.69 23.39 26.15
C ILE B 168 -13.47 22.28 27.16
N ALA B 169 -14.38 22.19 28.13
CA ALA B 169 -14.30 21.17 29.16
C ALA B 169 -14.70 19.81 28.59
N ALA B 170 -14.92 19.76 27.29
CA ALA B 170 -15.30 18.52 26.64
C ALA B 170 -14.36 18.21 25.48
N GLY B 171 -13.52 19.17 25.11
CA GLY B 171 -12.59 18.96 24.03
C GLY B 171 -13.24 18.87 22.66
N LYS B 172 -14.45 19.40 22.53
CA LYS B 172 -15.19 19.37 21.28
C LYS B 172 -14.64 20.40 20.28
N THR B 173 -13.51 20.09 19.67
CA THR B 173 -12.86 20.95 18.69
C THR B 173 -13.24 20.57 17.27
N ARG B 174 -13.80 21.52 16.53
CA ARG B 174 -14.21 21.26 15.15
C ARG B 174 -12.98 20.96 14.30
N VAL B 175 -13.13 20.03 13.35
CA VAL B 175 -12.01 19.65 12.50
C VAL B 175 -12.23 20.10 11.06
N ILE B 176 -11.14 20.31 10.35
CA ILE B 176 -11.20 20.76 8.96
C ILE B 176 -10.52 19.79 8.01
N GLU B 177 -11.07 19.65 6.82
CA GLU B 177 -10.50 18.75 5.83
C GLU B 177 -9.85 19.50 4.69
N ALA B 178 -8.55 19.73 4.77
CA ALA B 178 -7.84 20.42 3.70
C ALA B 178 -7.67 19.50 2.50
N SER B 179 -8.32 19.84 1.39
CA SER B 179 -8.24 19.03 0.17
C SER B 179 -7.08 19.47 -0.74
N SER B 180 -6.52 18.52 -1.46
CA SER B 180 -5.42 18.79 -2.38
C SER B 180 -5.86 19.81 -3.43
N ILE B 181 -4.93 20.64 -3.89
CA ILE B 181 -5.27 21.64 -4.89
C ILE B 181 -5.70 20.96 -6.19
N ASN B 182 -5.25 19.72 -6.36
CA ASN B 182 -5.57 18.95 -7.55
C ASN B 182 -7.05 18.58 -7.56
N ASP B 183 -7.56 18.12 -6.42
CA ASP B 183 -8.97 17.76 -6.32
C ASP B 183 -9.86 19.00 -6.42
N THR B 184 -9.37 20.14 -5.91
CA THR B 184 -10.11 21.40 -5.98
C THR B 184 -10.23 21.86 -7.42
N ILE B 185 -9.16 21.72 -8.18
CA ILE B 185 -9.13 22.10 -9.59
C ILE B 185 -10.06 21.19 -10.39
N LEU B 186 -10.19 19.94 -9.96
CA LEU B 186 -11.04 19.00 -10.65
C LEU B 186 -12.50 19.39 -10.44
N PHE B 187 -12.90 19.46 -9.18
CA PHE B 187 -14.26 19.83 -8.85
C PHE B 187 -14.62 21.16 -9.48
N ARG B 188 -13.70 22.10 -9.48
CA ARG B 188 -14.05 23.37 -10.08
C ARG B 188 -14.26 23.27 -11.59
N THR B 189 -13.37 22.55 -12.28
CA THR B 189 -13.50 22.43 -13.72
C THR B 189 -14.81 21.76 -14.10
N VAL B 190 -15.14 20.68 -13.42
CA VAL B 190 -16.37 19.94 -13.69
C VAL B 190 -17.65 20.72 -13.35
N TYR B 191 -17.79 21.05 -12.07
CA TYR B 191 -18.97 21.75 -11.57
C TYR B 191 -18.90 23.25 -11.63
N GLY B 192 -17.87 23.78 -12.27
CA GLY B 192 -17.69 25.21 -12.37
C GLY B 192 -18.92 26.03 -12.75
N ASN B 193 -19.71 25.54 -13.70
CA ASN B 193 -20.89 26.28 -14.10
C ASN B 193 -22.05 26.15 -13.10
N LEU B 194 -22.05 25.07 -12.34
CA LEU B 194 -23.08 24.89 -11.33
C LEU B 194 -22.73 25.86 -10.19
N PHE B 195 -21.48 25.85 -9.75
CA PHE B 195 -21.04 26.76 -8.71
C PHE B 195 -21.31 28.21 -9.04
N SER B 196 -21.05 28.61 -10.28
CA SER B 196 -21.26 30.00 -10.65
C SER B 196 -22.74 30.40 -10.70
N LYS B 197 -23.55 29.57 -11.33
CA LYS B 197 -24.96 29.86 -11.42
C LYS B 197 -25.55 30.03 -10.00
N PHE B 198 -25.17 29.14 -9.08
CA PHE B 198 -25.63 29.23 -7.71
C PHE B 198 -25.19 30.55 -7.06
N HIS B 199 -23.89 30.87 -7.13
CA HIS B 199 -23.37 32.08 -6.54
C HIS B 199 -24.02 33.35 -7.04
N LEU B 200 -24.44 33.37 -8.30
CA LEU B 200 -25.05 34.57 -8.87
C LEU B 200 -26.56 34.53 -8.68
N ASN B 201 -27.08 33.44 -8.14
CA ASN B 201 -28.51 33.37 -7.98
C ASN B 201 -29.08 32.98 -6.59
N PRO B 202 -28.58 33.62 -5.53
CA PRO B 202 -28.99 33.43 -4.12
C PRO B 202 -30.50 33.55 -4.11
N GLY B 203 -31.22 32.54 -3.65
CA GLY B 203 -32.65 32.72 -3.65
C GLY B 203 -33.38 31.42 -3.53
N VAL B 204 -34.69 31.47 -3.77
CA VAL B 204 -35.49 30.28 -3.66
C VAL B 204 -35.63 29.40 -4.90
N VAL B 205 -34.90 29.73 -5.97
CA VAL B 205 -34.91 28.87 -7.13
C VAL B 205 -33.70 27.93 -6.91
N THR B 206 -32.53 28.47 -6.58
CA THR B 206 -31.39 27.58 -6.29
C THR B 206 -31.57 26.92 -4.92
N GLY B 207 -32.38 27.56 -4.07
CA GLY B 207 -32.60 27.05 -2.73
C GLY B 207 -31.35 27.30 -1.91
N CYS B 208 -30.51 28.21 -2.39
CA CYS B 208 -29.25 28.46 -1.72
C CYS B 208 -28.92 29.93 -1.44
N ALA B 209 -28.00 30.20 -0.52
CA ALA B 209 -27.65 31.58 -0.20
C ALA B 209 -26.16 31.82 -0.33
N VAL B 210 -25.43 30.74 -0.58
CA VAL B 210 -23.98 30.84 -0.75
C VAL B 210 -23.75 31.88 -1.85
N GLY B 211 -22.87 32.81 -1.54
CA GLY B 211 -22.59 33.88 -2.47
C GLY B 211 -23.46 35.12 -2.24
N CYS B 212 -24.37 35.08 -1.27
CA CYS B 212 -25.21 36.26 -1.06
C CYS B 212 -24.43 37.31 -0.26
N ASP B 213 -24.89 38.55 -0.36
CA ASP B 213 -24.33 39.65 0.39
C ASP B 213 -25.51 40.00 1.30
N PRO B 214 -25.42 39.61 2.59
CA PRO B 214 -26.47 39.85 3.58
C PRO B 214 -27.01 41.28 3.63
N GLU B 215 -26.12 42.24 3.48
CA GLU B 215 -26.56 43.62 3.50
C GLU B 215 -27.68 43.91 2.52
N THR B 216 -27.68 43.25 1.37
CA THR B 216 -28.75 43.48 0.42
C THR B 216 -29.71 42.30 0.30
N PHE B 217 -29.20 41.10 0.56
CA PHE B 217 -30.04 39.91 0.43
C PHE B 217 -31.15 39.82 1.50
N TRP B 218 -30.94 40.41 2.67
CA TRP B 218 -31.97 40.37 3.71
C TRP B 218 -33.29 41.02 3.27
N SER B 219 -33.20 42.08 2.47
CA SER B 219 -34.38 42.79 1.98
C SER B 219 -35.18 41.93 1.00
N LYS B 220 -34.54 40.94 0.38
CA LYS B 220 -35.25 40.09 -0.58
C LYS B 220 -35.88 38.86 0.05
N ILE B 221 -35.30 38.39 1.14
CA ILE B 221 -35.81 37.18 1.77
C ILE B 221 -37.32 37.15 2.04
N PRO B 222 -37.84 38.14 2.76
CA PRO B 222 -39.28 38.13 3.04
C PRO B 222 -40.14 37.97 1.80
N LEU B 223 -39.72 38.57 0.69
CA LEU B 223 -40.47 38.46 -0.57
C LEU B 223 -40.35 37.06 -1.16
N MSE B 224 -39.19 36.43 -1.06
CA MSE B 224 -39.01 35.09 -1.62
C MSE B 224 -39.73 34.01 -0.85
O MSE B 224 -40.24 33.05 -1.42
CB MSE B 224 -37.55 34.71 -1.70
CG MSE B 224 -36.73 35.50 -2.67
SE MSE B 224 -34.93 35.51 -2.05
CE MSE B 224 -34.12 36.09 -3.73
N LEU B 225 -39.72 34.14 0.48
CA LEU B 225 -40.36 33.17 1.36
C LEU B 225 -41.72 33.76 1.64
N ASP B 226 -42.56 33.79 0.61
CA ASP B 226 -43.90 34.33 0.70
C ASP B 226 -44.87 33.32 1.29
N GLY B 227 -44.87 33.19 2.62
CA GLY B 227 -45.77 32.23 3.23
C GLY B 227 -46.31 32.67 4.56
N ASP B 228 -47.42 32.06 4.96
CA ASP B 228 -48.07 32.35 6.22
C ASP B 228 -47.42 31.52 7.32
N CYS B 229 -46.11 31.27 7.18
CA CYS B 229 -45.41 30.46 8.17
C CYS B 229 -43.94 30.34 7.84
N ILE B 230 -43.10 31.10 8.55
CA ILE B 230 -41.67 31.02 8.32
C ILE B 230 -41.10 30.09 9.37
N MSE B 231 -40.22 29.17 8.95
CA MSE B 231 -39.65 28.20 9.88
C MSE B 231 -38.13 28.09 9.81
O MSE B 231 -37.51 28.58 8.86
CB MSE B 231 -40.28 26.84 9.61
CG MSE B 231 -41.80 26.83 9.76
SE MSE B 231 -42.65 25.25 9.04
CE MSE B 231 -43.01 25.86 7.23
N ALA B 232 -37.54 27.46 10.80
CA ALA B 232 -36.09 27.27 10.87
C ALA B 232 -35.76 26.35 12.03
N PHE B 233 -34.52 25.90 12.09
CA PHE B 233 -34.09 25.04 13.18
C PHE B 233 -32.61 24.79 13.07
N ASP B 234 -32.05 24.16 14.11
CA ASP B 234 -30.62 23.87 14.12
C ASP B 234 -30.33 22.40 14.00
N TYR B 235 -29.18 22.08 13.42
CA TYR B 235 -28.75 20.69 13.27
C TYR B 235 -27.65 20.37 14.27
N THR B 236 -27.71 19.18 14.84
CA THR B 236 -26.67 18.77 15.78
C THR B 236 -25.67 17.95 14.95
N ASN B 237 -24.52 18.53 14.66
CA ASN B 237 -23.50 17.83 13.88
C ASN B 237 -24.02 17.44 12.51
N TYR B 238 -24.40 18.44 11.72
CA TYR B 238 -24.93 18.21 10.39
C TYR B 238 -23.94 17.45 9.50
N ASP B 239 -22.78 18.05 9.30
CA ASP B 239 -21.73 17.47 8.48
C ASP B 239 -21.51 15.99 8.74
N GLY B 240 -21.37 15.63 10.01
CA GLY B 240 -21.15 14.25 10.36
C GLY B 240 -22.41 13.47 10.69
N SER B 241 -23.46 13.70 9.91
CA SER B 241 -24.75 13.01 10.10
C SER B 241 -25.39 12.72 8.75
N ILE B 242 -24.76 13.20 7.68
CA ILE B 242 -25.28 12.97 6.35
C ILE B 242 -25.04 11.52 5.97
N HIS B 243 -26.13 10.77 5.92
CA HIS B 243 -26.09 9.37 5.55
C HIS B 243 -25.76 9.29 4.07
N PRO B 244 -25.19 8.16 3.62
CA PRO B 244 -24.83 7.95 2.21
C PRO B 244 -25.98 8.11 1.22
N ILE B 245 -27.22 7.87 1.66
CA ILE B 245 -28.35 8.01 0.75
C ILE B 245 -28.49 9.44 0.24
N TRP B 246 -28.18 10.41 1.10
CA TRP B 246 -28.29 11.81 0.70
C TRP B 246 -27.30 12.14 -0.40
N PHE B 247 -26.18 11.41 -0.41
CA PHE B 247 -25.20 11.64 -1.46
C PHE B 247 -25.73 11.03 -2.74
N LYS B 248 -26.41 9.89 -2.64
CA LYS B 248 -26.96 9.27 -3.82
C LYS B 248 -28.02 10.20 -4.40
N ALA B 249 -28.87 10.72 -3.51
CA ALA B 249 -29.94 11.65 -3.90
C ALA B 249 -29.31 12.83 -4.59
N LEU B 250 -28.27 13.39 -3.99
CA LEU B 250 -27.57 14.51 -4.59
C LEU B 250 -27.11 14.11 -5.99
N GLY B 251 -26.50 12.93 -6.10
CA GLY B 251 -26.01 12.45 -7.39
C GLY B 251 -27.10 12.49 -8.45
N MSE B 252 -28.25 11.94 -8.08
CA MSE B 252 -29.40 11.90 -8.97
C MSE B 252 -29.78 13.31 -9.44
O MSE B 252 -30.03 13.52 -10.63
CB MSE B 252 -30.58 11.23 -8.24
CG MSE B 252 -30.24 9.82 -7.77
SE MSE B 252 -31.75 8.92 -6.92
CE MSE B 252 -32.83 8.66 -8.54
N VAL B 253 -29.79 14.28 -8.53
CA VAL B 253 -30.10 15.66 -8.91
C VAL B 253 -29.10 16.19 -9.94
N LEU B 254 -27.81 15.96 -9.71
CA LEU B 254 -26.77 16.42 -10.65
C LEU B 254 -26.93 15.72 -11.99
N ASP B 255 -27.25 14.43 -11.94
CA ASP B 255 -27.46 13.65 -13.16
C ASP B 255 -28.60 14.30 -13.95
N ASN B 256 -29.73 14.57 -13.29
CA ASN B 256 -30.86 15.20 -13.97
C ASN B 256 -30.49 16.57 -14.55
N LEU B 257 -29.37 17.13 -14.10
CA LEU B 257 -28.93 18.42 -14.59
C LEU B 257 -27.79 18.22 -15.59
N SER B 258 -27.42 16.96 -15.80
CA SER B 258 -26.35 16.60 -16.73
C SER B 258 -24.95 16.89 -16.20
N PHE B 259 -24.73 16.64 -14.91
CA PHE B 259 -23.42 16.84 -14.32
C PHE B 259 -22.93 15.49 -13.79
N ASN B 260 -21.63 15.41 -13.57
CA ASN B 260 -20.99 14.20 -13.07
C ASN B 260 -21.66 13.79 -11.77
N PRO B 261 -22.35 12.64 -11.77
CA PRO B 261 -23.06 12.06 -10.62
C PRO B 261 -22.21 11.32 -9.62
N THR B 262 -21.00 10.94 -10.04
CA THR B 262 -20.13 10.15 -9.19
C THR B 262 -19.00 10.87 -8.48
N LEU B 263 -18.52 11.96 -9.07
CA LEU B 263 -17.43 12.71 -8.47
C LEU B 263 -17.72 13.01 -7.00
N ILE B 264 -18.96 13.35 -6.66
CA ILE B 264 -19.31 13.67 -5.28
C ILE B 264 -19.18 12.49 -4.32
N ASN B 265 -18.93 11.29 -4.85
CA ASN B 265 -18.77 10.12 -4.00
C ASN B 265 -17.47 10.18 -3.21
N ARG B 266 -16.49 10.87 -3.78
CA ARG B 266 -15.19 11.04 -3.15
C ARG B 266 -15.34 11.89 -1.90
N LEU B 267 -16.55 12.39 -1.68
CA LEU B 267 -16.87 13.19 -0.50
C LEU B 267 -17.61 12.29 0.46
N CYS B 268 -18.44 11.40 -0.07
CA CYS B 268 -19.19 10.47 0.77
C CYS B 268 -18.19 9.50 1.41
N ASN B 269 -17.33 8.89 0.58
CA ASN B 269 -16.31 7.96 1.06
C ASN B 269 -14.97 8.68 0.88
N SER B 270 -14.57 9.46 1.88
CA SER B 270 -13.35 10.24 1.78
C SER B 270 -12.12 9.66 2.47
N LYS B 271 -10.96 9.84 1.83
CA LYS B 271 -9.70 9.37 2.39
C LYS B 271 -9.04 10.48 3.20
N HIS B 272 -8.88 10.28 4.50
CA HIS B 272 -8.28 11.30 5.35
C HIS B 272 -6.90 10.91 5.88
N ILE B 273 -6.21 11.89 6.47
CA ILE B 273 -4.90 11.69 7.06
C ILE B 273 -4.78 12.69 8.18
N PHE B 274 -4.82 12.21 9.41
CA PHE B 274 -4.72 13.08 10.56
C PHE B 274 -3.24 13.22 10.97
N LYS B 275 -2.93 12.98 12.24
CA LYS B 275 -1.54 13.11 12.68
C LYS B 275 -0.68 12.01 12.05
N SER B 276 -0.54 10.91 12.76
CA SER B 276 0.23 9.76 12.29
C SER B 276 -0.74 8.61 12.09
N THR B 277 -1.94 8.95 11.61
CA THR B 277 -2.99 7.96 11.37
C THR B 277 -3.66 8.16 10.02
N TYR B 278 -4.26 7.09 9.51
CA TYR B 278 -4.96 7.14 8.23
C TYR B 278 -6.33 6.54 8.46
N TYR B 279 -7.33 7.01 7.72
CA TYR B 279 -8.68 6.50 7.89
C TYR B 279 -9.62 6.97 6.80
N GLU B 280 -10.43 6.04 6.31
CA GLU B 280 -11.42 6.35 5.28
C GLU B 280 -12.78 6.44 5.97
N VAL B 281 -13.59 7.39 5.52
CA VAL B 281 -14.91 7.57 6.11
C VAL B 281 -16.03 7.21 5.14
N GLU B 282 -17.14 6.73 5.69
CA GLU B 282 -18.32 6.35 4.92
C GLU B 282 -19.49 7.18 5.41
N GLY B 283 -19.74 8.29 4.71
CA GLY B 283 -20.83 9.17 5.10
C GLY B 283 -20.30 10.53 5.54
N GLY B 284 -21.20 11.40 5.97
CA GLY B 284 -20.81 12.73 6.40
C GLY B 284 -20.19 13.55 5.29
N VAL B 285 -20.08 14.85 5.49
CA VAL B 285 -19.47 15.71 4.47
C VAL B 285 -18.17 16.29 5.01
N PRO B 286 -17.11 16.26 4.20
CA PRO B 286 -15.82 16.79 4.63
C PRO B 286 -15.91 18.27 4.97
N SER B 287 -15.90 18.58 6.27
CA SER B 287 -15.99 19.96 6.73
C SER B 287 -14.96 20.86 6.04
N GLY B 288 -15.43 21.73 5.16
CA GLY B 288 -14.54 22.64 4.45
C GLY B 288 -13.80 22.00 3.30
N CYS B 289 -14.31 22.19 2.08
CA CYS B 289 -13.67 21.65 0.89
C CYS B 289 -13.89 22.62 -0.27
N SER B 290 -13.79 22.11 -1.49
CA SER B 290 -13.99 22.94 -2.67
C SER B 290 -15.41 23.49 -2.71
N GLY B 291 -16.32 22.69 -3.25
CA GLY B 291 -17.71 23.12 -3.34
C GLY B 291 -18.55 22.45 -2.29
N THR B 292 -18.02 22.40 -1.08
CA THR B 292 -18.75 21.77 0.01
C THR B 292 -20.00 22.59 0.39
N SER B 293 -19.89 23.92 0.37
CA SER B 293 -21.03 24.77 0.71
C SER B 293 -22.27 24.53 -0.16
N ILE B 294 -22.07 24.55 -1.47
CA ILE B 294 -23.18 24.33 -2.41
C ILE B 294 -23.77 22.92 -2.22
N PHE B 295 -22.91 21.93 -2.01
CA PHE B 295 -23.40 20.57 -1.86
C PHE B 295 -24.22 20.37 -0.60
N ASN B 296 -23.76 20.97 0.50
CA ASN B 296 -24.49 20.88 1.75
C ASN B 296 -25.85 21.57 1.57
N SER B 297 -25.89 22.75 0.95
CA SER B 297 -27.17 23.42 0.76
C SER B 297 -28.09 22.56 -0.10
N MSE B 298 -27.55 21.96 -1.16
CA MSE B 298 -28.37 21.12 -2.03
C MSE B 298 -28.88 19.93 -1.24
O MSE B 298 -30.02 19.51 -1.39
CB MSE B 298 -27.57 20.64 -3.24
CG MSE B 298 -27.28 21.74 -4.24
SE MSE B 298 -26.13 21.20 -5.70
CE MSE B 298 -27.48 20.42 -6.86
N ILE B 299 -28.03 19.38 -0.37
CA ILE B 299 -28.45 18.25 0.42
C ILE B 299 -29.57 18.64 1.38
N ASN B 300 -29.46 19.80 2.02
CA ASN B 300 -30.50 20.25 2.94
C ASN B 300 -31.80 20.43 2.17
N ASN B 301 -31.70 20.94 0.95
CA ASN B 301 -32.88 21.14 0.11
C ASN B 301 -33.64 19.84 -0.06
N ILE B 302 -32.90 18.75 -0.23
CA ILE B 302 -33.52 17.45 -0.40
C ILE B 302 -34.14 16.95 0.90
N ILE B 303 -33.40 17.12 1.98
CA ILE B 303 -33.84 16.73 3.32
C ILE B 303 -35.11 17.47 3.76
N ILE B 304 -35.12 18.79 3.64
CA ILE B 304 -36.30 19.52 4.10
C ILE B 304 -37.51 18.99 3.36
N ARG B 305 -37.35 18.84 2.06
CA ARG B 305 -38.43 18.35 1.21
C ARG B 305 -38.91 16.99 1.72
N THR B 306 -37.98 16.07 1.91
CA THR B 306 -38.28 14.74 2.43
C THR B 306 -38.99 14.78 3.80
N LEU B 307 -38.36 15.44 4.78
CA LEU B 307 -38.97 15.52 6.10
C LEU B 307 -40.38 16.08 6.05
N VAL B 308 -40.62 17.09 5.21
CA VAL B 308 -41.95 17.65 5.15
C VAL B 308 -42.94 16.64 4.57
N LEU B 309 -42.47 15.81 3.65
CA LEU B 309 -43.33 14.79 3.05
C LEU B 309 -43.59 13.64 4.01
N ASP B 310 -42.62 13.34 4.88
CA ASP B 310 -42.79 12.24 5.84
C ASP B 310 -43.78 12.67 6.90
N ALA B 311 -43.67 13.93 7.35
CA ALA B 311 -44.54 14.44 8.39
C ALA B 311 -45.93 14.84 7.93
N TYR B 312 -46.09 15.10 6.64
CA TYR B 312 -47.40 15.54 6.15
C TYR B 312 -47.88 15.05 4.79
N LYS B 313 -49.19 14.81 4.72
CA LYS B 313 -49.83 14.40 3.49
C LYS B 313 -50.51 15.63 2.91
N HIS B 314 -50.88 15.54 1.64
CA HIS B 314 -51.54 16.63 0.96
C HIS B 314 -50.63 17.84 0.80
N ILE B 315 -49.33 17.60 0.90
CA ILE B 315 -48.37 18.67 0.74
C ILE B 315 -48.14 18.99 -0.74
N ASP B 316 -47.97 20.28 -1.02
CA ASP B 316 -47.72 20.82 -2.36
C ASP B 316 -46.31 21.43 -2.36
N LEU B 317 -45.31 20.62 -2.70
CA LEU B 317 -43.92 21.04 -2.71
C LEU B 317 -43.64 22.33 -3.44
N ASP B 318 -44.49 22.67 -4.40
CA ASP B 318 -44.30 23.91 -5.12
C ASP B 318 -44.40 25.13 -4.19
N LYS B 319 -45.20 25.04 -3.13
CA LYS B 319 -45.34 26.16 -2.19
C LYS B 319 -44.37 26.08 -0.99
N LEU B 320 -43.40 25.19 -1.06
CA LEU B 320 -42.45 25.06 0.02
C LEU B 320 -41.17 25.78 -0.40
N LYS B 321 -41.04 27.04 -0.01
CA LYS B 321 -39.89 27.84 -0.36
C LYS B 321 -38.77 27.62 0.65
N ILE B 322 -37.58 27.33 0.13
CA ILE B 322 -36.43 27.01 0.92
C ILE B 322 -35.20 27.80 0.54
N ILE B 323 -34.46 28.25 1.55
CA ILE B 323 -33.20 28.95 1.33
C ILE B 323 -32.22 28.33 2.34
N ALA B 324 -31.17 27.72 1.79
CA ALA B 324 -30.17 27.07 2.61
C ALA B 324 -28.76 27.53 2.32
N TYR B 325 -27.95 27.53 3.36
CA TYR B 325 -26.55 27.88 3.28
C TYR B 325 -25.90 26.81 4.13
N GLY B 326 -25.50 25.72 3.47
CA GLY B 326 -24.88 24.62 4.17
C GLY B 326 -25.91 24.00 5.09
N ASP B 327 -25.60 23.94 6.38
CA ASP B 327 -26.55 23.36 7.32
C ASP B 327 -27.62 24.35 7.78
N ASP B 328 -27.32 25.65 7.76
CA ASP B 328 -28.27 26.67 8.23
C ASP B 328 -29.40 26.83 7.21
N VAL B 329 -30.65 26.76 7.66
CA VAL B 329 -31.72 26.91 6.71
C VAL B 329 -33.02 27.53 7.18
N ILE B 330 -33.62 28.33 6.30
CA ILE B 330 -34.90 28.96 6.56
C ILE B 330 -35.83 28.66 5.40
N PHE B 331 -37.08 28.39 5.71
CA PHE B 331 -38.08 28.11 4.70
C PHE B 331 -39.47 28.53 5.14
N SER B 332 -40.43 28.30 4.27
CA SER B 332 -41.79 28.66 4.56
C SER B 332 -42.74 27.79 3.75
N TYR B 333 -44.02 27.86 4.09
CA TYR B 333 -45.04 27.08 3.37
C TYR B 333 -46.30 27.89 3.27
N LYS B 334 -47.20 27.49 2.39
CA LYS B 334 -48.45 28.24 2.22
C LYS B 334 -49.21 28.28 3.55
N TYR B 335 -49.37 27.13 4.19
CA TYR B 335 -50.08 27.02 5.45
C TYR B 335 -49.11 26.70 6.56
N LYS B 336 -49.51 27.00 7.79
CA LYS B 336 -48.68 26.74 8.95
C LYS B 336 -48.39 25.26 9.13
N LEU B 337 -47.16 24.93 9.50
CA LEU B 337 -46.77 23.55 9.72
C LEU B 337 -46.07 23.48 11.07
N ASP B 338 -46.01 22.28 11.66
CA ASP B 338 -45.37 22.12 12.96
C ASP B 338 -43.91 21.66 12.84
N MSE B 339 -43.00 22.51 13.31
CA MSE B 339 -41.57 22.23 13.26
C MSE B 339 -41.18 21.02 14.09
O MSE B 339 -40.16 20.40 13.84
CB MSE B 339 -40.76 23.45 13.72
CG MSE B 339 -40.77 24.59 12.72
SE MSE B 339 -39.81 26.17 13.32
CE MSE B 339 -41.36 27.15 14.03
N GLU B 340 -42.00 20.69 15.09
CA GLU B 340 -41.73 19.54 15.92
C GLU B 340 -42.00 18.27 15.13
N ALA B 341 -43.12 18.25 14.41
CA ALA B 341 -43.45 17.08 13.62
C ALA B 341 -42.38 16.83 12.55
N ILE B 342 -41.94 17.90 11.90
CA ILE B 342 -40.92 17.81 10.86
C ILE B 342 -39.61 17.30 11.41
N ALA B 343 -39.18 17.91 12.52
CA ALA B 343 -37.93 17.53 13.18
C ALA B 343 -37.89 16.06 13.57
N LYS B 344 -39.01 15.53 14.06
CA LYS B 344 -39.07 14.12 14.46
C LYS B 344 -38.84 13.16 13.30
N GLU B 345 -39.18 13.60 12.09
CA GLU B 345 -39.01 12.75 10.92
C GLU B 345 -37.54 12.62 10.55
N GLY B 346 -36.70 13.41 11.18
CA GLY B 346 -35.28 13.34 10.88
C GLY B 346 -34.57 12.18 11.56
N GLN B 347 -35.04 11.85 12.76
CA GLN B 347 -34.46 10.77 13.57
C GLN B 347 -34.15 9.51 12.78
N LYS B 348 -35.18 8.92 12.19
CA LYS B 348 -35.01 7.70 11.42
C LYS B 348 -33.91 7.78 10.37
N TYR B 349 -33.53 8.99 9.98
CA TYR B 349 -32.47 9.14 8.97
C TYR B 349 -31.12 9.39 9.61
N GLY B 350 -31.11 9.50 10.94
CA GLY B 350 -29.86 9.75 11.65
C GLY B 350 -29.56 11.23 11.77
N LEU B 351 -30.58 12.06 11.61
CA LEU B 351 -30.44 13.52 11.69
C LEU B 351 -31.01 14.07 12.99
N THR B 352 -30.21 14.81 13.73
CA THR B 352 -30.68 15.37 14.99
C THR B 352 -31.07 16.84 14.80
N ILE B 353 -32.38 17.10 14.86
CA ILE B 353 -32.91 18.44 14.67
C ILE B 353 -33.55 19.00 15.92
N THR B 354 -32.95 20.06 16.47
CA THR B 354 -33.45 20.70 17.68
C THR B 354 -33.96 22.11 17.37
N PRO B 355 -34.69 22.72 18.32
CA PRO B 355 -35.23 24.07 18.14
C PRO B 355 -34.16 25.07 17.71
N ALA B 356 -34.58 26.11 17.01
CA ALA B 356 -33.69 27.16 16.53
C ALA B 356 -33.08 28.00 17.66
N ASP B 357 -31.82 28.39 17.49
CA ASP B 357 -31.09 29.18 18.49
C ASP B 357 -31.00 28.51 19.85
N LYS B 358 -30.76 27.20 19.84
CA LYS B 358 -30.63 26.41 21.05
C LYS B 358 -31.76 26.67 22.04
N SER B 359 -32.96 26.92 21.51
CA SER B 359 -34.13 27.18 22.33
C SER B 359 -34.61 25.89 22.96
N SER B 360 -35.40 26.00 24.03
CA SER B 360 -35.93 24.82 24.71
C SER B 360 -36.86 24.03 23.80
N GLU B 361 -38.10 24.47 23.70
CA GLU B 361 -39.08 23.79 22.85
C GLU B 361 -39.29 24.57 21.56
N PHE B 362 -39.72 23.88 20.51
CA PHE B 362 -39.97 24.51 19.22
C PHE B 362 -41.04 25.57 19.36
N LYS B 363 -40.63 26.83 19.21
CA LYS B 363 -41.55 27.94 19.32
C LYS B 363 -41.90 28.48 17.93
N GLU B 364 -43.05 29.15 17.83
CA GLU B 364 -43.50 29.74 16.59
C GLU B 364 -42.45 30.79 16.21
N LEU B 365 -42.46 31.26 14.96
CA LEU B 365 -41.47 32.24 14.52
C LEU B 365 -41.97 33.26 13.53
N ASP B 366 -41.37 34.45 13.57
CA ASP B 366 -41.71 35.51 12.65
C ASP B 366 -40.41 36.24 12.30
N TYR B 367 -40.47 37.25 11.43
CA TYR B 367 -39.25 37.94 11.09
C TYR B 367 -38.70 38.71 12.28
N GLY B 368 -39.53 38.90 13.31
CA GLY B 368 -39.07 39.61 14.48
C GLY B 368 -38.05 38.86 15.30
N ASN B 369 -38.16 37.53 15.34
CA ASN B 369 -37.24 36.71 16.12
C ASN B 369 -36.49 35.59 15.37
N VAL B 370 -36.83 35.34 14.11
CA VAL B 370 -36.13 34.27 13.37
C VAL B 370 -34.68 34.67 13.06
N THR B 371 -33.78 33.70 12.99
CA THR B 371 -32.42 34.04 12.63
C THR B 371 -31.94 33.14 11.46
N PHE B 372 -30.99 33.65 10.69
CA PHE B 372 -30.42 32.96 9.53
C PHE B 372 -29.00 33.48 9.39
N LEU B 373 -28.04 32.55 9.33
CA LEU B 373 -26.63 32.86 9.24
C LEU B 373 -26.24 33.66 10.48
N LYS B 374 -26.86 33.30 11.59
CA LYS B 374 -26.60 33.93 12.88
C LYS B 374 -27.15 35.35 12.95
N ARG B 375 -27.74 35.83 11.86
CA ARG B 375 -28.27 37.19 11.83
C ARG B 375 -29.77 37.29 11.98
N GLY B 376 -30.22 38.34 12.69
CA GLY B 376 -31.65 38.57 12.85
C GLY B 376 -32.13 39.55 11.78
N PHE B 377 -33.43 39.78 11.71
CA PHE B 377 -34.00 40.69 10.70
C PHE B 377 -34.69 41.91 11.34
N ARG B 378 -34.28 43.11 10.91
CA ARG B 378 -34.84 44.36 11.45
C ARG B 378 -35.10 45.40 10.37
N GLN B 379 -36.34 45.87 10.27
CA GLN B 379 -36.65 46.90 9.30
C GLN B 379 -35.92 48.19 9.64
N ASP B 380 -35.47 48.89 8.60
CA ASP B 380 -34.77 50.16 8.79
C ASP B 380 -35.82 51.17 9.25
N ASP B 381 -35.49 51.94 10.29
CA ASP B 381 -36.41 52.94 10.83
C ASP B 381 -36.91 53.94 9.80
N LYS B 382 -36.09 54.29 8.81
CA LYS B 382 -36.51 55.24 7.79
C LYS B 382 -37.16 54.56 6.59
N TYR B 383 -36.45 53.64 5.92
CA TYR B 383 -37.03 52.94 4.77
C TYR B 383 -37.43 51.52 5.09
N LYS B 384 -38.73 51.36 5.33
CA LYS B 384 -39.37 50.09 5.68
C LYS B 384 -38.89 48.87 4.88
N PHE B 385 -38.89 49.01 3.56
CA PHE B 385 -38.50 47.94 2.67
C PHE B 385 -37.03 47.50 2.79
N LEU B 386 -36.18 48.32 3.41
CA LEU B 386 -34.78 47.92 3.57
C LEU B 386 -34.64 47.15 4.90
N ILE B 387 -34.08 45.95 4.81
CA ILE B 387 -33.91 45.10 5.95
C ILE B 387 -32.48 44.96 6.42
N HIS B 388 -32.26 45.31 7.68
CA HIS B 388 -30.94 45.23 8.31
C HIS B 388 -30.63 43.80 8.73
N PRO B 389 -29.42 43.33 8.45
CA PRO B 389 -29.04 41.98 8.87
C PRO B 389 -28.50 42.25 10.29
N THR B 390 -29.19 41.80 11.34
CA THR B 390 -28.65 42.11 12.68
C THR B 390 -27.68 41.04 13.19
N PHE B 391 -26.62 41.46 13.86
CA PHE B 391 -25.64 40.54 14.39
C PHE B 391 -25.61 40.55 15.93
N PRO B 392 -25.55 39.36 16.56
CA PRO B 392 -25.52 39.24 18.02
C PRO B 392 -24.41 40.06 18.64
N VAL B 393 -24.75 41.01 19.51
CA VAL B 393 -23.74 41.85 20.14
C VAL B 393 -22.75 41.04 20.95
N GLU B 394 -23.21 39.98 21.60
CA GLU B 394 -22.32 39.15 22.40
C GLU B 394 -21.25 38.51 21.51
N GLU B 395 -21.62 38.07 20.31
CA GLU B 395 -20.60 37.47 19.45
C GLU B 395 -19.55 38.51 19.12
N ILE B 396 -19.99 39.75 18.92
CA ILE B 396 -19.07 40.83 18.60
C ILE B 396 -18.14 41.09 19.79
N TYR B 397 -18.71 41.18 20.99
CA TYR B 397 -17.90 41.44 22.18
C TYR B 397 -16.91 40.29 22.38
N GLU B 398 -17.39 39.07 22.21
CA GLU B 398 -16.49 37.92 22.38
C GLU B 398 -15.32 37.99 21.38
N SER B 399 -15.65 38.21 20.12
CA SER B 399 -14.66 38.29 19.03
C SER B 399 -13.63 39.39 19.20
N ILE B 400 -14.08 40.59 19.53
CA ILE B 400 -13.15 41.69 19.70
C ILE B 400 -12.12 41.46 20.80
N ARG B 401 -12.39 40.53 21.72
CA ARG B 401 -11.46 40.30 22.82
C ARG B 401 -10.19 39.54 22.44
N TRP B 402 -10.24 38.79 21.35
CA TRP B 402 -9.07 38.03 20.95
C TRP B 402 -8.56 38.45 19.60
N THR B 403 -7.41 37.90 19.23
CA THR B 403 -6.81 38.22 17.95
C THR B 403 -5.66 37.27 17.61
N LYS B 404 -5.53 36.96 16.33
CA LYS B 404 -4.47 36.09 15.84
C LYS B 404 -3.26 36.97 15.51
N LYS B 405 -3.54 38.19 15.04
CA LYS B 405 -2.50 39.15 14.70
C LYS B 405 -2.79 40.52 15.33
N PRO B 406 -2.17 40.82 16.49
CA PRO B 406 -2.35 42.09 17.22
C PRO B 406 -2.18 43.34 16.37
N SER B 407 -1.52 43.19 15.23
CA SER B 407 -1.28 44.32 14.33
C SER B 407 -2.47 44.53 13.39
N GLN B 408 -3.39 43.59 13.37
CA GLN B 408 -4.56 43.67 12.52
C GLN B 408 -5.77 44.16 13.30
N MSE B 409 -5.53 44.79 14.43
CA MSE B 409 -6.62 45.29 15.26
C MSE B 409 -7.50 46.27 14.50
O MSE B 409 -8.73 46.18 14.55
CB MSE B 409 -6.06 45.96 16.53
CG MSE B 409 -7.07 46.15 17.66
SE MSE B 409 -7.99 44.47 18.12
CE MSE B 409 -6.43 43.36 18.45
N GLN B 410 -6.90 47.20 13.77
CA GLN B 410 -7.65 48.19 12.99
C GLN B 410 -8.61 47.51 12.01
N GLU B 411 -8.10 46.49 11.35
CA GLU B 411 -8.86 45.73 10.36
C GLU B 411 -9.97 44.93 11.04
N HIS B 412 -9.61 44.27 12.14
CA HIS B 412 -10.60 43.46 12.87
C HIS B 412 -11.71 44.39 13.42
N VAL B 413 -11.33 45.56 13.93
CA VAL B 413 -12.33 46.51 14.42
C VAL B 413 -13.25 46.95 13.30
N LEU B 414 -12.66 47.28 12.15
CA LEU B 414 -13.43 47.69 10.98
C LEU B 414 -14.49 46.66 10.62
N SER B 415 -14.07 45.39 10.52
CA SER B 415 -15.00 44.31 10.22
C SER B 415 -16.14 44.34 11.24
N LEU B 416 -15.79 44.38 12.53
CA LEU B 416 -16.82 44.42 13.58
C LEU B 416 -17.75 45.65 13.47
N CYS B 417 -17.21 46.82 13.19
CA CYS B 417 -18.10 47.97 13.06
C CYS B 417 -19.11 47.77 11.93
N HIS B 418 -18.68 47.17 10.81
CA HIS B 418 -19.59 46.95 9.68
C HIS B 418 -20.71 46.00 10.10
N LEU B 419 -20.44 45.14 11.08
CA LEU B 419 -21.49 44.25 11.56
C LEU B 419 -22.34 44.99 12.61
N MSE B 420 -21.69 45.62 13.57
CA MSE B 420 -22.37 46.34 14.66
C MSE B 420 -23.45 47.40 14.34
O MSE B 420 -24.58 47.29 14.81
CB MSE B 420 -21.33 46.96 15.60
CG MSE B 420 -21.93 47.47 16.95
SE MSE B 420 -22.79 46.06 18.06
CE MSE B 420 -21.32 45.61 19.19
N TRP B 421 -23.11 48.42 13.56
CA TRP B 421 -24.05 49.49 13.27
C TRP B 421 -25.44 49.05 12.86
N HIS B 422 -25.54 47.88 12.25
CA HIS B 422 -26.82 47.38 11.82
C HIS B 422 -27.74 47.15 13.03
N ASN B 423 -27.18 47.15 14.23
CA ASN B 423 -28.00 46.94 15.40
C ASN B 423 -28.70 48.24 15.80
N GLY B 424 -28.15 49.36 15.39
CA GLY B 424 -28.80 50.60 15.73
C GLY B 424 -27.81 51.58 16.25
N PRO B 425 -28.16 52.85 16.09
CA PRO B 425 -27.36 54.00 16.51
C PRO B 425 -27.01 53.94 17.99
N GLU B 426 -27.94 53.46 18.82
CA GLU B 426 -27.68 53.42 20.27
C GLU B 426 -26.63 52.40 20.58
N ILE B 427 -26.83 51.18 20.11
CA ILE B 427 -25.85 50.13 20.33
C ILE B 427 -24.50 50.52 19.71
N TYR B 428 -24.53 51.18 18.55
CA TYR B 428 -23.28 51.58 17.89
C TYR B 428 -22.49 52.58 18.70
N LYS B 429 -23.18 53.57 19.27
CA LYS B 429 -22.50 54.60 20.08
C LYS B 429 -21.86 53.93 21.28
N ASP B 430 -22.58 52.99 21.86
CA ASP B 430 -22.10 52.23 23.00
C ASP B 430 -20.78 51.55 22.62
N PHE B 431 -20.77 50.93 21.44
CA PHE B 431 -19.59 50.23 20.91
C PHE B 431 -18.41 51.21 20.71
N GLU B 432 -18.65 52.36 20.10
CA GLU B 432 -17.59 53.34 19.90
C GLU B 432 -16.96 53.77 21.21
N THR B 433 -17.81 54.10 22.19
CA THR B 433 -17.36 54.55 23.49
C THR B 433 -16.50 53.52 24.17
N LYS B 434 -16.99 52.29 24.22
CA LYS B 434 -16.20 51.25 24.85
C LYS B 434 -14.86 51.07 24.14
N ILE B 435 -14.83 51.30 22.81
CA ILE B 435 -13.59 51.15 22.06
C ILE B 435 -12.65 52.28 22.37
N ARG B 436 -13.19 53.48 22.51
CA ARG B 436 -12.31 54.60 22.82
C ARG B 436 -11.90 54.63 24.30
N SER B 437 -12.34 53.63 25.06
CA SER B 437 -12.02 53.51 26.48
C SER B 437 -10.53 53.36 26.71
N VAL B 438 -9.88 52.59 25.85
CA VAL B 438 -8.46 52.38 25.99
C VAL B 438 -7.71 53.22 24.97
N SER B 439 -6.43 53.43 25.23
CA SER B 439 -5.58 54.23 24.35
C SER B 439 -5.46 53.66 22.92
N ALA B 440 -5.19 52.35 22.80
CA ALA B 440 -5.05 51.72 21.50
C ALA B 440 -6.30 51.88 20.65
N GLY B 441 -7.45 51.93 21.31
CA GLY B 441 -8.71 52.06 20.61
C GLY B 441 -8.94 53.47 20.10
N ARG B 442 -8.33 54.44 20.77
CA ARG B 442 -8.47 55.83 20.38
C ARG B 442 -7.61 56.14 19.15
N ALA B 443 -6.52 55.40 19.00
CA ALA B 443 -5.62 55.59 17.87
C ALA B 443 -6.19 55.04 16.57
N LEU B 444 -7.26 54.25 16.67
CA LEU B 444 -7.91 53.63 15.51
C LEU B 444 -8.91 54.54 14.80
N TYR B 445 -9.25 54.16 13.56
CA TYR B 445 -10.25 54.91 12.82
C TYR B 445 -11.53 54.12 13.00
N ILE B 446 -12.63 54.84 13.22
CA ILE B 446 -13.94 54.24 13.43
C ILE B 446 -14.91 55.03 12.57
N PRO B 447 -15.54 54.35 11.61
CA PRO B 447 -16.49 54.98 10.69
C PRO B 447 -17.68 55.53 11.44
N PRO B 448 -18.07 56.77 11.14
CA PRO B 448 -19.22 57.39 11.80
C PRO B 448 -20.49 56.61 11.40
N TYR B 449 -21.42 56.47 12.34
CA TYR B 449 -22.66 55.77 12.09
C TYR B 449 -23.37 56.23 10.82
N GLU B 450 -23.36 57.54 10.59
CA GLU B 450 -24.02 58.08 9.42
C GLU B 450 -23.30 57.75 8.13
N LEU B 451 -21.98 57.54 8.19
CA LEU B 451 -21.25 57.20 6.98
C LEU B 451 -21.62 55.78 6.58
N LEU B 452 -21.70 54.89 7.56
CA LEU B 452 -22.06 53.49 7.34
C LEU B 452 -23.46 53.35 6.80
N ARG B 453 -24.37 54.17 7.33
CA ARG B 453 -25.78 54.16 6.95
C ARG B 453 -25.98 54.68 5.53
N HIS B 454 -25.28 55.74 5.15
CA HIS B 454 -25.46 56.27 3.80
C HIS B 454 -24.87 55.29 2.76
N GLU B 455 -23.69 54.73 3.03
CA GLU B 455 -23.06 53.79 2.11
C GLU B 455 -23.95 52.55 1.88
N TRP B 456 -24.63 52.12 2.94
CA TRP B 456 -25.52 50.98 2.87
C TRP B 456 -26.70 51.32 1.95
N TYR B 457 -27.27 52.51 2.12
CA TYR B 457 -28.38 52.94 1.28
C TYR B 457 -27.95 52.96 -0.18
N GLU B 458 -26.75 53.45 -0.45
CA GLU B 458 -26.26 53.49 -1.81
C GLU B 458 -26.18 52.14 -2.49
N LYS B 459 -26.37 51.07 -1.73
CA LYS B 459 -26.32 49.76 -2.33
C LYS B 459 -27.63 49.34 -2.98
N PHE B 460 -28.68 50.10 -2.72
CA PHE B 460 -29.99 49.81 -3.30
C PHE B 460 -30.36 50.89 -4.34
N GLY C 1 52.82 38.44 -1.52
CA GLY C 1 52.44 38.76 -0.12
C GLY C 1 52.01 40.22 0.03
N GLN C 2 51.71 40.87 -1.09
CA GLN C 2 51.27 42.26 -1.07
C GLN C 2 50.01 42.46 -1.90
N ILE C 3 48.95 42.91 -1.25
CA ILE C 3 47.69 43.14 -1.95
C ILE C 3 47.75 44.45 -2.71
N GLN C 4 47.98 44.35 -4.02
CA GLN C 4 48.07 45.51 -4.88
C GLN C 4 46.83 46.40 -4.79
N ILE C 5 45.84 46.12 -5.63
CA ILE C 5 44.62 46.90 -5.64
C ILE C 5 43.45 46.14 -5.01
N SER C 6 42.38 46.86 -4.71
CA SER C 6 41.19 46.26 -4.11
C SER C 6 39.95 47.06 -4.48
N LYS C 7 39.41 46.82 -5.67
CA LYS C 7 38.21 47.52 -6.14
C LYS C 7 36.95 46.74 -5.78
N HIS C 8 35.79 47.35 -6.03
CA HIS C 8 34.52 46.70 -5.75
C HIS C 8 34.14 45.77 -6.89
N VAL C 9 33.64 44.58 -6.53
CA VAL C 9 33.27 43.59 -7.53
C VAL C 9 32.32 44.22 -8.54
N LYS C 10 31.55 45.20 -8.07
CA LYS C 10 30.60 45.90 -8.92
C LYS C 10 31.28 46.98 -9.76
N ASP C 11 32.37 47.53 -9.23
CA ASP C 11 33.13 48.59 -9.91
C ASP C 11 33.64 48.13 -11.27
N VAL C 12 34.72 47.36 -11.26
CA VAL C 12 35.31 46.86 -12.50
C VAL C 12 34.26 46.22 -13.41
N GLY C 13 33.21 45.65 -12.79
CA GLY C 13 32.17 45.01 -13.57
C GLY C 13 32.18 43.50 -13.46
N LEU C 14 32.36 43.00 -12.25
CA LEU C 14 32.40 41.57 -12.01
C LEU C 14 31.22 41.11 -11.15
N PRO C 15 30.67 39.94 -11.48
CA PRO C 15 29.53 39.38 -10.73
C PRO C 15 29.94 39.00 -9.31
N SER C 16 29.02 39.14 -8.36
CA SER C 16 29.32 38.78 -6.99
C SER C 16 29.50 37.27 -6.95
N ILE C 17 30.16 36.76 -5.92
CA ILE C 17 30.37 35.32 -5.80
C ILE C 17 29.80 34.70 -4.52
N HIS C 18 29.06 33.62 -4.71
CA HIS C 18 28.44 32.88 -3.60
C HIS C 18 29.55 32.32 -2.71
N THR C 19 29.28 32.20 -1.42
CA THR C 19 30.29 31.67 -0.50
C THR C 19 29.68 30.79 0.61
N PRO C 20 29.83 29.46 0.49
CA PRO C 20 29.30 28.51 1.48
C PRO C 20 29.60 28.95 2.91
N THR C 21 28.53 29.13 3.70
CA THR C 21 28.65 29.57 5.09
C THR C 21 28.39 28.47 6.12
N LYS C 22 27.79 27.37 5.68
CA LYS C 22 27.48 26.27 6.58
C LYS C 22 28.51 25.14 6.50
N THR C 23 29.06 24.78 7.66
CA THR C 23 30.05 23.72 7.74
C THR C 23 29.43 22.34 7.61
N LYS C 24 29.92 21.56 6.65
CA LYS C 24 29.40 20.22 6.43
C LYS C 24 30.16 19.17 7.23
N LEU C 25 30.50 19.53 8.47
CA LEU C 25 31.21 18.65 9.37
C LEU C 25 30.33 18.28 10.56
N GLN C 26 29.68 17.12 10.47
CA GLN C 26 28.79 16.65 11.53
C GLN C 26 29.53 15.66 12.43
N PRO C 27 29.39 15.81 13.75
CA PRO C 27 30.06 14.92 14.71
C PRO C 27 29.79 13.44 14.42
N SER C 28 30.82 12.62 14.60
CA SER C 28 30.69 11.19 14.35
C SER C 28 30.26 10.47 15.60
N VAL C 29 29.94 9.19 15.45
CA VAL C 29 29.51 8.38 16.58
C VAL C 29 30.68 8.01 17.48
N PHE C 30 31.89 8.37 17.09
CA PHE C 30 33.07 8.05 17.90
C PHE C 30 33.59 9.31 18.60
N TYR C 31 32.80 10.37 18.53
CA TYR C 31 33.16 11.65 19.14
C TYR C 31 33.51 11.56 20.63
N ASP C 32 32.76 10.74 21.36
CA ASP C 32 32.96 10.57 22.80
C ASP C 32 33.79 9.35 23.17
N ILE C 33 34.65 8.89 22.25
CA ILE C 33 35.47 7.71 22.52
C ILE C 33 36.96 7.99 22.33
N PHE C 34 37.29 8.75 21.29
CA PHE C 34 38.68 9.06 21.01
C PHE C 34 39.08 10.47 21.45
N PRO C 35 40.35 10.64 21.83
CA PRO C 35 40.92 11.92 22.27
C PRO C 35 40.99 12.94 21.13
N GLY C 36 40.15 13.97 21.18
CA GLY C 36 40.15 14.98 20.14
C GLY C 36 39.77 16.38 20.64
N SER C 37 40.30 17.40 19.96
CA SER C 37 40.03 18.78 20.34
C SER C 37 39.92 19.72 19.14
N LYS C 38 39.87 19.15 17.94
CA LYS C 38 39.74 19.96 16.73
C LYS C 38 38.29 20.26 16.38
N GLU C 39 38.04 21.48 15.93
CA GLU C 39 36.69 21.88 15.54
C GLU C 39 36.72 22.53 14.15
N PRO C 40 35.58 22.50 13.45
CA PRO C 40 35.46 23.08 12.10
C PRO C 40 35.88 24.55 12.07
N ALA C 41 36.70 24.90 11.08
CA ALA C 41 37.17 26.27 10.94
C ALA C 41 36.01 27.23 10.70
N VAL C 42 36.17 28.46 11.17
CA VAL C 42 35.13 29.47 11.01
C VAL C 42 34.89 29.72 9.53
N LEU C 43 33.63 29.94 9.16
CA LEU C 43 33.29 30.18 7.77
C LEU C 43 32.65 31.54 7.53
N THR C 44 32.15 32.16 8.60
CA THR C 44 31.51 33.47 8.52
C THR C 44 31.64 34.18 9.86
N GLU C 45 31.21 35.44 9.92
CA GLU C 45 31.28 36.23 11.14
C GLU C 45 30.10 35.92 12.06
N LYS C 46 29.27 34.95 11.66
CA LYS C 46 28.11 34.56 12.44
C LYS C 46 28.49 33.42 13.39
N ASP C 47 29.79 33.28 13.65
CA ASP C 47 30.27 32.21 14.53
C ASP C 47 30.71 32.74 15.89
N PRO C 48 29.91 32.45 16.92
CA PRO C 48 30.14 32.85 18.32
C PRO C 48 31.51 32.49 18.86
N ARG C 49 32.19 31.54 18.21
CA ARG C 49 33.51 31.11 18.66
C ARG C 49 34.60 32.10 18.28
N LEU C 50 34.27 33.06 17.43
CA LEU C 50 35.24 34.06 16.99
C LEU C 50 35.77 34.93 18.13
N LYS C 51 36.95 35.49 17.91
CA LYS C 51 37.61 36.36 18.89
C LYS C 51 37.85 37.72 18.22
N VAL C 52 38.81 37.77 17.30
CA VAL C 52 39.12 39.00 16.59
C VAL C 52 38.17 39.11 15.40
N ASP C 53 38.36 40.15 14.58
CA ASP C 53 37.52 40.31 13.41
C ASP C 53 37.91 39.22 12.42
N PHE C 54 36.96 38.81 11.57
CA PHE C 54 37.20 37.76 10.59
C PHE C 54 38.00 38.26 9.38
N ASP C 55 37.47 39.24 8.67
CA ASP C 55 38.13 39.79 7.49
C ASP C 55 39.54 40.29 7.82
N SER C 56 39.74 40.64 9.08
CA SER C 56 41.03 41.13 9.55
C SER C 56 42.09 40.04 9.45
N ALA C 57 42.05 39.10 10.39
CA ALA C 57 43.03 38.01 10.39
C ALA C 57 42.93 37.14 9.14
N LEU C 58 41.84 37.26 8.41
CA LEU C 58 41.64 36.47 7.19
C LEU C 58 42.71 36.81 6.16
N PHE C 59 42.94 38.11 5.96
CA PHE C 59 43.93 38.60 4.99
C PHE C 59 45.18 39.14 5.72
N SER C 60 45.67 38.37 6.68
CA SER C 60 46.85 38.78 7.46
C SER C 60 48.14 38.21 6.88
N LYS C 61 48.03 37.16 6.08
CA LYS C 61 49.21 36.54 5.49
C LYS C 61 49.73 37.39 4.34
N TYR C 62 48.96 38.41 3.97
CA TYR C 62 49.35 39.31 2.89
C TYR C 62 50.06 40.53 3.44
N LYS C 63 51.19 40.29 4.10
CA LYS C 63 51.99 41.35 4.69
C LYS C 63 52.53 42.28 3.59
N GLY C 64 53.75 41.99 3.13
CA GLY C 64 54.37 42.78 2.10
C GLY C 64 55.59 42.00 1.64
N ASN C 65 56.22 42.41 0.56
CA ASN C 65 57.39 41.70 0.09
C ASN C 65 58.64 42.35 0.66
N THR C 66 59.55 41.51 1.13
CA THR C 66 60.80 42.01 1.71
C THR C 66 61.70 42.49 0.60
N GLU C 67 62.55 43.46 0.93
CA GLU C 67 63.47 44.00 -0.05
C GLU C 67 64.60 43.02 -0.34
N CYS C 68 64.63 42.54 -1.58
CA CYS C 68 65.67 41.60 -2.02
C CYS C 68 65.61 41.42 -3.52
N SER C 69 66.67 40.81 -4.05
CA SER C 69 66.74 40.56 -5.47
C SER C 69 67.69 39.41 -5.78
N LEU C 70 67.64 38.95 -7.03
CA LEU C 70 68.48 37.84 -7.52
C LEU C 70 69.95 38.10 -7.21
N ASN C 71 70.67 37.05 -6.84
CA ASN C 71 72.11 37.14 -6.53
C ASN C 71 72.85 35.96 -7.14
N GLU C 72 74.17 36.02 -7.07
CA GLU C 72 75.03 34.97 -7.60
C GLU C 72 74.57 33.58 -7.17
N HIS C 73 74.34 33.40 -5.87
CA HIS C 73 73.90 32.13 -5.34
C HIS C 73 72.59 31.61 -5.99
N ILE C 74 71.59 32.48 -6.12
CA ILE C 74 70.33 32.07 -6.75
C ILE C 74 70.59 31.60 -8.19
N GLN C 75 71.35 32.39 -8.95
CA GLN C 75 71.72 32.08 -10.33
C GLN C 75 72.41 30.70 -10.35
N VAL C 76 73.27 30.46 -9.37
CA VAL C 76 73.96 29.18 -9.27
C VAL C 76 72.92 28.07 -9.07
N ALA C 77 72.03 28.25 -8.11
CA ALA C 77 70.96 27.28 -7.83
C ALA C 77 70.09 27.03 -9.06
N VAL C 78 69.72 28.10 -9.76
CA VAL C 78 68.91 27.96 -10.95
C VAL C 78 69.57 27.09 -12.04
N ALA C 79 70.83 27.35 -12.34
CA ALA C 79 71.53 26.60 -13.37
C ALA C 79 71.69 25.13 -12.99
N HIS C 80 72.12 24.90 -11.76
CA HIS C 80 72.34 23.54 -11.27
C HIS C 80 71.07 22.73 -11.32
N TYR C 81 69.96 23.35 -10.95
CA TYR C 81 68.70 22.64 -10.96
C TYR C 81 68.25 22.49 -12.41
N SER C 82 68.49 23.51 -13.23
CA SER C 82 68.14 23.44 -14.65
C SER C 82 68.84 22.25 -15.27
N ALA C 83 70.16 22.21 -15.12
CA ALA C 83 70.97 21.14 -15.68
C ALA C 83 70.49 19.78 -15.20
N GLN C 84 70.11 19.68 -13.92
CA GLN C 84 69.64 18.43 -13.36
C GLN C 84 68.37 17.94 -14.04
N LEU C 85 67.40 18.84 -14.19
CA LEU C 85 66.13 18.49 -14.82
C LEU C 85 66.33 18.23 -16.31
N ALA C 86 67.31 18.90 -16.90
CA ALA C 86 67.60 18.73 -18.31
C ALA C 86 67.87 17.27 -18.66
N THR C 87 68.46 16.52 -17.73
CA THR C 87 68.75 15.12 -18.00
C THR C 87 67.48 14.29 -18.10
N LEU C 88 66.33 14.95 -18.07
CA LEU C 88 65.03 14.28 -18.15
C LEU C 88 64.51 14.23 -19.58
N ASP C 89 65.00 15.12 -20.42
CA ASP C 89 64.57 15.17 -21.81
C ASP C 89 63.06 15.39 -21.88
N ILE C 90 62.58 16.40 -21.17
CA ILE C 90 61.18 16.72 -21.16
C ILE C 90 60.82 17.43 -22.45
N ASP C 91 59.81 16.93 -23.14
CA ASP C 91 59.37 17.52 -24.40
C ASP C 91 58.71 18.88 -24.15
N PRO C 92 59.30 19.97 -24.71
CA PRO C 92 58.85 21.35 -24.60
C PRO C 92 57.50 21.66 -25.27
N GLN C 93 57.21 20.93 -26.34
CA GLN C 93 55.97 21.14 -27.08
C GLN C 93 54.71 20.92 -26.24
N PRO C 94 53.64 21.68 -26.53
CA PRO C 94 52.35 21.61 -25.85
C PRO C 94 51.73 20.22 -25.94
N ILE C 95 50.60 20.03 -25.27
CA ILE C 95 49.94 18.74 -25.33
C ILE C 95 48.54 18.92 -25.87
N ALA C 96 48.02 17.84 -26.45
CA ALA C 96 46.68 17.84 -27.04
C ALA C 96 45.59 18.26 -26.06
N MSE C 97 44.60 18.95 -26.59
CA MSE C 97 43.47 19.41 -25.79
C MSE C 97 42.82 18.26 -25.05
O MSE C 97 42.47 18.37 -23.86
CB MSE C 97 42.43 20.06 -26.72
CG MSE C 97 41.14 20.45 -26.02
SE MSE C 97 41.31 22.06 -25.01
CE MSE C 97 40.49 23.30 -26.26
N GLU C 98 42.64 17.14 -25.75
CA GLU C 98 42.01 15.95 -25.18
C GLU C 98 42.77 15.40 -23.98
N ASP C 99 44.10 15.49 -24.04
CA ASP C 99 44.94 15.01 -22.95
C ASP C 99 44.87 15.96 -21.74
N SER C 100 44.55 17.23 -21.99
CA SER C 100 44.46 18.19 -20.90
C SER C 100 43.16 18.00 -20.13
N VAL C 101 42.21 17.29 -20.74
CA VAL C 101 40.93 17.05 -20.11
C VAL C 101 40.83 15.62 -19.59
N PHE C 102 41.04 14.66 -20.49
CA PHE C 102 40.95 13.26 -20.07
C PHE C 102 42.30 12.72 -19.62
N GLY C 103 43.33 13.56 -19.68
CA GLY C 103 44.65 13.15 -19.25
C GLY C 103 45.32 12.09 -20.13
N MSE C 104 46.63 12.04 -20.03
CA MSE C 104 47.45 11.09 -20.78
C MSE C 104 48.17 10.20 -19.76
O MSE C 104 47.58 9.81 -18.76
CB MSE C 104 48.47 11.83 -21.63
CG MSE C 104 48.91 13.16 -21.03
SE MSE C 104 50.48 13.95 -21.85
CE MSE C 104 49.76 14.37 -23.59
N ASP C 105 49.44 9.90 -20.01
CA ASP C 105 50.22 9.06 -19.10
C ASP C 105 50.97 9.97 -18.12
N GLY C 106 50.82 9.69 -16.84
CA GLY C 106 51.49 10.50 -15.83
C GLY C 106 50.68 11.74 -15.49
N LEU C 107 49.60 11.95 -16.23
CA LEU C 107 48.73 13.11 -16.02
C LEU C 107 47.29 12.67 -15.83
N GLU C 108 46.82 12.72 -14.58
CA GLU C 108 45.46 12.32 -14.27
C GLU C 108 44.43 13.14 -15.04
N ALA C 109 43.28 12.53 -15.27
CA ALA C 109 42.20 13.19 -15.98
C ALA C 109 41.60 14.24 -15.07
N LEU C 110 41.30 15.41 -15.61
CA LEU C 110 40.72 16.50 -14.83
C LEU C 110 39.48 16.00 -14.07
N ASP C 111 39.34 16.42 -12.81
CA ASP C 111 38.20 16.02 -11.98
C ASP C 111 36.96 16.84 -12.33
N LEU C 112 35.81 16.18 -12.40
CA LEU C 112 34.58 16.89 -12.74
C LEU C 112 33.69 17.22 -11.54
N ASN C 113 34.11 16.78 -10.35
CA ASN C 113 33.34 17.03 -9.15
C ASN C 113 33.86 18.27 -8.40
N THR C 114 34.54 19.17 -9.11
CA THR C 114 35.07 20.38 -8.50
C THR C 114 34.51 21.63 -9.17
N SER C 115 34.57 22.75 -8.45
CA SER C 115 34.06 24.02 -8.99
C SER C 115 34.89 24.42 -10.21
N ALA C 116 34.23 25.02 -11.20
CA ALA C 116 34.90 25.41 -12.42
C ALA C 116 35.37 26.86 -12.50
N GLY C 117 35.11 27.64 -11.46
CA GLY C 117 35.54 29.04 -11.45
C GLY C 117 34.76 30.03 -12.31
N TYR C 118 35.25 31.27 -12.33
CA TYR C 118 34.63 32.36 -13.07
C TYR C 118 34.53 32.12 -14.58
N PRO C 119 33.35 32.37 -15.16
CA PRO C 119 32.19 32.84 -14.42
C PRO C 119 31.21 31.68 -14.20
N TYR C 120 31.60 30.50 -14.67
CA TYR C 120 30.78 29.30 -14.58
C TYR C 120 30.02 29.13 -13.27
N VAL C 121 30.59 29.61 -12.17
CA VAL C 121 29.94 29.49 -10.87
C VAL C 121 28.63 30.27 -10.84
N THR C 122 28.71 31.55 -11.17
CA THR C 122 27.53 32.41 -11.18
C THR C 122 26.70 32.27 -12.47
N LEU C 123 27.12 31.37 -13.34
CA LEU C 123 26.40 31.13 -14.59
C LEU C 123 25.69 29.77 -14.52
N GLY C 124 25.75 29.14 -13.35
CA GLY C 124 25.11 27.85 -13.18
C GLY C 124 25.84 26.74 -13.93
N ILE C 125 26.66 27.13 -14.92
CA ILE C 125 27.41 26.16 -15.71
C ILE C 125 28.40 25.40 -14.83
N LYS C 126 28.38 24.08 -14.96
CA LYS C 126 29.26 23.24 -14.17
C LYS C 126 30.18 22.43 -15.08
N LYS C 127 31.10 21.68 -14.48
CA LYS C 127 32.04 20.91 -15.29
C LYS C 127 31.41 19.89 -16.23
N LYS C 128 30.47 19.10 -15.72
CA LYS C 128 29.83 18.09 -16.55
C LYS C 128 28.77 18.65 -17.50
N ASP C 129 28.87 19.94 -17.79
CA ASP C 129 27.95 20.60 -18.71
C ASP C 129 28.79 21.12 -19.87
N LEU C 130 30.10 20.97 -19.73
CA LEU C 130 31.07 21.41 -20.73
C LEU C 130 31.89 20.20 -21.16
N ILE C 131 31.99 19.22 -20.27
CA ILE C 131 32.77 18.02 -20.53
C ILE C 131 31.93 16.76 -20.33
N ASN C 132 31.77 15.98 -21.40
CA ASN C 132 30.99 14.76 -21.31
C ASN C 132 31.93 13.57 -21.16
N ASN C 133 32.10 13.11 -19.93
CA ASN C 133 33.00 12.00 -19.65
C ASN C 133 32.53 10.66 -20.19
N LYS C 134 31.27 10.34 -19.97
CA LYS C 134 30.70 9.07 -20.41
C LYS C 134 30.62 8.91 -21.94
N THR C 135 30.96 9.96 -22.66
CA THR C 135 30.93 9.90 -24.12
C THR C 135 32.19 10.53 -24.72
N LYS C 136 33.02 11.08 -23.84
CA LYS C 136 34.27 11.73 -24.25
C LYS C 136 34.00 12.87 -25.21
N ASP C 137 33.06 13.75 -24.84
CA ASP C 137 32.72 14.89 -25.67
C ASP C 137 33.14 16.20 -25.00
N ILE C 138 33.89 17.01 -25.73
CA ILE C 138 34.38 18.30 -25.24
C ILE C 138 34.03 19.45 -26.18
N SER C 139 32.84 19.38 -26.78
CA SER C 139 32.37 20.42 -27.69
C SER C 139 31.96 21.67 -26.95
N LYS C 140 31.09 21.51 -25.95
CA LYS C 140 30.62 22.64 -25.15
C LYS C 140 31.74 23.29 -24.35
N LEU C 141 32.91 22.67 -24.36
CA LEU C 141 34.06 23.20 -23.61
C LEU C 141 34.86 24.21 -24.42
N LYS C 142 35.36 23.79 -25.57
CA LYS C 142 36.16 24.67 -26.41
C LYS C 142 35.42 25.94 -26.79
N LEU C 143 34.11 25.85 -26.97
CA LEU C 143 33.33 27.04 -27.32
C LEU C 143 33.20 27.91 -26.08
N ALA C 144 33.26 27.28 -24.92
CA ALA C 144 33.15 28.02 -23.66
C ALA C 144 34.50 28.65 -23.33
N LEU C 145 35.56 28.14 -23.95
CA LEU C 145 36.88 28.67 -23.71
C LEU C 145 37.09 29.94 -24.53
N ASP C 146 36.82 29.86 -25.83
CA ASP C 146 36.97 31.01 -26.71
C ASP C 146 35.98 32.11 -26.37
N LYS C 147 35.02 31.80 -25.49
CA LYS C 147 34.02 32.80 -25.09
C LYS C 147 34.55 33.76 -24.04
N TYR C 148 35.27 33.24 -23.05
CA TYR C 148 35.79 34.11 -22.00
C TYR C 148 37.30 34.13 -21.97
N ASP C 149 37.92 33.48 -22.95
CA ASP C 149 39.37 33.43 -23.05
C ASP C 149 40.05 32.90 -21.80
N VAL C 150 41.22 33.43 -21.50
CA VAL C 150 41.99 32.99 -20.34
C VAL C 150 42.23 34.14 -19.38
N ASP C 151 43.15 33.93 -18.43
CA ASP C 151 43.50 34.93 -17.43
C ASP C 151 42.24 35.45 -16.75
N LEU C 152 41.48 34.55 -16.15
CA LEU C 152 40.27 34.93 -15.46
C LEU C 152 40.49 34.90 -13.96
N PRO C 153 39.72 35.73 -13.24
CA PRO C 153 39.78 35.85 -11.78
C PRO C 153 39.68 34.51 -11.07
N MSE C 154 40.37 34.40 -9.93
CA MSE C 154 40.34 33.18 -9.15
C MSE C 154 39.34 33.34 -8.01
O MSE C 154 39.43 34.28 -7.22
CB MSE C 154 41.72 32.88 -8.57
CG MSE C 154 42.79 32.58 -9.59
SE MSE C 154 44.48 32.19 -8.73
CE MSE C 154 44.15 30.33 -8.29
N ILE C 155 38.39 32.42 -7.92
CA ILE C 155 37.38 32.46 -6.87
C ILE C 155 38.07 32.05 -5.57
N THR C 156 37.96 32.89 -4.54
CA THR C 156 38.56 32.59 -3.25
C THR C 156 37.56 31.84 -2.39
N PHE C 157 37.85 30.57 -2.10
CA PHE C 157 36.98 29.74 -1.27
C PHE C 157 37.42 29.78 0.19
N LEU C 158 36.84 28.91 0.98
CA LEU C 158 37.14 28.80 2.41
C LEU C 158 37.20 27.34 2.79
N LYS C 159 38.41 26.77 2.79
CA LYS C 159 38.60 25.36 3.11
C LYS C 159 37.99 24.97 4.47
N ASP C 160 36.91 24.18 4.43
CA ASP C 160 36.24 23.73 5.64
C ASP C 160 36.84 22.42 6.14
N GLU C 161 37.63 22.51 7.19
CA GLU C 161 38.30 21.35 7.76
C GLU C 161 38.37 21.43 9.28
N LEU C 162 39.20 20.57 9.88
CA LEU C 162 39.38 20.55 11.32
C LEU C 162 40.60 21.35 11.74
N ARG C 163 40.37 22.36 12.59
CA ARG C 163 41.44 23.22 13.08
C ARG C 163 41.50 23.18 14.60
N LYS C 164 42.70 23.26 15.16
CA LYS C 164 42.85 23.23 16.61
C LYS C 164 42.02 24.34 17.26
N LYS C 165 41.78 24.22 18.56
CA LYS C 165 40.98 25.21 19.28
C LYS C 165 41.55 26.61 19.09
N ASP C 166 42.85 26.74 19.30
CA ASP C 166 43.52 28.03 19.17
C ASP C 166 43.54 28.48 17.72
N LYS C 167 42.84 27.76 16.85
CA LYS C 167 42.79 28.12 15.44
C LYS C 167 41.42 28.71 15.09
N ILE C 168 40.38 28.18 15.72
CA ILE C 168 39.02 28.67 15.46
C ILE C 168 38.81 30.01 16.16
N ALA C 169 39.48 30.20 17.28
CA ALA C 169 39.38 31.44 18.04
C ALA C 169 40.05 32.57 17.25
N ALA C 170 41.28 32.32 16.78
CA ALA C 170 42.02 33.30 16.00
C ALA C 170 41.37 33.53 14.65
N GLY C 171 40.44 32.65 14.29
CA GLY C 171 39.75 32.76 13.02
C GLY C 171 40.62 32.39 11.84
N LYS C 172 41.85 31.96 12.12
CA LYS C 172 42.77 31.58 11.05
C LYS C 172 42.24 30.38 10.26
N THR C 173 41.45 30.66 9.24
CA THR C 173 40.87 29.61 8.39
C THR C 173 41.58 29.60 7.03
N ARG C 174 42.09 28.44 6.63
CA ARG C 174 42.77 28.33 5.34
C ARG C 174 41.83 28.66 4.18
N VAL C 175 42.37 29.34 3.18
CA VAL C 175 41.60 29.72 1.99
C VAL C 175 42.08 28.89 0.81
N ILE C 176 41.22 28.70 -0.19
CA ILE C 176 41.61 27.92 -1.36
C ILE C 176 41.11 28.58 -2.66
N GLU C 177 42.02 29.19 -3.40
CA GLU C 177 41.65 29.83 -4.65
C GLU C 177 41.29 28.79 -5.70
N ALA C 178 40.23 29.04 -6.46
CA ALA C 178 39.81 28.11 -7.50
C ALA C 178 39.88 28.83 -8.84
N SER C 179 40.78 28.38 -9.71
CA SER C 179 40.92 29.01 -11.01
C SER C 179 39.95 28.40 -12.01
N SER C 180 39.60 29.18 -13.03
CA SER C 180 38.68 28.72 -14.06
C SER C 180 39.28 27.58 -14.86
N ILE C 181 38.43 26.67 -15.34
CA ILE C 181 38.91 25.55 -16.13
C ILE C 181 39.73 26.08 -17.29
N ASN C 182 39.35 27.25 -17.79
CA ASN C 182 40.06 27.88 -18.91
C ASN C 182 41.54 28.06 -18.61
N ASP C 183 41.83 28.46 -17.38
CA ASP C 183 43.21 28.65 -16.98
C ASP C 183 43.85 27.29 -16.72
N THR C 184 43.08 26.37 -16.14
CA THR C 184 43.56 25.02 -15.85
C THR C 184 43.93 24.30 -17.15
N ILE C 185 43.01 24.33 -18.11
CA ILE C 185 43.25 23.68 -19.39
C ILE C 185 44.45 24.33 -20.06
N LEU C 186 44.56 25.65 -19.91
CA LEU C 186 45.64 26.41 -20.50
C LEU C 186 46.99 25.93 -19.95
N PHE C 187 47.15 25.98 -18.63
CA PHE C 187 48.37 25.55 -17.99
C PHE C 187 48.72 24.09 -18.29
N ARG C 188 47.69 23.25 -18.36
CA ARG C 188 47.88 21.84 -18.65
C ARG C 188 48.40 21.66 -20.06
N THR C 189 47.86 22.44 -20.99
CA THR C 189 48.29 22.34 -22.38
C THR C 189 49.72 22.87 -22.53
N VAL C 190 50.10 23.84 -21.71
CA VAL C 190 51.44 24.40 -21.78
C VAL C 190 52.54 23.56 -21.15
N TYR C 191 52.34 23.14 -19.90
CA TYR C 191 53.34 22.35 -19.18
C TYR C 191 53.00 20.89 -19.00
N GLY C 192 51.97 20.44 -19.70
CA GLY C 192 51.55 19.06 -19.60
C GLY C 192 52.67 18.06 -19.51
N ASN C 193 53.64 18.15 -20.40
CA ASN C 193 54.75 17.21 -20.39
C ASN C 193 55.56 17.28 -19.11
N LEU C 194 55.67 18.49 -18.56
CA LEU C 194 56.40 18.68 -17.32
C LEU C 194 55.62 17.94 -16.21
N PHE C 195 54.37 18.35 -16.01
CA PHE C 195 53.54 17.72 -15.00
C PHE C 195 53.65 16.20 -15.09
N SER C 196 53.66 15.69 -16.31
CA SER C 196 53.75 14.25 -16.57
C SER C 196 55.11 13.68 -16.14
N LYS C 197 56.19 14.30 -16.60
CA LYS C 197 57.52 13.84 -16.26
C LYS C 197 57.71 13.81 -14.75
N PHE C 198 57.31 14.87 -14.08
CA PHE C 198 57.45 14.91 -12.64
C PHE C 198 56.69 13.79 -11.95
N HIS C 199 55.42 13.62 -12.27
CA HIS C 199 54.63 12.56 -11.63
C HIS C 199 55.25 11.20 -11.82
N LEU C 200 55.70 10.92 -13.04
CA LEU C 200 56.29 9.63 -13.33
C LEU C 200 57.69 9.45 -12.73
N ASN C 201 58.35 10.54 -12.38
CA ASN C 201 59.70 10.42 -11.86
C ASN C 201 59.98 11.03 -10.47
N PRO C 202 59.20 10.64 -9.46
CA PRO C 202 59.39 11.17 -8.10
C PRO C 202 60.77 10.76 -7.57
N GLY C 203 61.53 11.70 -7.02
CA GLY C 203 62.85 11.35 -6.51
C GLY C 203 63.79 12.55 -6.41
N VAL C 204 65.10 12.29 -6.45
CA VAL C 204 66.10 13.36 -6.33
C VAL C 204 66.53 14.01 -7.65
N VAL C 205 66.00 13.52 -8.78
CA VAL C 205 66.35 14.13 -10.05
C VAL C 205 65.36 15.27 -10.30
N THR C 206 64.07 15.00 -10.09
CA THR C 206 63.06 16.05 -10.25
C THR C 206 63.04 16.86 -8.95
N GLY C 207 63.54 16.25 -7.88
CA GLY C 207 63.59 16.87 -6.57
C GLY C 207 62.18 17.08 -6.08
N CYS C 208 61.30 16.20 -6.52
CA CYS C 208 59.89 16.32 -6.21
C CYS C 208 59.22 14.98 -5.87
N ALA C 209 58.21 15.02 -5.00
CA ALA C 209 57.53 13.79 -4.61
C ALA C 209 56.11 13.70 -5.13
N VAL C 210 55.65 14.76 -5.78
CA VAL C 210 54.31 14.79 -6.31
C VAL C 210 54.09 13.58 -7.22
N GLY C 211 53.05 12.83 -6.95
CA GLY C 211 52.77 11.65 -7.74
C GLY C 211 53.35 10.39 -7.14
N CYS C 212 53.89 10.48 -5.93
CA CYS C 212 54.46 9.31 -5.30
C CYS C 212 53.41 8.59 -4.47
N ASP C 213 53.71 7.35 -4.11
CA ASP C 213 52.84 6.55 -3.27
C ASP C 213 53.61 6.18 -2.02
N PRO C 214 53.46 6.99 -0.96
CA PRO C 214 54.10 6.82 0.34
C PRO C 214 54.27 5.38 0.77
N GLU C 215 53.25 4.55 0.59
CA GLU C 215 53.34 3.17 1.01
C GLU C 215 54.58 2.49 0.48
N THR C 216 54.98 2.80 -0.75
CA THR C 216 56.16 2.16 -1.31
C THR C 216 57.29 3.12 -1.58
N PHE C 217 56.98 4.41 -1.57
CA PHE C 217 57.99 5.42 -1.83
C PHE C 217 58.91 5.57 -0.62
N TRP C 218 58.34 5.53 0.58
CA TRP C 218 59.14 5.68 1.79
C TRP C 218 60.32 4.73 1.80
N SER C 219 60.24 3.67 1.03
CA SER C 219 61.31 2.70 0.98
C SER C 219 62.49 3.19 0.16
N LYS C 220 62.23 3.99 -0.87
CA LYS C 220 63.30 4.49 -1.72
C LYS C 220 63.98 5.76 -1.23
N ILE C 221 63.28 6.53 -0.41
CA ILE C 221 63.84 7.76 0.11
C ILE C 221 65.23 7.65 0.69
N PRO C 222 65.48 6.62 1.52
CA PRO C 222 66.79 6.40 2.14
C PRO C 222 67.94 6.33 1.13
N LEU C 223 67.82 5.41 0.17
CA LEU C 223 68.82 5.22 -0.86
C LEU C 223 69.02 6.48 -1.68
N MSE C 224 67.99 7.32 -1.73
CA MSE C 224 68.06 8.56 -2.49
C MSE C 224 68.86 9.61 -1.75
O MSE C 224 69.89 10.09 -2.24
CB MSE C 224 66.65 9.08 -2.78
CG MSE C 224 65.93 8.30 -3.87
SE MSE C 224 64.04 8.65 -4.00
CE MSE C 224 63.69 7.70 -5.66
N LEU C 225 68.39 9.98 -0.57
CA LEU C 225 69.09 10.97 0.25
C LEU C 225 70.30 10.28 0.84
N ASP C 226 71.46 10.45 0.21
CA ASP C 226 72.69 9.80 0.65
C ASP C 226 72.97 9.89 2.15
N GLY C 227 73.03 8.71 2.74
CA GLY C 227 73.24 8.50 4.17
C GLY C 227 74.14 9.28 5.10
N ASP C 228 73.96 10.60 5.19
CA ASP C 228 74.78 11.35 6.13
C ASP C 228 73.99 12.32 7.00
N CYS C 229 73.47 13.38 6.41
CA CYS C 229 72.71 14.35 7.21
C CYS C 229 71.31 14.61 6.68
N ILE C 230 70.35 13.81 7.10
CA ILE C 230 68.98 14.01 6.67
C ILE C 230 68.41 15.21 7.41
N MSE C 231 67.66 16.05 6.72
CA MSE C 231 67.10 17.24 7.37
C MSE C 231 65.73 17.62 6.88
O MSE C 231 65.31 17.26 5.77
CB MSE C 231 68.04 18.41 7.20
CG MSE C 231 69.40 18.15 7.76
SE MSE C 231 70.60 19.57 7.35
CE MSE C 231 71.38 18.82 5.76
N ALA C 232 65.02 18.38 7.71
CA ALA C 232 63.68 18.84 7.39
C ALA C 232 63.36 20.05 8.25
N PHE C 233 62.28 20.75 7.94
CA PHE C 233 61.89 21.92 8.71
C PHE C 233 60.51 22.38 8.32
N ASP C 234 60.06 23.49 8.90
CA ASP C 234 58.73 24.01 8.61
C ASP C 234 58.75 25.48 8.26
N TYR C 235 57.98 25.84 7.24
CA TYR C 235 57.89 27.23 6.84
C TYR C 235 56.75 27.88 7.60
N THR C 236 56.68 29.19 7.53
CA THR C 236 55.63 29.93 8.20
C THR C 236 54.97 30.84 7.15
N ASN C 237 53.83 30.39 6.65
CA ASN C 237 53.09 31.11 5.63
C ASN C 237 53.88 31.03 4.32
N TYR C 238 54.42 29.86 4.02
CA TYR C 238 55.18 29.63 2.81
C TYR C 238 54.40 30.15 1.60
N ASP C 239 53.08 30.01 1.66
CA ASP C 239 52.19 30.44 0.59
C ASP C 239 52.44 31.89 0.17
N GLY C 240 52.32 32.81 1.13
CA GLY C 240 52.53 34.21 0.83
C GLY C 240 53.93 34.71 1.08
N SER C 241 54.83 33.80 1.45
CA SER C 241 56.22 34.17 1.72
C SER C 241 57.07 34.22 0.46
N ILE C 242 56.64 33.50 -0.57
CA ILE C 242 57.37 33.45 -1.81
C ILE C 242 57.49 34.82 -2.47
N HIS C 243 58.70 35.37 -2.45
CA HIS C 243 58.96 36.67 -3.03
C HIS C 243 59.05 36.54 -4.55
N PRO C 244 58.62 37.58 -5.28
CA PRO C 244 58.64 37.63 -6.74
C PRO C 244 59.93 37.11 -7.38
N ILE C 245 61.09 37.36 -6.78
CA ILE C 245 62.34 36.87 -7.39
C ILE C 245 62.33 35.36 -7.57
N TRP C 246 61.67 34.66 -6.65
CA TRP C 246 61.62 33.20 -6.74
C TRP C 246 60.88 32.79 -8.01
N PHE C 247 59.89 33.60 -8.41
CA PHE C 247 59.15 33.30 -9.63
C PHE C 247 60.02 33.62 -10.83
N LYS C 248 60.92 34.59 -10.66
CA LYS C 248 61.81 34.97 -11.75
C LYS C 248 62.82 33.84 -11.92
N ALA C 249 63.17 33.21 -10.81
CA ALA C 249 64.13 32.12 -10.85
C ALA C 249 63.48 30.88 -11.45
N LEU C 250 62.18 30.74 -11.20
CA LEU C 250 61.42 29.63 -11.74
C LEU C 250 61.31 29.76 -13.26
N GLY C 251 60.98 30.96 -13.71
CA GLY C 251 60.85 31.21 -15.13
C GLY C 251 62.14 30.85 -15.84
N MSE C 252 63.25 31.27 -15.26
CA MSE C 252 64.56 30.99 -15.80
C MSE C 252 64.82 29.49 -15.99
O MSE C 252 65.49 29.10 -16.95
CB MSE C 252 65.64 31.59 -14.90
CG MSE C 252 65.73 33.11 -14.93
SE MSE C 252 67.15 33.79 -13.76
CE MSE C 252 68.69 33.15 -14.72
N VAL C 253 64.31 28.67 -15.08
CA VAL C 253 64.47 27.22 -15.15
C VAL C 253 63.60 26.68 -16.28
N LEU C 254 62.35 27.13 -16.30
CA LEU C 254 61.43 26.68 -17.35
C LEU C 254 62.02 27.09 -18.69
N ASP C 255 62.56 28.30 -18.73
CA ASP C 255 63.16 28.82 -19.94
C ASP C 255 64.34 27.94 -20.41
N ASN C 256 65.22 27.56 -19.49
CA ASN C 256 66.36 26.71 -19.85
C ASN C 256 65.87 25.34 -20.30
N LEU C 257 64.58 25.07 -20.10
CA LEU C 257 64.00 23.79 -20.50
C LEU C 257 63.13 23.96 -21.74
N SER C 258 63.09 25.19 -22.25
CA SER C 258 62.33 25.59 -23.45
C SER C 258 60.83 25.73 -23.20
N PHE C 259 60.44 26.01 -21.97
CA PHE C 259 59.03 26.18 -21.65
C PHE C 259 58.71 27.65 -21.43
N ASN C 260 57.42 27.97 -21.44
CA ASN C 260 56.95 29.34 -21.24
C ASN C 260 57.42 29.82 -19.87
N PRO C 261 58.23 30.88 -19.87
CA PRO C 261 58.77 31.49 -18.64
C PRO C 261 57.84 32.55 -18.07
N THR C 262 56.77 32.88 -18.78
CA THR C 262 55.88 33.92 -18.30
C THR C 262 54.57 33.46 -17.69
N LEU C 263 53.93 32.47 -18.31
CA LEU C 263 52.66 31.97 -17.82
C LEU C 263 52.60 31.88 -16.29
N ILE C 264 53.69 31.44 -15.67
CA ILE C 264 53.73 31.30 -14.22
C ILE C 264 53.58 32.61 -13.45
N ASN C 265 53.72 33.74 -14.13
CA ASN C 265 53.59 35.02 -13.48
C ASN C 265 52.13 35.29 -13.11
N ARG C 266 51.20 34.52 -13.69
CA ARG C 266 49.79 34.67 -13.37
C ARG C 266 49.63 34.30 -11.90
N LEU C 267 50.50 33.41 -11.44
CA LEU C 267 50.46 32.96 -10.05
C LEU C 267 51.16 33.96 -9.15
N CYS C 268 52.18 34.63 -9.69
CA CYS C 268 52.93 35.63 -8.94
C CYS C 268 52.08 36.89 -8.74
N ASN C 269 51.42 37.31 -9.82
CA ASN C 269 50.54 38.47 -9.81
C ASN C 269 49.15 37.94 -10.14
N SER C 270 48.51 37.39 -9.11
CA SER C 270 47.20 36.79 -9.24
C SER C 270 46.04 37.78 -9.14
N LYS C 271 44.98 37.46 -9.88
CA LYS C 271 43.77 38.27 -9.92
C LYS C 271 42.69 37.46 -9.20
N HIS C 272 42.24 37.97 -8.06
CA HIS C 272 41.24 37.28 -7.26
C HIS C 272 39.89 38.01 -7.17
N ILE C 273 38.90 37.28 -6.68
CA ILE C 273 37.54 37.78 -6.49
C ILE C 273 37.00 37.11 -5.24
N PHE C 274 36.83 37.89 -4.17
CA PHE C 274 36.32 37.33 -2.93
C PHE C 274 34.80 37.44 -2.86
N LYS C 275 34.27 37.87 -1.72
CA LYS C 275 32.83 38.01 -1.58
C LYS C 275 32.29 38.99 -2.63
N SER C 276 32.79 40.22 -2.58
CA SER C 276 32.39 41.25 -3.52
C SER C 276 33.51 42.28 -3.60
N THR C 277 34.73 41.82 -3.35
CA THR C 277 35.90 42.68 -3.38
C THR C 277 37.01 42.14 -4.29
N TYR C 278 36.99 42.58 -5.55
CA TYR C 278 38.00 42.17 -6.53
C TYR C 278 39.35 42.75 -6.14
N TYR C 279 40.28 41.89 -5.77
CA TYR C 279 41.59 42.35 -5.38
C TYR C 279 42.70 41.57 -6.08
N GLU C 280 43.89 42.16 -6.14
CA GLU C 280 45.04 41.54 -6.78
C GLU C 280 46.23 41.48 -5.82
N VAL C 281 46.94 40.37 -5.83
CA VAL C 281 48.10 40.17 -4.97
C VAL C 281 49.40 40.12 -5.77
N GLU C 282 50.49 40.53 -5.14
CA GLU C 282 51.79 40.53 -5.77
C GLU C 282 52.71 39.65 -4.95
N GLY C 283 53.21 38.58 -5.55
CA GLY C 283 54.09 37.69 -4.82
C GLY C 283 53.27 36.63 -4.11
N GLY C 284 53.92 35.51 -3.81
CA GLY C 284 53.23 34.44 -3.14
C GLY C 284 52.49 33.57 -4.13
N VAL C 285 52.33 32.30 -3.78
CA VAL C 285 51.64 31.34 -4.64
C VAL C 285 50.17 31.17 -4.23
N PRO C 286 49.27 31.10 -5.22
CA PRO C 286 47.82 30.94 -4.98
C PRO C 286 47.54 29.64 -4.25
N SER C 287 47.56 29.70 -2.93
CA SER C 287 47.32 28.50 -2.11
C SER C 287 46.05 27.76 -2.52
N GLY C 288 46.20 26.45 -2.68
CA GLY C 288 45.09 25.60 -3.04
C GLY C 288 44.74 25.54 -4.51
N CYS C 289 45.52 26.22 -5.35
CA CYS C 289 45.25 26.22 -6.79
C CYS C 289 45.35 24.77 -7.33
N SER C 290 45.28 24.59 -8.64
CA SER C 290 45.35 23.25 -9.24
C SER C 290 46.76 22.72 -9.53
N GLY C 291 47.43 23.30 -10.52
CA GLY C 291 48.77 22.85 -10.87
C GLY C 291 49.90 23.65 -10.23
N THR C 292 49.84 23.84 -8.92
CA THR C 292 50.85 24.60 -8.19
C THR C 292 51.78 23.71 -7.35
N SER C 293 51.36 22.49 -7.08
CA SER C 293 52.20 21.60 -6.28
C SER C 293 53.58 21.49 -6.89
N ILE C 294 53.63 21.16 -8.17
CA ILE C 294 54.89 21.03 -8.88
C ILE C 294 55.65 22.34 -8.84
N PHE C 295 54.99 23.43 -9.21
CA PHE C 295 55.63 24.71 -9.21
C PHE C 295 56.21 25.06 -7.84
N ASN C 296 55.44 24.82 -6.79
CA ASN C 296 55.95 25.09 -5.44
C ASN C 296 57.16 24.20 -5.15
N SER C 297 57.09 22.93 -5.56
CA SER C 297 58.21 22.03 -5.36
C SER C 297 59.45 22.61 -6.03
N MSE C 298 59.32 22.90 -7.32
CA MSE C 298 60.44 23.47 -8.06
C MSE C 298 61.04 24.70 -7.38
O MSE C 298 62.26 24.81 -7.28
CB MSE C 298 59.97 23.80 -9.49
CG MSE C 298 59.90 22.61 -10.42
SE MSE C 298 59.14 23.08 -12.16
CE MSE C 298 60.57 24.16 -12.90
N ILE C 299 60.19 25.63 -6.92
CA ILE C 299 60.65 26.84 -6.25
C ILE C 299 61.43 26.47 -4.98
N ASN C 300 60.95 25.45 -4.29
CA ASN C 300 61.61 25.01 -3.09
C ASN C 300 63.01 24.45 -3.43
N ASN C 301 63.12 23.74 -4.56
CA ASN C 301 64.43 23.22 -4.95
C ASN C 301 65.43 24.35 -5.15
N ILE C 302 64.96 25.47 -5.67
CA ILE C 302 65.81 26.62 -5.88
C ILE C 302 66.16 27.28 -4.56
N ILE C 303 65.15 27.46 -3.73
CA ILE C 303 65.33 28.07 -2.42
C ILE C 303 66.31 27.29 -1.54
N ILE C 304 66.06 25.99 -1.35
CA ILE C 304 66.96 25.19 -0.52
C ILE C 304 68.40 25.26 -0.96
N ARG C 305 68.63 25.21 -2.27
CA ARG C 305 69.98 25.27 -2.80
C ARG C 305 70.57 26.64 -2.44
N THR C 306 69.82 27.71 -2.71
CA THR C 306 70.30 29.05 -2.42
C THR C 306 70.69 29.23 -0.94
N LEU C 307 69.79 28.87 -0.03
CA LEU C 307 70.04 29.02 1.40
C LEU C 307 71.28 28.24 1.79
N VAL C 308 71.36 27.00 1.33
CA VAL C 308 72.53 26.21 1.65
C VAL C 308 73.80 26.94 1.20
N LEU C 309 73.80 27.43 -0.04
CA LEU C 309 74.98 28.14 -0.56
C LEU C 309 75.29 29.40 0.25
N ASP C 310 74.25 30.05 0.76
CA ASP C 310 74.43 31.26 1.56
C ASP C 310 75.01 30.96 2.94
N ALA C 311 74.69 29.80 3.48
CA ALA C 311 75.16 29.41 4.79
C ALA C 311 76.57 28.81 4.77
N TYR C 312 76.88 28.03 3.75
CA TYR C 312 78.19 27.40 3.65
C TYR C 312 78.91 27.68 2.33
N LYS C 313 80.24 27.56 2.37
CA LYS C 313 81.04 27.78 1.18
C LYS C 313 81.55 26.43 0.70
N HIS C 314 82.06 26.41 -0.52
CA HIS C 314 82.61 25.20 -1.10
C HIS C 314 81.61 24.05 -1.11
N ILE C 315 80.33 24.38 -1.14
CA ILE C 315 79.29 23.36 -1.16
C ILE C 315 79.15 22.70 -2.53
N ASP C 316 79.01 21.39 -2.53
CA ASP C 316 78.85 20.64 -3.78
C ASP C 316 77.37 20.37 -4.03
N LEU C 317 76.70 21.26 -4.75
CA LEU C 317 75.29 21.07 -5.04
C LEU C 317 74.95 19.69 -5.62
N ASP C 318 75.94 18.99 -6.16
CA ASP C 318 75.67 17.67 -6.71
C ASP C 318 75.34 16.66 -5.61
N LYS C 319 75.91 16.89 -4.41
CA LYS C 319 75.68 16.01 -3.26
C LYS C 319 74.55 16.53 -2.36
N LEU C 320 73.79 17.49 -2.86
CA LEU C 320 72.68 18.03 -2.08
C LEU C 320 71.36 17.44 -2.56
N LYS C 321 71.07 16.23 -2.06
CA LYS C 321 69.86 15.51 -2.43
C LYS C 321 68.61 16.12 -1.83
N ILE C 322 67.73 16.61 -2.69
CA ILE C 322 66.51 17.23 -2.24
C ILE C 322 65.27 16.53 -2.76
N ILE C 323 64.27 16.40 -1.88
CA ILE C 323 63.00 15.81 -2.24
C ILE C 323 61.93 16.72 -1.66
N ALA C 324 61.17 17.38 -2.52
CA ALA C 324 60.14 18.29 -2.03
C ALA C 324 58.75 17.97 -2.56
N TYR C 325 57.76 18.52 -1.84
CA TYR C 325 56.34 18.39 -2.18
C TYR C 325 55.71 19.66 -1.67
N GLY C 326 55.66 20.67 -2.52
CA GLY C 326 55.10 21.95 -2.12
C GLY C 326 56.08 22.58 -1.13
N ASP C 327 55.56 23.10 -0.03
CA ASP C 327 56.38 23.73 0.99
C ASP C 327 57.14 22.70 1.83
N ASP C 328 56.62 21.47 1.83
CA ASP C 328 57.22 20.39 2.60
C ASP C 328 58.46 19.88 1.88
N VAL C 329 59.54 19.66 2.61
CA VAL C 329 60.74 19.18 1.97
C VAL C 329 61.80 18.57 2.89
N ILE C 330 62.34 17.45 2.45
CA ILE C 330 63.40 16.78 3.18
C ILE C 330 64.61 16.70 2.27
N PHE C 331 65.79 16.75 2.86
CA PHE C 331 67.03 16.69 2.11
C PHE C 331 68.23 16.23 2.93
N SER C 332 69.26 15.78 2.22
CA SER C 332 70.49 15.29 2.84
C SER C 332 71.71 15.92 2.18
N TYR C 333 72.89 15.59 2.73
CA TYR C 333 74.14 16.08 2.21
C TYR C 333 75.28 15.12 2.52
N LYS C 334 76.44 15.39 1.96
CA LYS C 334 77.60 14.53 2.16
C LYS C 334 78.12 14.68 3.59
N TYR C 335 77.98 15.90 4.12
CA TYR C 335 78.45 16.22 5.47
C TYR C 335 77.32 16.83 6.29
N LYS C 336 77.46 16.78 7.62
CA LYS C 336 76.43 17.32 8.49
C LYS C 336 76.35 18.84 8.35
N LEU C 337 75.16 19.38 8.59
CA LEU C 337 74.95 20.82 8.48
C LEU C 337 73.99 21.29 9.56
N ASP C 338 74.11 22.55 9.93
CA ASP C 338 73.25 23.12 10.96
C ASP C 338 72.00 23.73 10.35
N MSE C 339 70.89 23.05 10.55
CA MSE C 339 69.62 23.51 10.02
C MSE C 339 69.27 24.93 10.47
O MSE C 339 68.51 25.63 9.79
CB MSE C 339 68.52 22.54 10.43
CG MSE C 339 67.16 22.79 9.80
SE MSE C 339 67.17 22.72 7.85
CE MSE C 339 66.67 24.56 7.47
N GLU C 340 69.82 25.36 11.60
CA GLU C 340 69.56 26.71 12.11
C GLU C 340 70.22 27.76 11.24
N ALA C 341 71.46 27.48 10.84
CA ALA C 341 72.22 28.38 10.00
C ALA C 341 71.51 28.58 8.66
N ILE C 342 71.10 27.48 8.05
CA ILE C 342 70.40 27.52 6.79
C ILE C 342 69.12 28.31 6.89
N ALA C 343 68.39 28.06 7.97
CA ALA C 343 67.11 28.73 8.20
C ALA C 343 67.29 30.22 8.47
N LYS C 344 68.48 30.60 8.92
CA LYS C 344 68.78 32.00 9.21
C LYS C 344 69.00 32.80 7.92
N GLU C 345 69.56 32.13 6.91
CA GLU C 345 69.81 32.79 5.63
C GLU C 345 68.51 33.04 4.87
N GLY C 346 67.43 32.39 5.31
CA GLY C 346 66.16 32.56 4.63
C GLY C 346 65.48 33.88 4.93
N GLN C 347 65.87 34.48 6.05
CA GLN C 347 65.32 35.75 6.49
C GLN C 347 65.47 36.88 5.48
N LYS C 348 66.67 37.03 4.95
CA LYS C 348 66.93 38.10 3.98
C LYS C 348 65.98 38.02 2.78
N TYR C 349 65.39 36.83 2.56
CA TYR C 349 64.47 36.64 1.44
C TYR C 349 63.02 36.73 1.87
N GLY C 350 62.80 36.84 3.18
CA GLY C 350 61.44 36.95 3.67
C GLY C 350 60.81 35.59 3.96
N LEU C 351 61.66 34.59 4.11
CA LEU C 351 61.19 33.25 4.40
C LEU C 351 61.42 32.96 5.86
N THR C 352 60.35 32.55 6.55
CA THR C 352 60.44 32.24 7.97
C THR C 352 60.52 30.71 8.14
N ILE C 353 61.69 30.23 8.54
CA ILE C 353 61.90 28.80 8.74
C ILE C 353 62.02 28.46 10.22
N THR C 354 61.18 27.53 10.68
CA THR C 354 61.19 27.12 12.08
C THR C 354 61.58 25.65 12.16
N PRO C 355 61.93 25.16 13.36
CA PRO C 355 62.32 23.75 13.52
C PRO C 355 61.21 22.80 13.09
N ALA C 356 61.60 21.65 12.55
CA ALA C 356 60.64 20.66 12.09
C ALA C 356 59.75 20.16 13.23
N ASP C 357 58.59 19.60 12.88
CA ASP C 357 57.66 19.06 13.88
C ASP C 357 57.45 20.04 15.03
N LYS C 358 57.24 21.30 14.68
CA LYS C 358 57.01 22.34 15.67
C LYS C 358 57.90 22.23 16.91
N SER C 359 59.08 21.62 16.76
CA SER C 359 60.00 21.49 17.87
C SER C 359 60.41 22.88 18.37
N SER C 360 61.08 22.93 19.52
CA SER C 360 61.49 24.21 20.08
C SER C 360 62.84 24.69 19.54
N GLU C 361 63.63 23.74 19.06
CA GLU C 361 64.95 24.05 18.51
C GLU C 361 65.33 23.07 17.41
N PHE C 362 66.33 23.44 16.61
CA PHE C 362 66.79 22.60 15.51
C PHE C 362 67.68 21.47 16.03
N LYS C 363 67.11 20.27 16.11
CA LYS C 363 67.85 19.11 16.59
C LYS C 363 68.26 18.20 15.45
N GLU C 364 69.33 17.43 15.68
CA GLU C 364 69.81 16.49 14.68
C GLU C 364 68.74 15.45 14.44
N LEU C 365 68.29 15.34 13.19
CA LEU C 365 67.24 14.40 12.83
C LEU C 365 67.80 13.11 12.27
N ASP C 366 66.95 12.11 12.16
CA ASP C 366 67.32 10.82 11.59
C ASP C 366 66.04 10.13 11.15
N TYR C 367 66.17 9.00 10.46
CA TYR C 367 65.00 8.28 9.99
C TYR C 367 64.13 7.75 11.12
N GLY C 368 64.37 8.23 12.34
CA GLY C 368 63.58 7.77 13.46
C GLY C 368 62.61 8.81 13.96
N ASN C 369 62.96 10.09 13.74
CA ASN C 369 62.11 11.20 14.16
C ASN C 369 61.78 12.15 13.01
N VAL C 370 62.36 11.91 11.84
CA VAL C 370 62.11 12.76 10.69
C VAL C 370 60.75 12.48 10.07
N THR C 371 60.02 13.54 9.72
CA THR C 371 58.71 13.37 9.11
C THR C 371 58.64 14.04 7.74
N PHE C 372 57.90 13.41 6.83
CA PHE C 372 57.72 13.92 5.47
C PHE C 372 56.28 13.68 5.06
N LEU C 373 55.56 14.77 4.77
CA LEU C 373 54.17 14.66 4.36
C LEU C 373 53.34 14.15 5.54
N LYS C 374 53.67 14.62 6.74
CA LYS C 374 52.99 14.24 7.97
C LYS C 374 53.18 12.76 8.28
N ARG C 375 54.07 12.09 7.55
CA ARG C 375 54.32 10.68 7.78
C ARG C 375 55.73 10.47 8.35
N GLY C 376 55.90 9.40 9.14
CA GLY C 376 57.20 9.11 9.72
C GLY C 376 57.81 7.92 9.03
N PHE C 377 58.98 7.48 9.47
CA PHE C 377 59.65 6.33 8.86
C PHE C 377 59.88 5.21 9.88
N ARG C 378 59.37 4.02 9.57
CA ARG C 378 59.50 2.88 10.46
C ARG C 378 59.99 1.66 9.69
N GLN C 379 60.73 0.79 10.36
CA GLN C 379 61.24 -0.40 9.68
C GLN C 379 60.27 -1.57 9.89
N ASP C 380 60.12 -2.39 8.86
CA ASP C 380 59.24 -3.53 8.92
C ASP C 380 59.89 -4.63 9.75
N ASP C 381 59.15 -5.18 10.71
CA ASP C 381 59.65 -6.22 11.59
C ASP C 381 60.18 -7.44 10.83
N LYS C 382 59.68 -7.66 9.61
CA LYS C 382 60.11 -8.80 8.81
C LYS C 382 61.25 -8.38 7.89
N TYR C 383 60.92 -7.69 6.79
CA TYR C 383 61.92 -7.23 5.85
C TYR C 383 62.39 -5.84 6.28
N LYS C 384 63.70 -5.69 6.43
CA LYS C 384 64.28 -4.43 6.86
C LYS C 384 64.29 -3.31 5.82
N PHE C 385 64.48 -3.67 4.55
CA PHE C 385 64.52 -2.69 3.48
C PHE C 385 63.13 -2.22 3.00
N LEU C 386 62.20 -2.10 3.94
CA LEU C 386 60.84 -1.66 3.65
C LEU C 386 60.39 -0.67 4.74
N ILE C 387 60.10 0.56 4.34
CA ILE C 387 59.70 1.58 5.31
C ILE C 387 58.20 1.79 5.44
N HIS C 388 57.75 1.84 6.69
CA HIS C 388 56.34 2.04 7.00
C HIS C 388 56.00 3.50 7.22
N PRO C 389 55.19 4.08 6.32
CA PRO C 389 54.79 5.47 6.46
C PRO C 389 53.95 5.60 7.73
N THR C 390 54.54 6.12 8.80
CA THR C 390 53.81 6.25 10.05
C THR C 390 52.97 7.51 10.07
N PHE C 391 51.67 7.35 10.24
CA PHE C 391 50.78 8.50 10.30
C PHE C 391 50.44 8.78 11.76
N PRO C 392 50.28 10.07 12.11
CA PRO C 392 49.96 10.48 13.48
C PRO C 392 48.66 9.84 13.99
N VAL C 393 48.81 8.93 14.94
CA VAL C 393 47.66 8.26 15.52
C VAL C 393 46.73 9.29 16.13
N GLU C 394 47.32 10.34 16.69
CA GLU C 394 46.55 11.39 17.32
C GLU C 394 45.68 12.11 16.29
N GLU C 395 46.15 12.18 15.06
CA GLU C 395 45.40 12.84 14.00
C GLU C 395 44.24 11.98 13.52
N ILE C 396 44.46 10.67 13.48
CA ILE C 396 43.41 9.74 13.06
C ILE C 396 42.25 9.82 14.04
N TYR C 397 42.57 9.99 15.32
CA TYR C 397 41.55 10.09 16.36
C TYR C 397 40.63 11.28 16.14
N GLU C 398 41.20 12.48 16.10
CA GLU C 398 40.40 13.67 15.90
C GLU C 398 39.65 13.63 14.58
N SER C 399 40.10 12.73 13.70
CA SER C 399 39.50 12.57 12.39
C SER C 399 38.21 11.74 12.45
N ILE C 400 38.30 10.58 13.09
CA ILE C 400 37.16 9.69 13.21
C ILE C 400 36.10 10.28 14.15
N ARG C 401 36.50 11.27 14.93
CA ARG C 401 35.57 11.92 15.85
C ARG C 401 34.60 12.84 15.11
N TRP C 402 34.81 13.01 13.82
CA TRP C 402 33.94 13.84 12.98
C TRP C 402 33.62 13.13 11.66
N THR C 403 32.78 13.75 10.84
CA THR C 403 32.43 13.16 9.56
C THR C 403 31.75 14.15 8.62
N LYS C 404 32.11 14.07 7.35
CA LYS C 404 31.55 14.94 6.32
C LYS C 404 30.06 14.62 6.17
N LYS C 405 29.78 13.34 5.92
CA LYS C 405 28.42 12.85 5.74
C LYS C 405 28.31 11.41 6.25
N PRO C 406 27.20 11.07 6.91
CA PRO C 406 26.91 9.75 7.48
C PRO C 406 27.16 8.57 6.51
N SER C 407 26.59 8.65 5.32
CA SER C 407 26.75 7.61 4.29
C SER C 407 28.22 7.31 3.99
N GLN C 408 29.06 8.30 4.24
CA GLN C 408 30.50 8.19 3.99
C GLN C 408 31.23 7.87 5.30
N MSE C 409 30.66 6.97 6.10
CA MSE C 409 31.26 6.59 7.38
C MSE C 409 31.96 5.25 7.31
O MSE C 409 32.92 4.99 8.04
CB MSE C 409 30.20 6.60 8.48
CG MSE C 409 30.75 6.44 9.89
SE MSE C 409 30.57 4.65 10.62
CE MSE C 409 29.14 4.97 11.89
N GLN C 410 31.46 4.37 6.45
CA GLN C 410 32.05 3.05 6.26
C GLN C 410 33.39 3.22 5.57
N GLU C 411 33.36 3.91 4.43
CA GLU C 411 34.55 4.17 3.65
C GLU C 411 35.56 5.01 4.44
N HIS C 412 35.04 5.87 5.31
CA HIS C 412 35.87 6.75 6.13
C HIS C 412 36.77 5.93 7.04
N VAL C 413 36.18 4.96 7.75
CA VAL C 413 36.94 4.11 8.66
C VAL C 413 37.99 3.30 7.91
N LEU C 414 37.64 2.82 6.73
CA LEU C 414 38.56 2.04 5.92
C LEU C 414 39.85 2.81 5.69
N SER C 415 39.70 4.09 5.34
CA SER C 415 40.85 4.95 5.10
C SER C 415 41.75 5.02 6.32
N LEU C 416 41.23 5.54 7.43
CA LEU C 416 41.99 5.66 8.67
C LEU C 416 42.72 4.36 8.98
N CYS C 417 42.15 3.24 8.57
CA CYS C 417 42.76 1.93 8.82
C CYS C 417 43.96 1.71 7.92
N HIS C 418 43.82 2.07 6.64
CA HIS C 418 44.90 1.92 5.69
C HIS C 418 46.12 2.75 6.09
N LEU C 419 45.93 3.69 7.00
CA LEU C 419 47.01 4.53 7.48
C LEU C 419 47.41 4.20 8.91
N MSE C 420 46.49 3.61 9.66
CA MSE C 420 46.72 3.26 11.06
C MSE C 420 47.50 1.97 11.28
O MSE C 420 48.30 1.87 12.20
CB MSE C 420 45.37 3.14 11.78
CG MSE C 420 45.44 2.60 13.21
SE MSE C 420 46.36 3.74 14.49
CE MSE C 420 44.90 4.89 15.05
N TRP C 421 47.28 0.99 10.42
CA TRP C 421 47.98 -0.28 10.59
C TRP C 421 49.48 -0.17 10.40
N HIS C 422 49.93 0.90 9.76
CA HIS C 422 51.36 1.09 9.52
C HIS C 422 52.11 1.35 10.83
N ASN C 423 51.50 2.14 11.70
CA ASN C 423 52.12 2.46 12.97
C ASN C 423 52.55 1.22 13.73
N GLY C 424 51.59 0.38 14.14
CA GLY C 424 51.95 -0.81 14.87
C GLY C 424 50.79 -1.74 15.14
N PRO C 425 51.03 -3.06 15.19
CA PRO C 425 49.99 -4.05 15.43
C PRO C 425 49.28 -3.78 16.76
N GLU C 426 50.05 -3.41 17.77
CA GLU C 426 49.48 -3.14 19.09
C GLU C 426 48.50 -1.99 18.98
N ILE C 427 48.87 -0.96 18.24
CA ILE C 427 48.04 0.22 18.08
C ILE C 427 46.80 -0.05 17.24
N TYR C 428 46.96 -0.84 16.18
CA TYR C 428 45.85 -1.16 15.29
C TYR C 428 44.78 -1.99 15.99
N LYS C 429 45.22 -2.93 16.82
CA LYS C 429 44.31 -3.78 17.56
C LYS C 429 43.50 -2.91 18.51
N ASP C 430 44.19 -2.08 19.30
CA ASP C 430 43.54 -1.19 20.23
C ASP C 430 42.58 -0.26 19.49
N PHE C 431 42.97 0.11 18.27
CA PHE C 431 42.18 0.98 17.42
C PHE C 431 40.88 0.27 17.03
N GLU C 432 41.01 -0.98 16.59
CA GLU C 432 39.84 -1.76 16.18
C GLU C 432 38.86 -1.88 17.34
N THR C 433 39.41 -2.19 18.52
CA THR C 433 38.61 -2.34 19.72
C THR C 433 37.83 -1.09 20.08
N LYS C 434 38.49 0.07 20.01
CA LYS C 434 37.83 1.33 20.34
C LYS C 434 36.64 1.63 19.44
N ILE C 435 36.55 0.93 18.31
CA ILE C 435 35.45 1.14 17.37
C ILE C 435 34.24 0.26 17.71
N ARG C 436 34.50 -0.93 18.27
CA ARG C 436 33.45 -1.85 18.62
C ARG C 436 32.67 -1.46 19.87
N SER C 437 31.78 -0.48 19.74
CA SER C 437 30.96 -0.02 20.87
C SER C 437 29.55 0.35 20.43
N VAL C 438 29.43 1.43 19.67
CA VAL C 438 28.12 1.88 19.18
C VAL C 438 27.49 0.81 18.32
N SER C 439 26.23 1.03 17.94
CA SER C 439 25.51 0.07 17.10
C SER C 439 26.32 -0.30 15.85
N ALA C 440 26.59 0.69 14.99
CA ALA C 440 27.35 0.47 13.77
C ALA C 440 28.79 0.05 14.09
N GLY C 441 29.15 0.13 15.36
CA GLY C 441 30.49 -0.25 15.77
C GLY C 441 30.84 -1.67 15.38
N ARG C 442 29.84 -2.55 15.39
CA ARG C 442 30.06 -3.94 15.03
C ARG C 442 29.63 -4.23 13.59
N ALA C 443 28.69 -3.43 13.10
CA ALA C 443 28.19 -3.60 11.74
C ALA C 443 29.22 -3.11 10.72
N LEU C 444 30.41 -2.79 11.22
CA LEU C 444 31.49 -2.30 10.38
C LEU C 444 32.54 -3.35 10.09
N TYR C 445 33.07 -3.33 8.87
CA TYR C 445 34.12 -4.25 8.44
C TYR C 445 35.49 -3.63 8.66
N ILE C 446 36.35 -4.34 9.38
CA ILE C 446 37.69 -3.85 9.64
C ILE C 446 38.72 -4.87 9.14
N PRO C 447 39.43 -4.55 8.05
CA PRO C 447 40.45 -5.41 7.46
C PRO C 447 41.48 -5.86 8.48
N PRO C 448 41.69 -7.18 8.58
CA PRO C 448 42.66 -7.75 9.52
C PRO C 448 44.08 -7.21 9.25
N TYR C 449 44.83 -6.99 10.33
CA TYR C 449 46.20 -6.50 10.24
C TYR C 449 47.02 -7.36 9.27
N GLU C 450 46.89 -8.68 9.38
CA GLU C 450 47.63 -9.57 8.50
C GLU C 450 47.25 -9.33 7.05
N LEU C 451 46.00 -8.95 6.80
CA LEU C 451 45.54 -8.69 5.44
C LEU C 451 46.21 -7.45 4.84
N LEU C 452 45.97 -6.32 5.48
CA LEU C 452 46.54 -5.05 5.07
C LEU C 452 48.06 -5.21 4.96
N ARG C 453 48.62 -6.03 5.84
CA ARG C 453 50.06 -6.27 5.88
C ARG C 453 50.52 -7.05 4.64
N HIS C 454 49.82 -8.13 4.33
CA HIS C 454 50.16 -8.94 3.16
C HIS C 454 49.93 -8.14 1.89
N GLU C 455 48.90 -7.31 1.90
CA GLU C 455 48.58 -6.48 0.74
C GLU C 455 49.76 -5.56 0.44
N TRP C 456 50.26 -4.90 1.48
CA TRP C 456 51.38 -3.97 1.36
C TRP C 456 52.57 -4.61 0.66
N TYR C 457 52.89 -5.84 1.06
CA TYR C 457 54.01 -6.57 0.50
C TYR C 457 53.92 -6.75 -1.02
N GLU C 458 52.70 -6.86 -1.53
CA GLU C 458 52.51 -7.03 -2.96
C GLU C 458 52.93 -5.82 -3.79
N LYS C 459 52.61 -4.64 -3.30
CA LYS C 459 52.95 -3.42 -4.01
C LYS C 459 54.41 -3.42 -4.47
N PHE C 460 55.28 -4.05 -3.69
CA PHE C 460 56.70 -4.12 -4.02
C PHE C 460 56.98 -5.22 -5.04
N GLY D 1 30.51 -22.49 -13.35
CA GLY D 1 30.28 -23.93 -13.09
C GLY D 1 31.31 -24.82 -13.75
N GLN D 2 32.50 -24.89 -13.14
CA GLN D 2 33.58 -25.71 -13.69
C GLN D 2 33.32 -27.20 -13.42
N ILE D 3 33.59 -28.05 -14.41
CA ILE D 3 33.41 -29.49 -14.25
C ILE D 3 34.73 -30.16 -13.92
N GLN D 4 34.81 -30.77 -12.75
CA GLN D 4 36.04 -31.43 -12.34
C GLN D 4 36.19 -32.81 -12.97
N ILE D 5 36.02 -33.86 -12.18
CA ILE D 5 36.16 -35.21 -12.71
C ILE D 5 34.83 -35.78 -13.17
N SER D 6 34.91 -36.68 -14.14
CA SER D 6 33.72 -37.31 -14.71
C SER D 6 34.06 -38.69 -15.28
N LYS D 7 34.16 -39.67 -14.38
CA LYS D 7 34.48 -41.05 -14.77
C LYS D 7 33.22 -41.80 -15.17
N HIS D 8 33.08 -43.02 -14.65
CA HIS D 8 31.93 -43.88 -14.94
C HIS D 8 31.32 -44.41 -13.63
N VAL D 9 30.00 -44.31 -13.50
CA VAL D 9 29.29 -44.78 -12.30
C VAL D 9 29.61 -46.24 -11.97
N LYS D 10 29.67 -47.06 -12.99
CA LYS D 10 29.97 -48.47 -12.80
C LYS D 10 31.46 -48.65 -12.47
N ASP D 11 32.25 -47.60 -12.69
CA ASP D 11 33.69 -47.63 -12.42
C ASP D 11 34.04 -47.18 -11.00
N VAL D 12 33.21 -46.30 -10.43
CA VAL D 12 33.44 -45.80 -9.08
C VAL D 12 32.73 -46.70 -8.06
N GLY D 13 31.67 -47.36 -8.51
CA GLY D 13 30.93 -48.24 -7.61
C GLY D 13 29.48 -47.84 -7.48
N LEU D 14 29.21 -46.55 -7.68
CA LEU D 14 27.85 -46.02 -7.59
C LEU D 14 27.00 -46.59 -8.72
N PRO D 15 25.90 -47.27 -8.37
CA PRO D 15 24.96 -47.88 -9.32
C PRO D 15 24.50 -46.94 -10.41
N SER D 16 24.07 -47.51 -11.53
CA SER D 16 23.59 -46.72 -12.66
C SER D 16 22.15 -46.34 -12.36
N ILE D 17 21.87 -45.03 -12.38
CA ILE D 17 20.53 -44.53 -12.09
C ILE D 17 19.64 -44.44 -13.33
N HIS D 18 18.39 -44.85 -13.16
CA HIS D 18 17.40 -44.82 -14.23
C HIS D 18 16.34 -43.76 -13.91
N THR D 19 15.76 -43.17 -14.95
CA THR D 19 14.73 -42.14 -14.78
C THR D 19 13.61 -42.29 -15.81
N PRO D 20 12.40 -41.83 -15.48
CA PRO D 20 11.24 -41.90 -16.38
C PRO D 20 11.60 -41.41 -17.78
N THR D 21 10.94 -41.97 -18.78
CA THR D 21 11.21 -41.60 -20.17
C THR D 21 10.13 -40.75 -20.85
N LYS D 22 8.88 -41.19 -20.78
CA LYS D 22 7.79 -40.46 -21.41
C LYS D 22 7.05 -39.48 -20.49
N THR D 23 6.65 -38.35 -21.08
CA THR D 23 5.94 -37.28 -20.39
C THR D 23 4.64 -37.77 -19.77
N LYS D 24 3.89 -36.82 -19.23
CA LYS D 24 2.61 -37.13 -18.62
C LYS D 24 1.62 -36.02 -18.96
N LEU D 25 2.13 -34.97 -19.59
CA LEU D 25 1.31 -33.84 -19.97
C LEU D 25 0.53 -34.12 -21.25
N GLN D 26 -0.79 -34.26 -21.10
CA GLN D 26 -1.68 -34.54 -22.23
C GLN D 26 -2.56 -33.32 -22.45
N PRO D 27 -3.02 -33.12 -23.70
CA PRO D 27 -3.87 -31.97 -23.97
C PRO D 27 -5.14 -32.09 -23.14
N SER D 28 -5.54 -31.02 -22.49
CA SER D 28 -6.74 -31.04 -21.66
C SER D 28 -7.96 -30.73 -22.52
N VAL D 29 -9.13 -30.92 -21.94
CA VAL D 29 -10.36 -30.65 -22.65
C VAL D 29 -10.49 -29.16 -22.96
N PHE D 30 -9.41 -28.41 -22.74
CA PHE D 30 -9.43 -26.98 -23.03
C PHE D 30 -8.37 -26.64 -24.07
N TYR D 31 -7.69 -27.67 -24.56
CA TYR D 31 -6.65 -27.52 -25.56
C TYR D 31 -7.08 -26.66 -26.75
N ASP D 32 -8.05 -27.16 -27.50
CA ASP D 32 -8.55 -26.45 -28.67
C ASP D 32 -9.44 -25.28 -28.27
N ILE D 33 -9.30 -24.83 -27.03
CA ILE D 33 -10.13 -23.71 -26.56
C ILE D 33 -9.31 -22.49 -26.23
N PHE D 34 -8.02 -22.69 -25.98
CA PHE D 34 -7.14 -21.58 -25.64
C PHE D 34 -5.92 -21.50 -26.55
N PRO D 35 -5.49 -20.27 -26.86
CA PRO D 35 -4.32 -20.04 -27.71
C PRO D 35 -3.09 -20.68 -27.09
N GLY D 36 -2.50 -21.67 -27.77
CA GLY D 36 -1.33 -22.33 -27.24
C GLY D 36 -0.12 -22.40 -28.15
N SER D 37 1.06 -22.21 -27.57
CA SER D 37 2.32 -22.28 -28.30
C SER D 37 3.22 -23.33 -27.65
N LYS D 38 3.23 -23.34 -26.32
CA LYS D 38 4.07 -24.27 -25.56
C LYS D 38 3.74 -25.75 -25.72
N GLU D 39 4.57 -26.58 -25.11
CA GLU D 39 4.40 -28.03 -25.15
C GLU D 39 5.46 -28.73 -24.30
N PRO D 40 5.20 -29.98 -23.90
CA PRO D 40 6.11 -30.79 -23.08
C PRO D 40 7.58 -30.58 -23.39
N ALA D 41 8.40 -30.60 -22.34
CA ALA D 41 9.83 -30.44 -22.50
C ALA D 41 10.45 -31.76 -22.96
N VAL D 42 11.63 -31.66 -23.57
CA VAL D 42 12.34 -32.83 -24.06
C VAL D 42 12.93 -33.66 -22.92
N LEU D 43 12.61 -34.95 -22.89
CA LEU D 43 13.12 -35.82 -21.83
C LEU D 43 14.32 -36.65 -22.29
N THR D 44 14.14 -37.42 -23.36
CA THR D 44 15.23 -38.25 -23.88
C THR D 44 15.95 -37.49 -24.99
N GLU D 45 16.95 -38.14 -25.58
CA GLU D 45 17.75 -37.55 -26.64
C GLU D 45 17.05 -37.53 -27.99
N LYS D 46 16.48 -38.67 -28.36
CA LYS D 46 15.79 -38.84 -29.63
C LYS D 46 14.38 -38.26 -29.72
N ASP D 47 14.31 -36.93 -29.65
CA ASP D 47 13.03 -36.20 -29.74
C ASP D 47 13.12 -35.33 -30.99
N PRO D 48 12.24 -35.59 -31.97
CA PRO D 48 12.14 -34.88 -33.25
C PRO D 48 12.04 -33.37 -33.17
N ARG D 49 11.95 -32.83 -31.96
CA ARG D 49 11.87 -31.38 -31.77
C ARG D 49 13.22 -30.89 -31.23
N LEU D 50 14.29 -31.39 -31.82
CA LEU D 50 15.64 -31.02 -31.42
C LEU D 50 16.67 -31.11 -32.54
N LYS D 51 17.19 -29.95 -32.94
CA LYS D 51 18.20 -29.88 -33.99
C LYS D 51 19.55 -29.61 -33.34
N VAL D 52 19.87 -30.40 -32.32
CA VAL D 52 21.11 -30.28 -31.57
C VAL D 52 21.20 -31.37 -30.52
N ASP D 53 22.42 -31.85 -30.26
CA ASP D 53 22.61 -32.90 -29.25
C ASP D 53 21.99 -32.43 -27.95
N PHE D 54 21.48 -33.38 -27.17
CA PHE D 54 20.81 -33.06 -25.90
C PHE D 54 21.76 -32.93 -24.72
N ASP D 55 22.55 -33.98 -24.49
CA ASP D 55 23.51 -33.99 -23.39
C ASP D 55 24.42 -32.77 -23.43
N SER D 56 24.83 -32.41 -24.64
CA SER D 56 25.72 -31.29 -24.84
C SER D 56 25.10 -29.95 -24.41
N ALA D 57 23.89 -29.69 -24.90
CA ALA D 57 23.18 -28.46 -24.57
C ALA D 57 22.57 -28.52 -23.18
N LEU D 58 22.73 -29.65 -22.52
CA LEU D 58 22.20 -29.87 -21.19
C LEU D 58 23.28 -29.63 -20.13
N PHE D 59 24.54 -29.66 -20.58
CA PHE D 59 25.69 -29.45 -19.70
C PHE D 59 26.50 -28.25 -20.16
N SER D 60 25.95 -27.49 -21.10
CA SER D 60 26.62 -26.31 -21.62
C SER D 60 26.70 -25.20 -20.56
N LYS D 61 25.86 -25.30 -19.53
CA LYS D 61 25.83 -24.30 -18.46
C LYS D 61 27.11 -24.34 -17.62
N TYR D 62 27.99 -25.28 -17.94
CA TYR D 62 29.26 -25.43 -17.25
C TYR D 62 30.37 -24.80 -18.07
N LYS D 63 30.41 -23.46 -18.08
CA LYS D 63 31.42 -22.73 -18.82
C LYS D 63 32.74 -22.64 -18.06
N GLY D 64 32.65 -22.51 -16.74
CA GLY D 64 33.85 -22.41 -15.92
C GLY D 64 33.74 -21.32 -14.88
N ASN D 65 34.88 -20.84 -14.40
CA ASN D 65 34.91 -19.79 -13.37
C ASN D 65 35.82 -18.62 -13.75
N THR D 66 35.25 -17.42 -13.70
CA THR D 66 35.99 -16.21 -14.03
C THR D 66 37.00 -15.93 -12.92
N GLU D 67 38.28 -16.12 -13.23
CA GLU D 67 39.34 -15.87 -12.27
C GLU D 67 39.13 -14.56 -11.52
N CYS D 68 38.74 -14.65 -10.25
CA CYS D 68 38.55 -13.44 -9.43
C CYS D 68 38.81 -13.77 -7.96
N SER D 69 38.78 -12.75 -7.12
CA SER D 69 39.03 -12.93 -5.70
C SER D 69 38.28 -11.90 -4.88
N LEU D 70 38.25 -12.12 -3.57
CA LEU D 70 37.58 -11.23 -2.65
C LEU D 70 38.24 -9.83 -2.64
N ASN D 71 37.48 -8.83 -2.19
CA ASN D 71 37.96 -7.46 -2.11
C ASN D 71 37.28 -6.74 -0.96
N GLU D 72 37.63 -5.47 -0.77
CA GLU D 72 37.05 -4.68 0.31
C GLU D 72 35.52 -4.55 0.17
N HIS D 73 35.04 -4.45 -1.07
CA HIS D 73 33.61 -4.33 -1.31
C HIS D 73 32.87 -5.55 -0.76
N ILE D 74 33.14 -6.70 -1.35
CA ILE D 74 32.53 -7.94 -0.90
C ILE D 74 32.63 -8.09 0.61
N GLN D 75 33.73 -7.60 1.18
CA GLN D 75 33.97 -7.66 2.62
C GLN D 75 33.04 -6.71 3.38
N VAL D 76 32.88 -5.51 2.86
CA VAL D 76 32.00 -4.54 3.50
C VAL D 76 30.55 -5.02 3.36
N ALA D 77 30.24 -5.62 2.22
CA ALA D 77 28.90 -6.14 1.95
C ALA D 77 28.58 -7.22 2.98
N VAL D 78 29.43 -8.23 3.04
CA VAL D 78 29.26 -9.33 3.97
C VAL D 78 29.08 -8.81 5.38
N ALA D 79 29.93 -7.87 5.79
CA ALA D 79 29.83 -7.30 7.13
C ALA D 79 28.47 -6.65 7.35
N HIS D 80 28.01 -5.91 6.36
CA HIS D 80 26.72 -5.23 6.47
C HIS D 80 25.58 -6.23 6.55
N TYR D 81 25.56 -7.17 5.61
CA TYR D 81 24.52 -8.17 5.56
C TYR D 81 24.45 -8.89 6.92
N SER D 82 25.59 -9.35 7.43
CA SER D 82 25.60 -10.04 8.71
C SER D 82 25.07 -9.12 9.81
N ALA D 83 25.02 -7.83 9.51
CA ALA D 83 24.52 -6.85 10.47
C ALA D 83 22.99 -6.80 10.41
N GLN D 84 22.43 -6.83 9.22
CA GLN D 84 20.98 -6.82 9.07
C GLN D 84 20.42 -8.10 9.67
N LEU D 85 21.01 -9.23 9.30
CA LEU D 85 20.56 -10.52 9.79
C LEU D 85 20.84 -10.65 11.29
N ALA D 86 21.70 -9.79 11.80
CA ALA D 86 22.05 -9.83 13.21
C ALA D 86 20.85 -9.44 14.08
N THR D 87 19.91 -8.74 13.47
CA THR D 87 18.71 -8.31 14.19
C THR D 87 17.56 -9.29 13.96
N LEU D 88 17.79 -10.56 14.27
CA LEU D 88 16.76 -11.58 14.10
C LEU D 88 16.83 -12.61 15.23
N ASP D 89 18.01 -12.76 15.82
CA ASP D 89 18.22 -13.69 16.92
C ASP D 89 18.15 -15.13 16.44
N ILE D 90 18.82 -15.42 15.33
CA ILE D 90 18.83 -16.76 14.79
C ILE D 90 19.62 -17.71 15.69
N ASP D 91 18.94 -18.68 16.28
CA ASP D 91 19.59 -19.64 17.17
C ASP D 91 20.40 -20.66 16.36
N PRO D 92 21.73 -20.57 16.43
CA PRO D 92 22.69 -21.44 15.74
C PRO D 92 22.57 -22.93 16.06
N GLN D 93 22.19 -23.25 17.29
CA GLN D 93 22.05 -24.64 17.74
C GLN D 93 21.12 -25.42 16.81
N PRO D 94 21.50 -26.66 16.47
CA PRO D 94 20.73 -27.54 15.59
C PRO D 94 19.29 -27.72 16.05
N ILE D 95 18.49 -28.40 15.25
CA ILE D 95 17.09 -28.66 15.58
C ILE D 95 16.86 -30.16 15.62
N ALA D 96 15.90 -30.58 16.46
CA ALA D 96 15.56 -31.99 16.61
C ALA D 96 14.92 -32.49 15.33
N MSE D 97 15.18 -33.74 14.99
CA MSE D 97 14.60 -34.29 13.77
C MSE D 97 13.09 -34.19 13.73
O MSE D 97 12.50 -34.15 12.65
CB MSE D 97 15.01 -35.74 13.61
CG MSE D 97 16.40 -35.92 13.08
SE MSE D 97 16.59 -37.72 12.46
CE MSE D 97 15.83 -37.52 10.69
N GLU D 98 12.46 -34.16 14.90
CA GLU D 98 11.00 -34.06 14.96
C GLU D 98 10.58 -32.80 14.21
N ASP D 99 11.45 -31.79 14.24
CA ASP D 99 11.16 -30.53 13.58
C ASP D 99 11.79 -30.49 12.19
N SER D 100 12.61 -31.47 11.86
CA SER D 100 13.26 -31.52 10.57
C SER D 100 12.51 -32.39 9.58
N VAL D 101 11.76 -33.35 10.09
CA VAL D 101 11.00 -34.24 9.23
C VAL D 101 9.56 -33.78 9.11
N PHE D 102 9.01 -33.25 10.20
CA PHE D 102 7.64 -32.78 10.18
C PHE D 102 7.59 -31.27 10.28
N GLY D 103 8.76 -30.65 10.29
CA GLY D 103 8.83 -29.21 10.37
C GLY D 103 8.47 -28.61 11.71
N MSE D 104 8.55 -27.29 11.80
CA MSE D 104 8.25 -26.58 13.03
C MSE D 104 7.73 -25.18 12.71
O MSE D 104 7.41 -24.87 11.56
CB MSE D 104 9.51 -26.44 13.89
CG MSE D 104 10.46 -25.35 13.38
SE MSE D 104 12.09 -25.25 14.42
CE MSE D 104 13.36 -25.69 13.03
N ASP D 105 7.63 -24.34 13.73
CA ASP D 105 7.15 -22.98 13.53
C ASP D 105 8.09 -22.23 12.60
N GLY D 106 7.70 -22.10 11.33
CA GLY D 106 8.53 -21.39 10.39
C GLY D 106 9.19 -22.31 9.39
N LEU D 107 9.02 -23.60 9.58
CA LEU D 107 9.59 -24.59 8.68
C LEU D 107 8.52 -25.62 8.35
N GLU D 108 8.29 -25.86 7.05
CA GLU D 108 7.29 -26.83 6.65
C GLU D 108 7.84 -28.24 6.67
N ALA D 109 6.95 -29.21 6.81
CA ALA D 109 7.33 -30.62 6.87
C ALA D 109 7.95 -31.12 5.57
N LEU D 110 8.96 -31.97 5.70
CA LEU D 110 9.62 -32.52 4.53
C LEU D 110 8.60 -33.15 3.59
N ASP D 111 8.65 -32.81 2.30
CA ASP D 111 7.70 -33.37 1.34
C ASP D 111 7.94 -34.86 1.16
N LEU D 112 6.92 -35.66 1.45
CA LEU D 112 7.03 -37.11 1.34
C LEU D 112 6.62 -37.66 -0.01
N ASN D 113 6.72 -36.86 -1.06
CA ASN D 113 6.34 -37.32 -2.38
C ASN D 113 7.46 -37.25 -3.41
N THR D 114 8.53 -36.52 -3.07
CA THR D 114 9.67 -36.36 -3.95
C THR D 114 10.74 -37.44 -3.72
N SER D 115 11.50 -37.77 -4.77
CA SER D 115 12.56 -38.78 -4.66
C SER D 115 13.48 -38.52 -3.48
N ALA D 116 13.84 -39.59 -2.79
CA ALA D 116 14.73 -39.51 -1.64
C ALA D 116 16.18 -39.44 -2.14
N GLY D 117 16.36 -39.68 -3.44
CA GLY D 117 17.69 -39.64 -4.02
C GLY D 117 18.51 -40.90 -3.82
N TYR D 118 19.80 -40.83 -4.13
CA TYR D 118 20.71 -41.98 -3.99
C TYR D 118 20.85 -42.37 -2.51
N PRO D 119 20.90 -43.69 -2.22
CA PRO D 119 20.80 -44.78 -3.21
C PRO D 119 19.44 -45.47 -3.21
N TYR D 120 18.42 -44.79 -2.72
CA TYR D 120 17.08 -45.34 -2.65
C TYR D 120 16.41 -45.47 -4.02
N VAL D 121 16.76 -44.60 -4.95
CA VAL D 121 16.17 -44.64 -6.30
C VAL D 121 16.45 -45.96 -7.01
N THR D 122 17.60 -46.55 -6.70
CA THR D 122 17.98 -47.83 -7.31
C THR D 122 17.77 -48.97 -6.32
N LEU D 123 16.79 -48.82 -5.45
CA LEU D 123 16.45 -49.84 -4.46
C LEU D 123 14.94 -49.90 -4.26
N GLY D 124 14.21 -49.09 -5.03
CA GLY D 124 12.76 -49.06 -4.93
C GLY D 124 12.31 -48.62 -3.56
N ILE D 125 13.05 -47.67 -2.98
CA ILE D 125 12.74 -47.14 -1.65
C ILE D 125 12.30 -45.69 -1.71
N LYS D 126 11.09 -45.42 -1.20
CA LYS D 126 10.55 -44.07 -1.19
C LYS D 126 10.53 -43.47 0.22
N LYS D 127 10.26 -42.17 0.30
CA LYS D 127 10.24 -41.48 1.58
C LYS D 127 9.18 -42.03 2.56
N LYS D 128 8.08 -42.54 2.01
CA LYS D 128 7.01 -43.08 2.85
C LYS D 128 7.29 -44.53 3.25
N ASP D 129 8.57 -44.91 3.16
CA ASP D 129 8.99 -46.25 3.54
C ASP D 129 10.02 -46.06 4.64
N LEU D 130 10.32 -44.80 4.93
CA LEU D 130 11.29 -44.45 5.96
C LEU D 130 10.63 -43.49 6.94
N ILE D 131 9.48 -42.94 6.54
CA ILE D 131 8.74 -42.00 7.36
C ILE D 131 7.25 -42.31 7.31
N ASN D 132 6.57 -42.04 8.42
CA ASN D 132 5.13 -42.26 8.53
C ASN D 132 4.53 -41.06 9.23
N ASN D 133 3.86 -40.18 8.48
CA ASN D 133 3.28 -38.98 9.05
C ASN D 133 2.07 -39.18 9.96
N LYS D 134 1.43 -40.35 9.88
CA LYS D 134 0.27 -40.61 10.74
C LYS D 134 0.70 -40.93 12.17
N THR D 135 1.64 -41.84 12.33
CA THR D 135 2.12 -42.19 13.65
C THR D 135 3.31 -41.33 14.05
N LYS D 136 3.83 -40.57 13.09
CA LYS D 136 5.00 -39.71 13.32
C LYS D 136 6.23 -40.56 13.60
N ASP D 137 6.32 -41.69 12.91
CA ASP D 137 7.42 -42.63 13.08
C ASP D 137 8.58 -42.31 12.14
N ILE D 138 9.72 -41.94 12.70
CA ILE D 138 10.89 -41.63 11.90
C ILE D 138 12.06 -42.53 12.27
N SER D 139 11.77 -43.63 12.96
CA SER D 139 12.79 -44.57 13.40
C SER D 139 13.51 -45.26 12.25
N LYS D 140 12.74 -45.78 11.30
CA LYS D 140 13.33 -46.46 10.15
C LYS D 140 14.15 -45.45 9.36
N LEU D 141 13.93 -44.17 9.63
CA LEU D 141 14.66 -43.10 8.96
C LEU D 141 16.01 -42.95 9.64
N LYS D 142 16.01 -42.87 10.97
CA LYS D 142 17.24 -42.74 11.73
C LYS D 142 18.23 -43.83 11.37
N LEU D 143 17.71 -45.00 11.01
CA LEU D 143 18.54 -46.14 10.65
C LEU D 143 19.30 -45.90 9.35
N ALA D 144 18.56 -45.60 8.28
CA ALA D 144 19.19 -45.36 6.99
C ALA D 144 20.28 -44.29 7.11
N LEU D 145 20.06 -43.32 8.00
CA LEU D 145 21.03 -42.25 8.20
C LEU D 145 22.38 -42.80 8.65
N ASP D 146 22.35 -43.82 9.49
CA ASP D 146 23.57 -44.43 9.97
C ASP D 146 24.08 -45.45 8.95
N LYS D 147 23.16 -46.10 8.24
CA LYS D 147 23.55 -47.09 7.25
C LYS D 147 24.34 -46.50 6.07
N TYR D 148 23.80 -45.47 5.43
CA TYR D 148 24.49 -44.87 4.30
C TYR D 148 25.25 -43.59 4.63
N ASP D 149 25.21 -43.19 5.90
CA ASP D 149 25.92 -42.00 6.36
C ASP D 149 25.46 -40.73 5.60
N VAL D 150 26.29 -39.69 5.64
CA VAL D 150 25.98 -38.43 4.97
C VAL D 150 26.92 -38.10 3.82
N ASP D 151 26.71 -36.93 3.21
CA ASP D 151 27.51 -36.47 2.08
C ASP D 151 27.48 -37.50 0.94
N LEU D 152 26.29 -37.68 0.37
CA LEU D 152 26.10 -38.63 -0.72
C LEU D 152 25.82 -37.92 -2.04
N PRO D 153 26.20 -38.55 -3.15
CA PRO D 153 26.00 -37.98 -4.49
C PRO D 153 24.53 -37.78 -4.84
N MSE D 154 24.18 -36.56 -5.22
CA MSE D 154 22.80 -36.26 -5.58
C MSE D 154 22.51 -36.78 -6.99
O MSE D 154 23.43 -36.95 -7.79
CB MSE D 154 22.55 -34.75 -5.49
CG MSE D 154 23.80 -33.88 -5.50
SE MSE D 154 23.45 -31.99 -5.14
CE MSE D 154 23.78 -31.94 -3.23
N ILE D 155 21.25 -37.03 -7.28
CA ILE D 155 20.85 -37.53 -8.60
C ILE D 155 20.31 -36.42 -9.48
N THR D 156 20.53 -36.55 -10.79
CA THR D 156 20.06 -35.54 -11.74
C THR D 156 18.81 -36.02 -12.47
N PHE D 157 17.70 -35.31 -12.28
CA PHE D 157 16.46 -35.66 -12.94
C PHE D 157 16.07 -34.65 -13.99
N LEU D 158 15.12 -35.04 -14.83
CA LEU D 158 14.63 -34.20 -15.92
C LEU D 158 13.24 -33.65 -15.59
N LYS D 159 13.16 -32.40 -15.16
CA LYS D 159 11.88 -31.79 -14.80
C LYS D 159 10.86 -31.85 -15.93
N ASP D 160 9.75 -32.56 -15.70
CA ASP D 160 8.68 -32.69 -16.68
C ASP D 160 7.76 -31.47 -16.58
N GLU D 161 7.75 -30.65 -17.63
CA GLU D 161 6.94 -29.44 -17.65
C GLU D 161 6.78 -28.92 -19.07
N LEU D 162 6.04 -27.83 -19.20
CA LEU D 162 5.80 -27.20 -20.50
C LEU D 162 6.83 -26.11 -20.73
N ARG D 163 7.31 -26.01 -21.96
CA ARG D 163 8.32 -25.03 -22.31
C ARG D 163 7.92 -24.27 -23.58
N LYS D 164 8.59 -23.15 -23.84
CA LYS D 164 8.29 -22.35 -25.03
C LYS D 164 8.74 -23.04 -26.31
N LYS D 165 8.47 -22.41 -27.45
CA LYS D 165 8.83 -22.95 -28.76
C LYS D 165 10.33 -23.16 -28.97
N ASP D 166 11.10 -22.09 -28.82
CA ASP D 166 12.56 -22.15 -29.00
C ASP D 166 13.25 -23.10 -28.01
N LYS D 167 12.95 -22.93 -26.74
CA LYS D 167 13.56 -23.76 -25.70
C LYS D 167 13.33 -25.26 -25.93
N ILE D 168 12.44 -25.60 -26.86
CA ILE D 168 12.15 -27.00 -27.17
C ILE D 168 13.09 -27.53 -28.24
N ALA D 169 13.20 -26.78 -29.34
CA ALA D 169 14.06 -27.16 -30.46
C ALA D 169 15.52 -27.02 -30.06
N ALA D 170 15.76 -26.22 -29.03
CA ALA D 170 17.11 -25.99 -28.54
C ALA D 170 17.55 -27.09 -27.59
N GLY D 171 16.68 -27.45 -26.65
CA GLY D 171 17.02 -28.49 -25.70
C GLY D 171 17.18 -27.93 -24.30
N LYS D 172 16.58 -26.77 -24.05
CA LYS D 172 16.66 -26.12 -22.75
C LYS D 172 15.69 -26.75 -21.75
N THR D 173 15.95 -28.01 -21.43
CA THR D 173 15.14 -28.77 -20.48
C THR D 173 15.70 -28.63 -19.07
N ARG D 174 14.97 -27.92 -18.21
CA ARG D 174 15.40 -27.73 -16.83
C ARG D 174 15.65 -29.07 -16.16
N VAL D 175 16.63 -29.11 -15.26
CA VAL D 175 16.97 -30.34 -14.54
C VAL D 175 16.77 -30.19 -13.04
N ILE D 176 16.68 -31.32 -12.34
CA ILE D 176 16.49 -31.30 -10.90
C ILE D 176 17.51 -32.20 -10.20
N GLU D 177 18.52 -31.59 -9.61
CA GLU D 177 19.55 -32.33 -8.89
C GLU D 177 19.10 -32.54 -7.45
N ALA D 178 18.23 -33.53 -7.24
CA ALA D 178 17.72 -33.84 -5.91
C ALA D 178 18.77 -34.59 -5.11
N SER D 179 19.20 -33.98 -4.02
CA SER D 179 20.19 -34.60 -3.16
C SER D 179 19.54 -35.68 -2.29
N SER D 180 20.35 -36.60 -1.81
CA SER D 180 19.87 -37.68 -0.96
C SER D 180 19.11 -37.11 0.24
N ILE D 181 18.05 -37.81 0.66
CA ILE D 181 17.25 -37.36 1.80
C ILE D 181 18.10 -37.27 3.06
N ASN D 182 19.16 -38.09 3.09
CA ASN D 182 20.09 -38.11 4.20
C ASN D 182 20.70 -36.72 4.36
N ASP D 183 21.20 -36.18 3.25
CA ASP D 183 21.79 -34.85 3.23
C ASP D 183 20.75 -33.78 3.52
N THR D 184 19.56 -33.95 2.96
CA THR D 184 18.48 -33.00 3.17
C THR D 184 18.22 -32.85 4.68
N ILE D 185 18.27 -33.96 5.41
CA ILE D 185 18.04 -33.94 6.84
C ILE D 185 19.17 -33.24 7.58
N LEU D 186 20.40 -33.46 7.11
CA LEU D 186 21.58 -32.86 7.72
C LEU D 186 21.53 -31.35 7.59
N PHE D 187 21.20 -30.88 6.38
CA PHE D 187 21.14 -29.45 6.15
C PHE D 187 20.02 -28.81 6.96
N ARG D 188 18.87 -29.48 7.02
CA ARG D 188 17.72 -28.97 7.75
C ARG D 188 17.93 -28.93 9.27
N THR D 189 18.75 -29.84 9.79
CA THR D 189 19.00 -29.86 11.23
C THR D 189 20.05 -28.81 11.61
N VAL D 190 21.05 -28.63 10.76
CA VAL D 190 22.10 -27.65 11.02
C VAL D 190 21.60 -26.23 10.85
N TYR D 191 20.98 -25.94 9.71
CA TYR D 191 20.49 -24.58 9.46
C TYR D 191 19.00 -24.42 9.67
N GLY D 192 18.39 -25.41 10.33
CA GLY D 192 16.96 -25.35 10.59
C GLY D 192 16.45 -24.02 11.10
N ASN D 193 17.08 -23.48 12.14
CA ASN D 193 16.62 -22.22 12.69
C ASN D 193 16.77 -21.06 11.71
N LEU D 194 17.85 -21.06 10.94
CA LEU D 194 18.07 -20.00 9.97
C LEU D 194 17.00 -20.06 8.89
N PHE D 195 16.72 -21.26 8.40
CA PHE D 195 15.69 -21.45 7.39
C PHE D 195 14.38 -20.91 7.96
N SER D 196 14.10 -21.29 9.20
CA SER D 196 12.87 -20.88 9.88
C SER D 196 12.72 -19.36 9.97
N LYS D 197 13.65 -18.72 10.67
CA LYS D 197 13.61 -17.28 10.84
C LYS D 197 13.51 -16.55 9.49
N PHE D 198 13.91 -17.21 8.41
CA PHE D 198 13.85 -16.59 7.10
C PHE D 198 12.44 -16.64 6.52
N HIS D 199 11.84 -17.83 6.60
CA HIS D 199 10.49 -18.05 6.11
C HIS D 199 9.49 -17.19 6.88
N LEU D 200 9.78 -16.95 8.15
CA LEU D 200 8.91 -16.15 9.00
C LEU D 200 9.13 -14.65 8.88
N ASN D 201 10.19 -14.25 8.18
CA ASN D 201 10.50 -12.83 8.05
C ASN D 201 10.87 -12.35 6.66
N PRO D 202 10.01 -12.64 5.66
CA PRO D 202 10.32 -12.19 4.31
C PRO D 202 10.33 -10.66 4.29
N GLY D 203 11.25 -10.08 3.52
CA GLY D 203 11.33 -8.64 3.46
C GLY D 203 12.74 -8.11 3.22
N VAL D 204 12.98 -6.89 3.65
CA VAL D 204 14.28 -6.24 3.47
C VAL D 204 15.29 -6.67 4.54
N VAL D 205 14.86 -6.72 5.79
CA VAL D 205 15.76 -7.11 6.88
C VAL D 205 16.59 -8.31 6.45
N THR D 206 15.94 -9.33 5.90
CA THR D 206 16.64 -10.53 5.45
C THR D 206 16.90 -10.47 3.95
N GLY D 207 16.41 -9.40 3.32
CA GLY D 207 16.58 -9.26 1.88
C GLY D 207 16.13 -10.52 1.14
N CYS D 208 15.14 -11.22 1.69
CA CYS D 208 14.65 -12.47 1.09
C CYS D 208 13.11 -12.48 0.93
N ALA D 209 12.59 -13.30 0.01
CA ALA D 209 11.15 -13.39 -0.19
C ALA D 209 10.67 -14.84 -0.08
N VAL D 210 11.60 -15.75 0.16
CA VAL D 210 11.27 -17.16 0.29
C VAL D 210 10.34 -17.35 1.48
N GLY D 211 9.27 -18.10 1.24
CA GLY D 211 8.30 -18.34 2.29
C GLY D 211 7.29 -17.20 2.39
N CYS D 212 7.14 -16.40 1.34
CA CYS D 212 6.18 -15.30 1.36
C CYS D 212 4.89 -15.74 0.69
N ASP D 213 3.86 -14.92 0.81
CA ASP D 213 2.56 -15.17 0.18
C ASP D 213 2.31 -13.94 -0.67
N PRO D 214 2.63 -14.04 -1.98
CA PRO D 214 2.46 -12.97 -2.96
C PRO D 214 1.16 -12.19 -2.83
N GLU D 215 0.09 -12.88 -2.42
CA GLU D 215 -1.21 -12.22 -2.28
C GLU D 215 -1.22 -11.12 -1.22
N THR D 216 -0.23 -11.12 -0.34
CA THR D 216 -0.17 -10.10 0.71
C THR D 216 1.17 -9.38 0.72
N PHE D 217 2.19 -10.05 0.22
CA PHE D 217 3.54 -9.50 0.18
C PHE D 217 3.62 -8.30 -0.77
N TRP D 218 3.12 -8.47 -2.00
CA TRP D 218 3.15 -7.39 -2.98
C TRP D 218 2.64 -6.10 -2.37
N SER D 219 1.58 -6.21 -1.57
CA SER D 219 0.99 -5.06 -0.91
C SER D 219 1.81 -4.68 0.32
N LYS D 220 3.13 -4.74 0.18
CA LYS D 220 4.01 -4.41 1.30
C LYS D 220 5.42 -4.15 0.79
N ILE D 221 5.67 -4.51 -0.46
CA ILE D 221 6.98 -4.31 -1.06
C ILE D 221 7.31 -2.83 -1.17
N PRO D 222 6.40 -2.02 -1.72
CA PRO D 222 6.63 -0.59 -1.86
C PRO D 222 7.04 0.05 -0.55
N LEU D 223 6.33 -0.30 0.52
CA LEU D 223 6.64 0.25 1.84
C LEU D 223 8.03 -0.15 2.30
N MSE D 224 8.63 -1.12 1.64
CA MSE D 224 9.97 -1.59 2.00
C MSE D 224 11.05 -1.05 1.07
O MSE D 224 12.06 -0.52 1.55
CB MSE D 224 10.00 -3.11 2.00
CG MSE D 224 8.96 -3.75 2.87
SE MSE D 224 9.15 -5.67 2.95
CE MSE D 224 10.03 -5.76 4.68
N LEU D 225 10.85 -1.21 -0.23
CA LEU D 225 11.81 -0.73 -1.21
C LEU D 225 11.70 0.78 -1.37
N ASP D 226 11.86 1.51 -0.26
CA ASP D 226 11.78 2.96 -0.25
C ASP D 226 13.01 3.55 -0.94
N GLY D 227 12.82 4.58 -1.74
CA GLY D 227 13.95 5.18 -2.43
C GLY D 227 13.53 6.28 -3.37
N ASP D 228 13.64 6.02 -4.67
CA ASP D 228 13.25 7.00 -5.67
C ASP D 228 12.87 6.27 -6.94
N CYS D 229 13.35 5.05 -7.06
CA CYS D 229 13.08 4.20 -8.21
C CYS D 229 13.36 2.76 -7.85
N ILE D 230 12.57 1.85 -8.39
CA ILE D 230 12.75 0.43 -8.14
C ILE D 230 13.39 -0.16 -9.40
N MSE D 231 14.07 -1.29 -9.24
CA MSE D 231 14.71 -1.93 -10.39
C MSE D 231 15.07 -3.39 -10.17
O MSE D 231 15.23 -3.85 -9.04
CB MSE D 231 15.97 -1.16 -10.79
CG MSE D 231 16.93 -0.90 -9.66
SE MSE D 231 17.75 0.83 -9.84
CE MSE D 231 16.98 1.70 -8.29
N ALA D 232 15.17 -4.10 -11.29
CA ALA D 232 15.49 -5.51 -11.29
C ALA D 232 16.28 -5.78 -12.56
N PHE D 233 16.39 -7.05 -12.92
CA PHE D 233 17.16 -7.44 -14.11
C PHE D 233 17.11 -8.95 -14.26
N ASP D 234 17.96 -9.50 -15.12
CA ASP D 234 17.98 -10.95 -15.36
C ASP D 234 19.33 -11.57 -15.00
N TYR D 235 19.50 -12.84 -15.37
CA TYR D 235 20.73 -13.59 -15.12
C TYR D 235 20.85 -14.69 -16.15
N THR D 236 21.90 -14.66 -16.96
CA THR D 236 22.07 -15.70 -17.95
C THR D 236 22.80 -16.87 -17.32
N ASN D 237 22.10 -17.99 -17.17
CA ASN D 237 22.70 -19.17 -16.56
C ASN D 237 23.28 -18.84 -15.19
N TYR D 238 22.39 -18.54 -14.24
CA TYR D 238 22.77 -18.21 -12.88
C TYR D 238 23.45 -19.37 -12.16
N ASP D 239 23.01 -20.59 -12.45
CA ASP D 239 23.56 -21.78 -11.81
C ASP D 239 25.06 -21.95 -12.03
N GLY D 240 25.59 -21.30 -13.07
CA GLY D 240 27.01 -21.40 -13.34
C GLY D 240 27.76 -20.13 -13.00
N SER D 241 27.14 -18.99 -13.25
CA SER D 241 27.74 -17.70 -12.99
C SER D 241 28.27 -17.55 -11.56
N ILE D 242 27.69 -18.29 -10.63
CA ILE D 242 28.11 -18.23 -9.24
C ILE D 242 29.52 -18.78 -9.06
N HIS D 243 30.43 -17.89 -8.70
CA HIS D 243 31.83 -18.25 -8.50
C HIS D 243 32.07 -18.66 -7.06
N PRO D 244 32.97 -19.63 -6.85
CA PRO D 244 33.33 -20.15 -5.54
C PRO D 244 33.57 -19.08 -4.48
N ILE D 245 34.06 -17.91 -4.89
CA ILE D 245 34.31 -16.84 -3.93
C ILE D 245 33.03 -16.46 -3.19
N TRP D 246 31.91 -16.54 -3.88
CA TRP D 246 30.63 -16.19 -3.26
C TRP D 246 30.30 -17.14 -2.10
N PHE D 247 30.64 -18.41 -2.25
CA PHE D 247 30.38 -19.38 -1.19
C PHE D 247 31.20 -19.04 0.05
N LYS D 248 32.37 -18.43 -0.16
CA LYS D 248 33.22 -18.04 0.96
C LYS D 248 32.52 -16.92 1.72
N ALA D 249 31.96 -15.97 0.96
CA ALA D 249 31.23 -14.86 1.56
C ALA D 249 30.01 -15.44 2.26
N LEU D 250 29.40 -16.43 1.63
CA LEU D 250 28.25 -17.07 2.26
C LEU D 250 28.75 -17.68 3.56
N GLY D 251 29.80 -18.50 3.46
CA GLY D 251 30.38 -19.14 4.63
C GLY D 251 30.79 -18.13 5.68
N MSE D 252 31.25 -16.97 5.24
CA MSE D 252 31.67 -15.93 6.17
C MSE D 252 30.48 -15.31 6.87
O MSE D 252 30.54 -15.02 8.06
CB MSE D 252 32.45 -14.83 5.42
CG MSE D 252 33.89 -15.19 5.11
SE MSE D 252 34.78 -13.78 4.13
CE MSE D 252 35.00 -12.49 5.58
N VAL D 253 29.40 -15.10 6.14
CA VAL D 253 28.20 -14.52 6.73
C VAL D 253 27.64 -15.47 7.78
N LEU D 254 27.55 -16.75 7.42
CA LEU D 254 27.04 -17.75 8.33
C LEU D 254 27.84 -17.73 9.62
N ASP D 255 29.17 -17.74 9.48
CA ASP D 255 30.07 -17.71 10.62
C ASP D 255 29.79 -16.50 11.50
N ASN D 256 29.53 -15.35 10.88
CA ASN D 256 29.25 -14.13 11.64
C ASN D 256 27.92 -14.27 12.37
N LEU D 257 27.20 -15.36 12.10
CA LEU D 257 25.92 -15.61 12.75
C LEU D 257 26.04 -16.86 13.61
N SER D 258 27.26 -17.35 13.75
CA SER D 258 27.58 -18.52 14.56
C SER D 258 27.14 -19.86 13.98
N PHE D 259 27.04 -19.94 12.65
CA PHE D 259 26.64 -21.18 12.01
C PHE D 259 27.83 -21.93 11.46
N ASN D 260 27.55 -23.01 10.74
CA ASN D 260 28.60 -23.83 10.13
C ASN D 260 28.87 -23.43 8.68
N PRO D 261 29.99 -22.74 8.44
CA PRO D 261 30.41 -22.27 7.12
C PRO D 261 31.06 -23.34 6.25
N THR D 262 31.01 -24.59 6.69
CA THR D 262 31.64 -25.68 5.95
C THR D 262 30.67 -26.52 5.12
N LEU D 263 29.52 -26.82 5.69
CA LEU D 263 28.53 -27.63 5.01
C LEU D 263 28.14 -27.11 3.63
N ILE D 264 27.96 -25.80 3.52
CA ILE D 264 27.56 -25.22 2.24
C ILE D 264 28.52 -25.55 1.11
N ASN D 265 29.79 -25.80 1.44
CA ASN D 265 30.79 -26.13 0.44
C ASN D 265 30.45 -27.38 -0.35
N ARG D 266 29.54 -28.19 0.18
CA ARG D 266 29.14 -29.41 -0.51
C ARG D 266 28.27 -29.07 -1.72
N LEU D 267 27.84 -27.81 -1.78
CA LEU D 267 27.02 -27.34 -2.88
C LEU D 267 27.94 -26.79 -3.95
N CYS D 268 28.97 -26.07 -3.52
CA CYS D 268 29.95 -25.49 -4.41
C CYS D 268 30.80 -26.60 -5.04
N ASN D 269 31.16 -27.58 -4.23
CA ASN D 269 31.93 -28.73 -4.69
C ASN D 269 30.96 -29.90 -4.86
N SER D 270 30.06 -29.74 -5.83
CA SER D 270 29.02 -30.72 -6.14
C SER D 270 29.54 -32.13 -6.37
N LYS D 271 28.61 -33.07 -6.51
CA LYS D 271 28.91 -34.47 -6.76
C LYS D 271 27.67 -35.12 -7.34
N HIS D 272 27.52 -35.01 -8.65
CA HIS D 272 26.36 -35.54 -9.35
C HIS D 272 26.52 -36.90 -10.01
N ILE D 273 25.39 -37.48 -10.39
CA ILE D 273 25.32 -38.77 -11.08
C ILE D 273 24.16 -38.64 -12.08
N PHE D 274 24.46 -38.20 -13.29
CA PHE D 274 23.44 -38.01 -14.31
C PHE D 274 22.64 -39.27 -14.62
N LYS D 275 23.11 -40.06 -15.58
CA LYS D 275 22.38 -41.29 -15.93
C LYS D 275 23.20 -42.55 -15.73
N SER D 276 24.50 -42.45 -15.94
CA SER D 276 25.40 -43.59 -15.76
C SER D 276 26.82 -43.05 -15.83
N THR D 277 26.96 -41.75 -15.59
CA THR D 277 28.25 -41.08 -15.62
C THR D 277 28.43 -40.17 -14.41
N TYR D 278 29.16 -40.66 -13.40
CA TYR D 278 29.41 -39.88 -12.21
C TYR D 278 30.35 -38.72 -12.54
N TYR D 279 30.22 -37.62 -11.80
CA TYR D 279 31.06 -36.46 -12.04
C TYR D 279 30.92 -35.43 -10.94
N GLU D 280 31.98 -34.66 -10.73
CA GLU D 280 31.98 -33.63 -9.70
C GLU D 280 32.02 -32.24 -10.30
N VAL D 281 31.26 -31.32 -9.70
CA VAL D 281 31.24 -29.94 -10.15
C VAL D 281 31.87 -29.04 -9.11
N GLU D 282 32.64 -28.08 -9.59
CA GLU D 282 33.32 -27.14 -8.71
C GLU D 282 32.93 -25.72 -9.11
N GLY D 283 32.02 -25.14 -8.32
CA GLY D 283 31.53 -23.79 -8.60
C GLY D 283 30.09 -23.83 -9.05
N GLY D 284 29.36 -22.76 -8.78
CA GLY D 284 27.96 -22.71 -9.17
C GLY D 284 27.04 -23.37 -8.16
N VAL D 285 25.74 -23.18 -8.34
CA VAL D 285 24.76 -23.76 -7.44
C VAL D 285 23.97 -24.88 -8.13
N PRO D 286 23.68 -25.96 -7.39
CA PRO D 286 22.91 -27.09 -7.94
C PRO D 286 21.52 -26.61 -8.35
N SER D 287 20.97 -27.21 -9.39
CA SER D 287 19.64 -26.85 -9.88
C SER D 287 18.55 -27.71 -9.27
N GLY D 288 17.43 -27.08 -8.94
CA GLY D 288 16.31 -27.79 -8.37
C GLY D 288 16.56 -28.34 -6.97
N CYS D 289 17.82 -28.29 -6.54
CA CYS D 289 18.16 -28.80 -5.22
C CYS D 289 17.35 -28.11 -4.13
N SER D 290 16.66 -28.90 -3.32
CA SER D 290 15.84 -28.37 -2.24
C SER D 290 16.70 -27.79 -1.12
N GLY D 291 16.20 -26.73 -0.51
CA GLY D 291 16.92 -26.09 0.58
C GLY D 291 18.00 -25.14 0.10
N THR D 292 17.96 -24.78 -1.18
CA THR D 292 18.95 -23.87 -1.75
C THR D 292 18.37 -22.49 -2.02
N SER D 293 17.06 -22.38 -1.95
CA SER D 293 16.39 -21.11 -2.19
C SER D 293 16.93 -20.02 -1.26
N ILE D 294 17.03 -20.36 0.03
CA ILE D 294 17.53 -19.40 0.99
C ILE D 294 18.98 -19.03 0.74
N PHE D 295 19.83 -20.01 0.47
CA PHE D 295 21.24 -19.71 0.22
C PHE D 295 21.42 -18.80 -0.99
N ASN D 296 20.82 -19.16 -2.12
CA ASN D 296 20.95 -18.33 -3.31
C ASN D 296 20.48 -16.89 -3.04
N SER D 297 19.51 -16.73 -2.17
CA SER D 297 19.03 -15.40 -1.84
C SER D 297 20.06 -14.61 -1.06
N MSE D 298 20.74 -15.24 -0.11
CA MSE D 298 21.74 -14.56 0.68
C MSE D 298 22.89 -14.14 -0.23
O MSE D 298 23.41 -13.03 -0.09
CB MSE D 298 22.24 -15.47 1.79
CG MSE D 298 21.19 -15.79 2.84
SE MSE D 298 21.73 -17.23 4.06
CE MSE D 298 22.04 -16.12 5.61
N ILE D 299 23.25 -15.01 -1.16
CA ILE D 299 24.31 -14.73 -2.12
C ILE D 299 24.02 -13.44 -2.90
N ASN D 300 22.84 -13.37 -3.52
CA ASN D 300 22.47 -12.19 -4.28
C ASN D 300 22.53 -10.97 -3.36
N ASN D 301 22.15 -11.15 -2.11
CA ASN D 301 22.20 -10.05 -1.18
C ASN D 301 23.61 -9.51 -1.00
N ILE D 302 24.58 -10.38 -1.26
CA ILE D 302 26.00 -10.06 -1.15
C ILE D 302 26.49 -9.50 -2.48
N ILE D 303 26.05 -10.11 -3.57
CA ILE D 303 26.43 -9.68 -4.91
C ILE D 303 25.93 -8.25 -5.22
N ILE D 304 24.62 -8.07 -5.14
CA ILE D 304 24.03 -6.78 -5.40
C ILE D 304 24.65 -5.73 -4.50
N ARG D 305 24.79 -6.07 -3.22
CA ARG D 305 25.38 -5.16 -2.26
C ARG D 305 26.81 -4.83 -2.68
N THR D 306 27.44 -5.74 -3.42
CA THR D 306 28.80 -5.55 -3.90
C THR D 306 28.83 -4.78 -5.22
N LEU D 307 27.99 -5.18 -6.17
CA LEU D 307 27.96 -4.50 -7.47
C LEU D 307 27.58 -3.03 -7.35
N VAL D 308 26.88 -2.67 -6.28
CA VAL D 308 26.50 -1.29 -6.06
C VAL D 308 27.72 -0.50 -5.60
N LEU D 309 28.36 -0.96 -4.53
CA LEU D 309 29.55 -0.32 -4.00
C LEU D 309 30.66 -0.39 -5.05
N ASP D 310 30.41 -1.16 -6.10
CA ASP D 310 31.36 -1.35 -7.18
C ASP D 310 31.26 -0.17 -8.17
N ALA D 311 30.03 0.19 -8.52
CA ALA D 311 29.81 1.28 -9.47
C ALA D 311 29.98 2.67 -8.84
N TYR D 312 29.17 2.96 -7.83
CA TYR D 312 29.23 4.26 -7.16
C TYR D 312 30.01 4.21 -5.85
N LYS D 313 30.33 5.39 -5.32
CA LYS D 313 31.05 5.50 -4.06
C LYS D 313 30.21 6.32 -3.08
N HIS D 314 30.63 6.35 -1.82
CA HIS D 314 29.93 7.09 -0.78
C HIS D 314 28.49 6.55 -0.63
N ILE D 315 28.29 5.30 -1.02
CA ILE D 315 26.97 4.67 -0.96
C ILE D 315 26.57 4.22 0.45
N ASP D 316 25.42 4.71 0.90
CA ASP D 316 24.90 4.37 2.22
C ASP D 316 24.16 3.03 2.11
N LEU D 317 24.86 1.95 2.40
CA LEU D 317 24.24 0.63 2.31
C LEU D 317 23.00 0.49 3.19
N ASP D 318 22.93 1.26 4.26
CA ASP D 318 21.76 1.19 5.14
C ASP D 318 20.51 1.75 4.47
N LYS D 319 20.69 2.38 3.31
CA LYS D 319 19.56 2.94 2.57
C LYS D 319 19.35 2.18 1.27
N LEU D 320 19.91 0.99 1.18
CA LEU D 320 19.77 0.14 0.00
C LEU D 320 18.91 -1.08 0.36
N LYS D 321 17.63 -1.02 0.03
CA LYS D 321 16.71 -2.11 0.31
C LYS D 321 16.73 -3.15 -0.80
N ILE D 322 16.80 -4.42 -0.43
CA ILE D 322 16.84 -5.52 -1.40
C ILE D 322 15.91 -6.66 -1.04
N ILE D 323 15.43 -7.36 -2.06
CA ILE D 323 14.53 -8.49 -1.87
C ILE D 323 14.78 -9.51 -2.96
N ALA D 324 15.36 -10.66 -2.59
CA ALA D 324 15.66 -11.69 -3.57
C ALA D 324 15.01 -13.04 -3.30
N TYR D 325 14.96 -13.88 -4.32
CA TYR D 325 14.38 -15.20 -4.21
C TYR D 325 15.06 -16.06 -5.27
N GLY D 326 16.24 -16.57 -4.94
CA GLY D 326 16.97 -17.38 -5.88
C GLY D 326 17.65 -16.48 -6.90
N ASP D 327 17.58 -16.86 -8.18
CA ASP D 327 18.18 -16.08 -9.25
C ASP D 327 17.25 -14.95 -9.68
N ASP D 328 16.43 -14.47 -8.74
CA ASP D 328 15.46 -13.41 -9.00
C ASP D 328 15.61 -12.39 -7.88
N VAL D 329 15.69 -11.10 -8.23
CA VAL D 329 15.84 -10.07 -7.22
C VAL D 329 15.33 -8.69 -7.65
N ILE D 330 15.03 -7.86 -6.65
CA ILE D 330 14.56 -6.50 -6.86
C ILE D 330 15.06 -5.68 -5.68
N PHE D 331 15.47 -4.44 -5.95
CA PHE D 331 16.00 -3.57 -4.90
C PHE D 331 15.75 -2.09 -5.17
N SER D 332 15.78 -1.30 -4.11
CA SER D 332 15.55 0.14 -4.22
C SER D 332 16.64 0.96 -3.54
N TYR D 333 16.80 2.20 -4.00
CA TYR D 333 17.78 3.10 -3.42
C TYR D 333 17.41 4.55 -3.69
N LYS D 334 17.79 5.42 -2.76
CA LYS D 334 17.50 6.86 -2.81
C LYS D 334 17.68 7.61 -4.12
N TYR D 335 18.51 7.12 -5.03
CA TYR D 335 18.70 7.85 -6.28
C TYR D 335 18.58 6.97 -7.54
N LYS D 336 18.24 7.61 -8.65
CA LYS D 336 18.07 6.92 -9.92
C LYS D 336 19.40 6.32 -10.36
N LEU D 337 19.78 5.22 -9.75
CA LEU D 337 21.04 4.54 -10.05
C LEU D 337 20.97 3.85 -11.41
N ASP D 338 22.02 3.99 -12.20
CA ASP D 338 22.05 3.38 -13.53
C ASP D 338 22.14 1.87 -13.38
N MSE D 339 21.06 1.18 -13.73
CA MSE D 339 21.05 -0.27 -13.62
C MSE D 339 22.15 -0.91 -14.45
O MSE D 339 22.79 -1.86 -14.00
CB MSE D 339 19.68 -0.81 -14.06
CG MSE D 339 19.46 -2.30 -13.78
SE MSE D 339 19.48 -2.78 -11.88
CE MSE D 339 21.23 -3.60 -11.78
N GLU D 340 22.40 -0.39 -15.65
CA GLU D 340 23.44 -0.95 -16.50
C GLU D 340 24.84 -0.70 -15.92
N ALA D 341 24.95 0.30 -15.05
CA ALA D 341 26.21 0.66 -14.41
C ALA D 341 26.57 -0.33 -13.30
N ILE D 342 25.58 -1.11 -12.88
CA ILE D 342 25.74 -2.11 -11.83
C ILE D 342 25.80 -3.49 -12.46
N ALA D 343 25.37 -3.57 -13.71
CA ALA D 343 25.36 -4.83 -14.44
C ALA D 343 26.72 -5.23 -14.96
N LYS D 344 27.45 -4.27 -15.51
CA LYS D 344 28.76 -4.58 -16.06
C LYS D 344 29.80 -4.81 -14.98
N GLU D 345 29.48 -4.40 -13.75
CA GLU D 345 30.39 -4.59 -12.63
C GLU D 345 30.54 -6.08 -12.32
N GLY D 346 29.46 -6.83 -12.47
CA GLY D 346 29.50 -8.25 -12.20
C GLY D 346 30.01 -9.07 -13.37
N GLN D 347 30.47 -8.38 -14.41
CA GLN D 347 30.98 -9.05 -15.60
C GLN D 347 32.35 -9.65 -15.33
N LYS D 348 33.07 -9.04 -14.39
CA LYS D 348 34.41 -9.50 -14.03
C LYS D 348 34.37 -10.71 -13.11
N TYR D 349 33.18 -11.05 -12.61
CA TYR D 349 33.01 -12.20 -11.73
C TYR D 349 32.46 -13.41 -12.49
N GLY D 350 31.80 -13.13 -13.60
CA GLY D 350 31.23 -14.22 -14.39
C GLY D 350 29.72 -14.15 -14.41
N LEU D 351 29.19 -13.12 -13.74
CA LEU D 351 27.75 -12.91 -13.67
C LEU D 351 27.23 -12.15 -14.87
N THR D 352 26.26 -12.75 -15.56
CA THR D 352 25.70 -12.13 -16.74
C THR D 352 24.38 -11.43 -16.44
N ILE D 353 24.45 -10.15 -16.11
CA ILE D 353 23.25 -9.38 -15.80
C ILE D 353 22.73 -8.68 -17.04
N THR D 354 21.68 -9.24 -17.64
CA THR D 354 21.07 -8.68 -18.84
C THR D 354 19.81 -7.89 -18.47
N PRO D 355 19.25 -7.13 -19.42
CA PRO D 355 18.05 -6.34 -19.18
C PRO D 355 16.88 -7.22 -18.74
N ALA D 356 16.09 -6.72 -17.80
CA ALA D 356 14.95 -7.46 -17.30
C ALA D 356 13.89 -7.67 -18.37
N ASP D 357 13.08 -8.70 -18.19
CA ASP D 357 12.01 -9.02 -19.12
C ASP D 357 12.54 -9.52 -20.45
N LYS D 358 13.76 -10.06 -20.43
CA LYS D 358 14.39 -10.58 -21.63
C LYS D 358 14.29 -9.61 -22.81
N SER D 359 14.21 -8.32 -22.51
CA SER D 359 14.12 -7.31 -23.57
C SER D 359 15.46 -7.16 -24.27
N SER D 360 15.54 -6.17 -25.16
CA SER D 360 16.78 -5.90 -25.90
C SER D 360 17.64 -4.86 -25.19
N GLU D 361 17.19 -3.62 -25.14
CA GLU D 361 17.94 -2.55 -24.48
C GLU D 361 17.63 -2.50 -22.98
N PHE D 362 18.53 -1.89 -22.21
CA PHE D 362 18.37 -1.78 -20.76
C PHE D 362 17.20 -0.88 -20.38
N LYS D 363 16.02 -1.25 -20.85
CA LYS D 363 14.80 -0.48 -20.58
C LYS D 363 14.70 -0.13 -19.09
N GLU D 364 14.41 1.13 -18.79
CA GLU D 364 14.26 1.54 -17.40
C GLU D 364 12.99 0.86 -16.90
N LEU D 365 12.77 0.82 -15.60
CA LEU D 365 11.58 0.15 -15.07
C LEU D 365 10.97 0.78 -13.82
N ASP D 366 9.64 0.73 -13.75
CA ASP D 366 8.87 1.25 -12.62
C ASP D 366 7.79 0.24 -12.22
N TYR D 367 7.00 0.58 -11.21
CA TYR D 367 5.94 -0.29 -10.71
C TYR D 367 4.83 -0.57 -11.73
N GLY D 368 5.21 -0.75 -12.99
CA GLY D 368 4.23 -1.00 -14.02
C GLY D 368 4.73 -2.03 -15.02
N ASN D 369 5.99 -2.41 -14.90
CA ASN D 369 6.59 -3.39 -15.79
C ASN D 369 7.61 -4.24 -15.02
N VAL D 370 7.74 -3.96 -13.73
CA VAL D 370 8.66 -4.69 -12.87
C VAL D 370 8.09 -6.05 -12.49
N THR D 371 8.53 -7.10 -13.19
CA THR D 371 8.05 -8.45 -12.91
C THR D 371 8.91 -9.19 -11.89
N PHE D 372 8.33 -9.47 -10.72
CA PHE D 372 9.00 -10.20 -9.66
C PHE D 372 8.29 -11.54 -9.46
N LEU D 373 9.05 -12.63 -9.53
CA LEU D 373 8.48 -13.97 -9.37
C LEU D 373 7.47 -14.20 -10.49
N LYS D 374 7.79 -13.72 -11.68
CA LYS D 374 6.95 -13.85 -12.87
C LYS D 374 5.61 -13.15 -12.70
N ARG D 375 5.51 -12.27 -11.72
CA ARG D 375 4.27 -11.55 -11.45
C ARG D 375 4.45 -10.04 -11.52
N GLY D 376 3.44 -9.34 -12.04
CA GLY D 376 3.52 -7.89 -12.14
C GLY D 376 2.76 -7.24 -10.99
N PHE D 377 2.71 -5.91 -11.00
CA PHE D 377 1.99 -5.19 -9.96
C PHE D 377 0.75 -4.49 -10.49
N ARG D 378 -0.17 -4.15 -9.59
CA ARG D 378 -1.42 -3.49 -9.94
C ARG D 378 -2.16 -3.07 -8.67
N GLN D 379 -2.49 -1.79 -8.56
CA GLN D 379 -3.20 -1.32 -7.38
C GLN D 379 -4.65 -1.78 -7.39
N ASP D 380 -5.24 -1.85 -6.20
CA ASP D 380 -6.63 -2.29 -6.05
C ASP D 380 -7.57 -1.11 -6.30
N ASP D 381 -8.61 -1.36 -7.09
CA ASP D 381 -9.56 -0.32 -7.40
C ASP D 381 -10.19 0.32 -6.17
N LYS D 382 -10.58 -0.50 -5.19
CA LYS D 382 -11.19 0.05 -3.98
C LYS D 382 -10.16 0.61 -3.01
N TYR D 383 -9.21 -0.22 -2.59
CA TYR D 383 -8.16 0.23 -1.68
C TYR D 383 -6.85 0.34 -2.45
N LYS D 384 -6.59 1.54 -2.95
CA LYS D 384 -5.38 1.83 -3.75
C LYS D 384 -4.08 1.36 -3.11
N PHE D 385 -4.10 1.17 -1.80
CA PHE D 385 -2.93 0.72 -1.07
C PHE D 385 -2.86 -0.80 -0.95
N LEU D 386 -3.22 -1.48 -2.04
CA LEU D 386 -3.18 -2.94 -2.09
C LEU D 386 -2.78 -3.32 -3.51
N ILE D 387 -1.80 -4.22 -3.65
CA ILE D 387 -1.34 -4.63 -4.98
C ILE D 387 -1.70 -6.09 -5.28
N HIS D 388 -2.12 -6.33 -6.52
CA HIS D 388 -2.49 -7.67 -6.94
C HIS D 388 -1.39 -8.29 -7.79
N PRO D 389 -0.94 -9.50 -7.41
CA PRO D 389 0.10 -10.21 -8.13
C PRO D 389 -0.40 -10.57 -9.52
N THR D 390 -0.32 -9.63 -10.44
CA THR D 390 -0.79 -9.88 -11.80
C THR D 390 0.02 -10.99 -12.44
N PHE D 391 -0.66 -12.08 -12.76
CA PHE D 391 0.00 -13.23 -13.39
C PHE D 391 -0.18 -13.12 -14.89
N PRO D 392 0.84 -13.53 -15.66
CA PRO D 392 0.78 -13.47 -17.12
C PRO D 392 -0.42 -14.24 -17.65
N VAL D 393 -1.35 -13.54 -18.29
CA VAL D 393 -2.54 -14.17 -18.84
C VAL D 393 -2.19 -15.24 -19.87
N GLU D 394 -1.10 -15.04 -20.59
CA GLU D 394 -0.67 -16.01 -21.60
C GLU D 394 -0.22 -17.30 -20.91
N GLU D 395 0.34 -17.16 -19.71
CA GLU D 395 0.83 -18.31 -18.95
C GLU D 395 -0.27 -19.24 -18.49
N ILE D 396 -1.37 -18.66 -18.00
CA ILE D 396 -2.49 -19.47 -17.58
C ILE D 396 -3.10 -20.14 -18.79
N TYR D 397 -3.27 -19.39 -19.88
CA TYR D 397 -3.83 -19.94 -21.11
C TYR D 397 -3.02 -21.17 -21.52
N GLU D 398 -1.70 -21.03 -21.44
CA GLU D 398 -0.79 -22.12 -21.80
C GLU D 398 -1.01 -23.29 -20.86
N SER D 399 -1.03 -22.98 -19.57
CA SER D 399 -1.21 -23.97 -18.52
C SER D 399 -2.49 -24.80 -18.62
N ILE D 400 -3.61 -24.09 -18.68
CA ILE D 400 -4.90 -24.77 -18.74
C ILE D 400 -5.06 -25.69 -19.94
N ARG D 401 -4.12 -25.65 -20.88
CA ARG D 401 -4.20 -26.49 -22.09
C ARG D 401 -3.65 -27.91 -21.95
N TRP D 402 -2.87 -28.15 -20.90
CA TRP D 402 -2.28 -29.48 -20.68
C TRP D 402 -2.59 -29.97 -19.28
N THR D 403 -2.59 -31.29 -19.13
CA THR D 403 -2.88 -31.90 -17.83
C THR D 403 -2.10 -33.20 -17.61
N LYS D 404 -1.85 -33.52 -16.35
CA LYS D 404 -1.15 -34.75 -15.99
C LYS D 404 -2.14 -35.74 -15.40
N LYS D 405 -3.26 -35.23 -14.89
CA LYS D 405 -4.32 -36.06 -14.29
C LYS D 405 -5.68 -35.51 -14.69
N PRO D 406 -6.34 -36.15 -15.66
CA PRO D 406 -7.66 -35.71 -16.13
C PRO D 406 -8.68 -35.64 -14.98
N SER D 407 -8.58 -36.58 -14.05
CA SER D 407 -9.48 -36.64 -12.91
C SER D 407 -9.04 -35.67 -11.82
N GLN D 408 -8.61 -34.48 -12.26
CA GLN D 408 -8.14 -33.44 -11.35
C GLN D 408 -8.30 -32.09 -12.03
N MSE D 409 -9.14 -32.04 -13.06
CA MSE D 409 -9.34 -30.82 -13.79
C MSE D 409 -9.95 -29.74 -12.89
O MSE D 409 -9.67 -28.56 -13.06
CB MSE D 409 -10.24 -31.10 -15.00
CG MSE D 409 -10.21 -30.01 -16.07
SE MSE D 409 -8.39 -29.56 -16.66
CE MSE D 409 -7.77 -31.34 -17.15
N GLN D 410 -10.78 -30.14 -11.94
CA GLN D 410 -11.41 -29.17 -11.05
C GLN D 410 -10.37 -28.42 -10.22
N GLU D 411 -9.42 -29.18 -9.66
CA GLU D 411 -8.35 -28.59 -8.84
C GLU D 411 -7.42 -27.70 -9.66
N HIS D 412 -7.07 -28.16 -10.85
CA HIS D 412 -6.18 -27.40 -11.72
C HIS D 412 -6.82 -26.06 -12.09
N VAL D 413 -8.10 -26.10 -12.48
CA VAL D 413 -8.81 -24.88 -12.84
C VAL D 413 -8.88 -23.92 -11.66
N LEU D 414 -9.08 -24.45 -10.46
CA LEU D 414 -9.14 -23.62 -9.28
C LEU D 414 -7.81 -22.90 -9.05
N SER D 415 -6.70 -23.62 -9.18
CA SER D 415 -5.38 -23.00 -9.00
C SER D 415 -5.20 -21.83 -9.95
N LEU D 416 -5.57 -22.05 -11.21
CA LEU D 416 -5.44 -21.02 -12.23
C LEU D 416 -6.33 -19.82 -11.94
N CYS D 417 -7.54 -20.08 -11.45
CA CYS D 417 -8.47 -18.99 -11.13
C CYS D 417 -7.93 -18.03 -10.06
N HIS D 418 -7.25 -18.59 -9.05
CA HIS D 418 -6.69 -17.79 -7.98
C HIS D 418 -5.56 -16.90 -8.52
N LEU D 419 -4.99 -17.32 -9.63
CA LEU D 419 -3.92 -16.56 -10.27
C LEU D 419 -4.48 -15.52 -11.23
N MSE D 420 -5.44 -15.96 -12.04
CA MSE D 420 -6.07 -15.13 -13.06
C MSE D 420 -6.89 -13.94 -12.54
O MSE D 420 -6.64 -12.81 -12.93
CB MSE D 420 -6.98 -16.00 -13.92
CG MSE D 420 -7.61 -15.28 -15.12
SE MSE D 420 -6.29 -14.73 -16.44
CE MSE D 420 -6.22 -16.34 -17.54
N TRP D 421 -7.86 -14.21 -11.68
CA TRP D 421 -8.72 -13.16 -11.15
C TRP D 421 -8.01 -11.90 -10.70
N HIS D 422 -6.69 -11.99 -10.57
CA HIS D 422 -5.92 -10.83 -10.14
C HIS D 422 -5.69 -9.82 -11.27
N ASN D 423 -5.85 -10.28 -12.50
CA ASN D 423 -5.68 -9.39 -13.64
C ASN D 423 -6.92 -8.55 -13.93
N GLY D 424 -7.85 -8.49 -12.96
CA GLY D 424 -9.06 -7.70 -13.14
C GLY D 424 -10.30 -8.50 -13.48
N PRO D 425 -11.50 -7.95 -13.19
CA PRO D 425 -12.80 -8.58 -13.44
C PRO D 425 -13.00 -8.94 -14.91
N GLU D 426 -12.74 -7.97 -15.77
CA GLU D 426 -12.89 -8.15 -17.21
C GLU D 426 -12.21 -9.40 -17.75
N ILE D 427 -10.88 -9.48 -17.64
CA ILE D 427 -10.13 -10.63 -18.14
C ILE D 427 -10.49 -11.94 -17.45
N TYR D 428 -10.92 -11.84 -16.19
CA TYR D 428 -11.31 -13.01 -15.43
C TYR D 428 -12.62 -13.53 -16.00
N LYS D 429 -13.56 -12.62 -16.23
CA LYS D 429 -14.85 -12.99 -16.79
C LYS D 429 -14.63 -13.72 -18.11
N ASP D 430 -13.73 -13.21 -18.94
CA ASP D 430 -13.44 -13.85 -20.22
C ASP D 430 -12.98 -15.26 -19.95
N PHE D 431 -12.16 -15.42 -18.92
CA PHE D 431 -11.65 -16.73 -18.55
C PHE D 431 -12.82 -17.65 -18.20
N GLU D 432 -13.77 -17.13 -17.41
CA GLU D 432 -14.95 -17.91 -17.01
C GLU D 432 -15.73 -18.35 -18.25
N THR D 433 -16.08 -17.37 -19.08
CA THR D 433 -16.82 -17.64 -20.29
C THR D 433 -16.07 -18.69 -21.10
N LYS D 434 -14.78 -18.48 -21.28
CA LYS D 434 -13.94 -19.40 -22.03
C LYS D 434 -14.12 -20.84 -21.55
N ILE D 435 -13.93 -21.05 -20.24
CA ILE D 435 -14.07 -22.38 -19.64
C ILE D 435 -15.50 -22.89 -19.78
N ARG D 436 -16.46 -22.01 -19.53
CA ARG D 436 -17.87 -22.34 -19.62
C ARG D 436 -18.32 -22.42 -21.08
N SER D 437 -17.60 -23.19 -21.88
CA SER D 437 -17.92 -23.35 -23.29
C SER D 437 -17.68 -24.78 -23.74
N VAL D 438 -17.91 -25.73 -22.85
CA VAL D 438 -17.73 -27.13 -23.19
C VAL D 438 -18.41 -28.03 -22.17
N SER D 439 -18.80 -29.22 -22.62
CA SER D 439 -19.46 -30.19 -21.77
C SER D 439 -18.48 -30.82 -20.78
N ALA D 440 -17.57 -30.00 -20.26
CA ALA D 440 -16.58 -30.47 -19.29
C ALA D 440 -16.25 -29.32 -18.34
N GLY D 441 -16.19 -28.12 -18.87
CA GLY D 441 -15.88 -26.97 -18.05
C GLY D 441 -17.13 -26.39 -17.43
N ARG D 442 -18.28 -26.70 -18.02
CA ARG D 442 -19.56 -26.20 -17.51
C ARG D 442 -19.89 -26.79 -16.16
N ALA D 443 -19.63 -28.09 -16.01
CA ALA D 443 -19.90 -28.79 -14.78
C ALA D 443 -18.94 -28.40 -13.67
N LEU D 444 -17.92 -27.63 -14.02
CA LEU D 444 -16.92 -27.22 -13.04
C LEU D 444 -17.29 -25.98 -12.23
N TYR D 445 -16.96 -26.01 -10.95
CA TYR D 445 -17.23 -24.88 -10.07
C TYR D 445 -16.14 -23.83 -10.33
N ILE D 446 -16.56 -22.57 -10.51
CA ILE D 446 -15.62 -21.48 -10.75
C ILE D 446 -15.88 -20.39 -9.74
N PRO D 447 -14.90 -20.13 -8.87
CA PRO D 447 -15.08 -19.11 -7.85
C PRO D 447 -15.51 -17.77 -8.42
N PRO D 448 -16.57 -17.19 -7.83
CA PRO D 448 -17.11 -15.90 -8.26
C PRO D 448 -16.09 -14.79 -7.95
N TYR D 449 -15.93 -13.86 -8.88
CA TYR D 449 -15.01 -12.77 -8.69
C TYR D 449 -15.21 -12.12 -7.32
N GLU D 450 -16.47 -11.91 -6.92
CA GLU D 450 -16.75 -11.29 -5.62
C GLU D 450 -16.36 -12.14 -4.43
N LEU D 451 -16.29 -13.46 -4.63
CA LEU D 451 -15.90 -14.36 -3.55
C LEU D 451 -14.39 -14.27 -3.38
N LEU D 452 -13.67 -14.42 -4.48
CA LEU D 452 -12.20 -14.36 -4.46
C LEU D 452 -11.73 -13.04 -3.89
N ARG D 453 -12.42 -11.97 -4.25
CA ARG D 453 -12.08 -10.63 -3.78
C ARG D 453 -12.32 -10.50 -2.28
N HIS D 454 -13.47 -10.98 -1.82
CA HIS D 454 -13.84 -10.92 -0.40
C HIS D 454 -12.87 -11.70 0.52
N GLU D 455 -12.42 -12.85 0.04
CA GLU D 455 -11.52 -13.69 0.82
C GLU D 455 -10.12 -13.07 0.85
N TRP D 456 -9.73 -12.45 -0.26
CA TRP D 456 -8.44 -11.79 -0.37
C TRP D 456 -8.31 -10.65 0.65
N TYR D 457 -9.37 -9.87 0.83
CA TYR D 457 -9.36 -8.77 1.78
C TYR D 457 -9.20 -9.25 3.20
N GLU D 458 -9.88 -10.34 3.54
CA GLU D 458 -9.79 -10.86 4.89
C GLU D 458 -8.38 -11.32 5.22
N LYS D 459 -7.55 -11.45 4.19
CA LYS D 459 -6.17 -11.87 4.40
C LYS D 459 -5.36 -10.82 5.13
N PHE D 460 -5.88 -9.61 5.21
CA PHE D 460 -5.15 -8.53 5.88
C PHE D 460 -5.69 -8.23 7.27
S SO4 E . -33.17 -38.98 -3.86
O1 SO4 E . -34.02 -37.97 -3.22
O2 SO4 E . -33.92 -39.59 -5.00
O3 SO4 E . -31.92 -38.33 -4.37
O4 SO4 E . -32.79 -40.04 -2.89
C1 DMX F . -27.35 -41.93 13.33
C2 DMX F . -27.48 -41.79 11.92
C3 DMX F . -26.35 -41.84 11.08
C4 DMX F . -25.05 -42.03 11.63
C5 DMX F . -24.93 -42.17 13.05
C6 DMX F . -26.07 -42.12 13.88
C7 DMX F . -23.77 -42.09 10.70
N8 DMX F . -22.84 -40.89 10.31
C9 DMX F . -21.92 -40.42 11.49
C10 DMX F . -21.76 -39.48 13.92
S11 DMX F . -22.92 -38.92 15.22
C12 DMX F . -21.95 -41.33 9.17
C13 DMX F . -23.66 -39.74 9.75
O14 DMX F . -22.09 -38.33 16.45
O15 DMX F . -23.85 -40.24 15.77
O16 DMX F . -23.94 -37.70 14.61
C17 DMX F . -22.42 -39.36 12.53
S SO4 G . -27.76 39.49 -3.28
O1 SO4 G . -28.50 40.62 -2.66
O2 SO4 G . -27.18 38.63 -2.22
O3 SO4 G . -28.68 38.69 -4.11
O4 SO4 G . -26.66 40.02 -4.14
S SO4 H . 56.81 5.50 -6.23
O1 SO4 H . 56.00 6.54 -5.51
O2 SO4 H . 56.03 5.00 -7.43
O3 SO4 H . 58.10 6.10 -6.70
O4 SO4 H . 57.12 4.35 -5.33
S SO4 I . 3.75 -12.20 4.10
O1 SO4 I . 2.75 -11.09 4.05
O2 SO4 I . 4.13 -12.63 2.71
O3 SO4 I . 4.97 -11.72 4.81
O4 SO4 I . 3.16 -13.37 4.84
#